data_6UD7
#
_entry.id   6UD7
#
_cell.length_a   81.032
_cell.length_b   93.778
_cell.length_c   264.639
_cell.angle_alpha   90.000
_cell.angle_beta   90.000
_cell.angle_gamma   90.000
#
_symmetry.space_group_name_H-M   'P 21 21 21'
#
loop_
_entity.id
_entity.type
_entity.pdbx_description
1 polymer 'DDB1- and CUL4-associated factor 15'
2 polymer 'DNA damage-binding protein 1,DNA damage-binding protein 1'
3 polymer 'RNA-binding motif protein 39'
4 polymer 'DET1- and DDB1-associated protein 1'
5 non-polymer GLYCEROL
6 non-polymer N~1~-(3-chloro-1H-indol-7-yl)benzene-1,4-disulfonamide
7 water water
#
loop_
_entity_poly.entity_id
_entity_poly.type
_entity_poly.pdbx_seq_one_letter_code
_entity_poly.pdbx_strand_id
1 'polypeptide(L)'
;GPAPSSKSERNSGAGSGGGGPGGAGGKRAAGRRREHVLKQLERVKISGQLSPRLFRKLPPRVCVSLKNIVDEDFLYAGHI
FLGFSKCGRYVLSYTSSSGDDDFSFYIYHLYWWEFNVHSKLKLVRQVRLFQDEEIYSDLYLTVCEWPSDASKVIVFGFNT
RSANGMLMNMMMMSDENHRDIYVSTVAVPPPGRCAACQDASRAHPGDPNAQCLRHGFMLHTKYQVVYPFPTFQPAFQLKK
DQVVLLNTSYSLVACAVSVHSAGDRSFCQILYDHSTCPLAPASPPEPQSPELPPALPSFCPEAAPARSSGSPEPSPAIAK
AKEFVADIFRRAKEAKGGVPEEARPALCPGPSGSRCRAHSEPLALCGETAPRDSPPASEAPASEPGYVNYTKLYYVLESG
EGTEPEDELEDDKISLPFVVTDLRGRNLRPMRERTAVQGQYLTVEQLTLDFEYVINEVIRHDATWGHQFCSFSDYDIVIL
EVCPETNQVLINIGLLLLAFPSPTEEGQLRPKTYHTSLKVAWDLNTGIFETVSVGDLTEVKGQTSGSVWSSYRKSCVDMV
MKWLVPESSGRYVNRMTNEALHKGCSLKVLADSERYTWIVL
;
A
2 'polypeptide(L)'
;MSYNYVVTAQKPTAVNGCVTGHFTSAEDLNLLIAKNTRLEIYVVTAEGLRPVKEVGMYGKIAVMELFRPKGESKDLLFIL
TAKYNACILEYKQSGESIDIITRAHGNVQDRIGRPSETGIIGIIDPECRMIGLRLYDGLFKVIPLDRDNKELKAFNIRLE
ELHVIDVKFLYGCQAPTICFVYQDPQGRHVKTYEVSLREKEFNKGPWKQENVEAEASMVIAVPEPFGGAIIIGQESITYH
NGDKYLAIAPPIIKQSTIVCHNRVDPNGSRYLLGDMEGRLFMLLLEKEEQMDGTVTLKDLRVELLGETSIAECLTYLDNG
VVFVGSRLGDSQLVKLNVDSNEQGSYVVAMETFTNLGPIVDMCVVDLERQGQGQLVTCSGAFKEGSLRIIRNGIGGNGNS
GEIQKLHIRTVPLYESPRKICYQEVSQCFGVLSSRIEVQDTSGGTTALRPSASTQALSSSVSSSKLFSSSTAPHETSFGE
EVEVHNLLIIDQHTFEVLHAHQFLQNEYALSLVSCKLGKDPNTYFIVGTAMVYPEEAEPKQGRIVVFQYSDGKLQTVAEK
EVKGAVYSMVEFNGKLLASINSTVRLYEWTTEKELRTECNHYNNIMALYLKTKGDFILVGDLMRSVLLLAYKPMEGNFEE
IARDFNPNWMSAVEILDDDNFLGAENAFNLFVCQKDSAATTDEERQHLQEVGLFHLGEFVNVFCHGSLVMQNLGETSTPT
QGSVLFGTVNGMIGLVTSLSESWYNLLLDMQNRLNKVIKSVGKIEHSFWRSFHTERKTEPATGFIDGDLIESFLDISRPK
MQEVVANLQYDDGSGMKREATADDLIKVVEELTRIH
;
B
3 'polypeptide(L)'
;GPMRLYVGSLHFNITEDMLRGIFEPFGRIESIQLMMDSETGRSKGYGFITFSDSECAKKALEQLNGFELAGRPMKVGHVT
E
;
C
4 'polypeptide(L)'
;ADFLKGLPVYNKSNFSRFHADSVCKASNRRPSVYLPTREYPSEQIIVTEKTNILLRYLHQQWDKKNAAKKRDQEQVELEG
ESSAPPRKVARTDSPDMHEDT
;
D
#
# COMPACT_ATOMS: atom_id res chain seq x y z
N ARG A 33 -12.21 18.42 -7.62
CA ARG A 33 -13.46 17.68 -7.76
C ARG A 33 -13.42 16.36 -6.96
N ARG A 34 -14.01 16.38 -5.73
CA ARG A 34 -14.05 15.20 -4.84
C ARG A 34 -15.21 14.26 -5.18
N GLU A 35 -14.90 12.97 -5.31
CA GLU A 35 -15.87 11.93 -5.65
C GLU A 35 -16.63 11.40 -4.43
N HIS A 36 -17.85 10.90 -4.67
CA HIS A 36 -18.73 10.30 -3.67
C HIS A 36 -18.08 9.04 -3.12
N VAL A 37 -18.22 8.80 -1.79
CA VAL A 37 -17.68 7.63 -1.07
C VAL A 37 -18.21 6.32 -1.67
N LEU A 38 -19.50 6.31 -2.04
CA LEU A 38 -20.17 5.14 -2.60
C LEU A 38 -19.69 4.77 -4.01
N LYS A 39 -19.21 5.77 -4.80
CA LYS A 39 -18.68 5.52 -6.14
C LYS A 39 -17.32 4.85 -5.97
N GLN A 40 -16.54 5.31 -4.97
CA GLN A 40 -15.22 4.80 -4.63
C GLN A 40 -15.31 3.36 -4.13
N LEU A 41 -16.34 3.06 -3.30
CA LEU A 41 -16.60 1.73 -2.76
C LEU A 41 -17.03 0.77 -3.87
N GLU A 42 -17.81 1.28 -4.87
CA GLU A 42 -18.25 0.54 -6.06
C GLU A 42 -17.02 0.14 -6.89
N ARG A 43 -16.04 1.05 -7.00
CA ARG A 43 -14.81 0.83 -7.74
C ARG A 43 -13.92 -0.26 -7.11
N VAL A 44 -13.93 -0.39 -5.77
CA VAL A 44 -13.16 -1.40 -5.01
C VAL A 44 -13.62 -2.83 -5.39
N LYS A 45 -14.94 -3.05 -5.46
CA LYS A 45 -15.55 -4.34 -5.77
C LYS A 45 -15.22 -4.89 -7.15
N ILE A 46 -15.03 -4.02 -8.14
CA ILE A 46 -14.76 -4.42 -9.51
C ILE A 46 -13.26 -4.33 -9.87
N SER A 47 -12.45 -3.62 -9.08
CA SER A 47 -11.03 -3.49 -9.35
C SER A 47 -10.12 -4.36 -8.48
N GLY A 48 -10.50 -4.58 -7.23
CA GLY A 48 -9.70 -5.31 -6.26
C GLY A 48 -8.61 -4.43 -5.69
N GLN A 49 -8.74 -3.10 -5.86
CA GLN A 49 -7.77 -2.13 -5.38
C GLN A 49 -8.36 -1.32 -4.25
N LEU A 50 -7.99 -1.69 -3.03
CA LEU A 50 -8.40 -1.07 -1.78
C LEU A 50 -7.14 -0.73 -0.99
N SER A 51 -6.99 0.53 -0.58
CA SER A 51 -5.83 0.99 0.21
C SER A 51 -6.08 2.33 0.91
N PRO A 52 -5.39 2.61 2.05
CA PRO A 52 -5.52 3.96 2.67
C PRO A 52 -4.98 5.05 1.73
N ARG A 53 -3.87 4.78 0.98
CA ARG A 53 -3.26 5.68 0.00
C ARG A 53 -4.27 6.13 -1.08
N LEU A 54 -5.15 5.21 -1.52
CA LEU A 54 -6.20 5.45 -2.51
C LEU A 54 -7.27 6.39 -1.94
N PHE A 55 -7.64 6.21 -0.65
CA PHE A 55 -8.66 6.98 0.06
C PHE A 55 -8.11 8.23 0.82
N ARG A 56 -6.82 8.60 0.59
CA ARG A 56 -6.16 9.72 1.30
C ARG A 56 -6.92 11.06 1.25
N LYS A 57 -7.62 11.35 0.14
CA LYS A 57 -8.37 12.61 -0.04
C LYS A 57 -9.80 12.54 0.54
N LEU A 58 -10.12 11.46 1.27
CA LEU A 58 -11.43 11.26 1.91
C LEU A 58 -11.47 11.85 3.33
N PRO A 59 -12.54 12.61 3.69
CA PRO A 59 -12.64 13.18 5.05
C PRO A 59 -12.72 12.12 6.17
N PRO A 60 -12.45 12.48 7.46
CA PRO A 60 -12.50 11.47 8.54
C PRO A 60 -13.83 10.76 8.63
N ARG A 61 -13.80 9.43 8.82
CA ARG A 61 -15.01 8.62 8.92
C ARG A 61 -15.72 8.84 10.22
N VAL A 62 -14.96 9.07 11.31
CA VAL A 62 -15.52 9.33 12.63
C VAL A 62 -14.66 10.34 13.39
N CYS A 63 -15.35 11.30 14.04
CA CYS A 63 -14.78 12.38 14.84
C CYS A 63 -15.39 12.31 16.22
N VAL A 64 -14.56 12.09 17.24
CA VAL A 64 -15.05 12.05 18.62
C VAL A 64 -14.49 13.23 19.39
N SER A 65 -15.33 13.89 20.19
CA SER A 65 -14.86 14.99 21.02
C SER A 65 -14.17 14.35 22.21
N LEU A 66 -13.03 14.92 22.64
CA LEU A 66 -12.27 14.39 23.78
C LEU A 66 -13.16 14.35 25.02
N LYS A 67 -13.95 15.43 25.23
CA LYS A 67 -14.89 15.61 26.34
C LYS A 67 -15.86 14.42 26.51
N ASN A 68 -16.36 13.86 25.38
CA ASN A 68 -17.32 12.75 25.35
C ASN A 68 -16.70 11.36 25.60
N ILE A 69 -15.36 11.24 25.51
CA ILE A 69 -14.66 9.96 25.71
C ILE A 69 -13.76 10.00 26.94
N VAL A 70 -13.63 11.16 27.58
CA VAL A 70 -12.83 11.29 28.78
C VAL A 70 -13.74 11.16 30.02
N ASP A 71 -13.23 10.54 31.09
CA ASP A 71 -13.96 10.34 32.34
C ASP A 71 -13.59 11.42 33.39
N GLU A 72 -14.19 11.36 34.62
CA GLU A 72 -13.94 12.26 35.77
C GLU A 72 -13.80 13.77 35.39
N ASP A 73 -14.67 14.25 34.46
CA ASP A 73 -14.72 15.60 33.85
C ASP A 73 -14.78 16.80 34.82
N PHE A 74 -14.76 18.01 34.22
CA PHE A 74 -14.79 19.39 34.77
C PHE A 74 -13.37 20.01 34.82
N LEU A 75 -12.40 19.29 35.42
CA LEU A 75 -10.98 19.67 35.52
C LEU A 75 -10.11 18.43 35.85
N TYR A 76 -10.26 17.36 35.04
CA TYR A 76 -9.55 16.08 35.20
C TYR A 76 -8.03 16.21 35.03
N ALA A 77 -7.35 16.56 36.15
CA ALA A 77 -5.90 16.71 36.29
C ALA A 77 -5.23 17.57 35.18
N GLY A 78 -3.93 17.40 35.00
CA GLY A 78 -3.15 18.12 34.00
C GLY A 78 -2.81 17.26 32.79
N HIS A 79 -3.79 16.49 32.30
CA HIS A 79 -3.60 15.58 31.16
C HIS A 79 -3.47 16.31 29.84
N ILE A 80 -2.23 16.27 29.28
CA ILE A 80 -1.88 16.86 27.99
C ILE A 80 -1.82 15.68 27.01
N PHE A 81 -2.91 15.49 26.23
CA PHE A 81 -3.02 14.38 25.27
C PHE A 81 -2.09 14.59 24.09
N LEU A 82 -1.23 13.59 23.84
CA LEU A 82 -0.18 13.61 22.82
C LEU A 82 -0.62 13.06 21.47
N GLY A 83 -1.34 11.94 21.47
CA GLY A 83 -1.84 11.34 20.24
C GLY A 83 -1.96 9.84 20.28
N PHE A 84 -2.28 9.25 19.12
CA PHE A 84 -2.46 7.82 18.95
C PHE A 84 -1.15 7.08 18.74
N SER A 85 -1.11 5.80 19.14
CA SER A 85 0.01 4.92 18.85
C SER A 85 -0.12 4.53 17.35
N LYS A 86 0.95 3.98 16.73
CA LYS A 86 0.93 3.59 15.32
C LYS A 86 -0.16 2.53 15.04
N CYS A 87 -0.36 1.59 15.99
CA CYS A 87 -1.34 0.51 15.95
C CYS A 87 -2.79 1.00 16.05
N GLY A 88 -2.97 2.23 16.55
CA GLY A 88 -4.26 2.89 16.71
C GLY A 88 -5.09 2.43 17.89
N ARG A 89 -4.50 1.58 18.76
CA ARG A 89 -5.17 1.04 19.95
C ARG A 89 -5.05 1.94 21.16
N TYR A 90 -3.88 2.58 21.35
CA TYR A 90 -3.63 3.46 22.49
C TYR A 90 -3.58 4.93 22.12
N VAL A 91 -4.06 5.77 23.04
CA VAL A 91 -4.01 7.24 23.00
C VAL A 91 -3.12 7.58 24.18
N LEU A 92 -2.05 8.31 23.94
CA LEU A 92 -1.09 8.66 24.99
C LEU A 92 -1.27 10.09 25.50
N SER A 93 -0.98 10.30 26.78
CA SER A 93 -1.06 11.60 27.43
C SER A 93 0.06 11.75 28.46
N TYR A 94 0.27 12.97 28.96
CA TYR A 94 1.28 13.24 30.00
C TYR A 94 0.83 14.32 30.97
N THR A 95 1.44 14.35 32.16
CA THR A 95 1.18 15.36 33.19
C THR A 95 2.47 16.02 33.61
N SER A 96 2.39 17.33 33.89
CA SER A 96 3.51 18.13 34.37
C SER A 96 3.06 18.79 35.68
N SER A 97 3.37 18.15 36.81
CA SER A 97 3.02 18.67 38.13
C SER A 97 4.18 19.50 38.69
N SER A 98 3.99 20.83 38.69
CA SER A 98 4.96 21.83 39.17
C SER A 98 5.22 21.72 40.68
N GLY A 99 4.16 21.62 41.47
CA GLY A 99 4.23 21.49 42.93
C GLY A 99 4.72 22.76 43.61
N ASP A 100 3.77 23.67 43.94
CA ASP A 100 4.07 24.96 44.57
C ASP A 100 4.47 24.80 46.05
N ASP A 101 5.75 24.45 46.26
CA ASP A 101 6.37 24.31 47.57
C ASP A 101 7.47 25.40 47.68
N ASP A 102 7.33 26.47 46.84
CA ASP A 102 8.20 27.64 46.65
C ASP A 102 9.37 27.29 45.70
N PHE A 103 10.19 26.27 46.06
CA PHE A 103 11.35 25.78 45.29
C PHE A 103 10.93 25.21 43.92
N SER A 104 9.80 24.47 43.91
CA SER A 104 9.11 23.87 42.75
C SER A 104 9.99 22.94 41.89
N PHE A 105 9.75 21.63 41.99
CA PHE A 105 10.43 20.61 41.19
C PHE A 105 9.39 19.83 40.39
N TYR A 106 9.58 19.77 39.06
CA TYR A 106 8.65 19.12 38.15
C TYR A 106 8.70 17.60 38.17
N ILE A 107 7.51 16.98 38.12
CA ILE A 107 7.27 15.53 38.10
C ILE A 107 6.51 15.22 36.78
N TYR A 108 7.03 14.28 35.98
CA TYR A 108 6.39 13.93 34.70
C TYR A 108 5.91 12.49 34.65
N HIS A 109 4.64 12.29 34.26
CA HIS A 109 4.03 10.97 34.15
C HIS A 109 3.48 10.72 32.74
N LEU A 110 3.65 9.50 32.22
CA LEU A 110 3.19 9.08 30.90
C LEU A 110 2.08 8.04 31.04
N TYR A 111 0.95 8.29 30.36
CA TYR A 111 -0.24 7.43 30.41
C TYR A 111 -0.61 6.82 29.06
N TRP A 112 -1.03 5.56 29.09
CA TRP A 112 -1.53 4.79 27.95
C TRP A 112 -3.03 4.56 28.18
N TRP A 113 -3.89 4.94 27.21
CA TRP A 113 -5.34 4.78 27.34
C TRP A 113 -5.90 3.95 26.18
N GLU A 114 -6.77 2.97 26.46
CA GLU A 114 -7.37 2.18 25.38
C GLU A 114 -8.54 2.92 24.74
N PHE A 115 -8.45 3.12 23.40
CA PHE A 115 -9.46 3.79 22.58
C PHE A 115 -10.47 2.80 22.01
N ASN A 116 -11.77 3.16 22.06
CA ASN A 116 -12.87 2.33 21.56
C ASN A 116 -14.00 3.18 20.94
N VAL A 117 -13.66 3.96 19.90
CA VAL A 117 -14.54 4.82 19.09
C VAL A 117 -15.36 5.80 19.99
N HIS A 118 -16.65 5.51 20.24
CA HIS A 118 -17.55 6.36 21.01
C HIS A 118 -17.55 6.07 22.52
N SER A 119 -17.03 4.89 22.92
CA SER A 119 -16.93 4.50 24.34
C SER A 119 -15.84 5.31 25.05
N LYS A 120 -15.94 5.41 26.39
CA LYS A 120 -14.99 6.14 27.23
C LYS A 120 -13.61 5.48 27.24
N LEU A 121 -12.54 6.30 27.37
CA LEU A 121 -11.15 5.84 27.43
C LEU A 121 -10.89 5.14 28.75
N LYS A 122 -10.16 4.02 28.72
CA LYS A 122 -9.81 3.24 29.90
C LYS A 122 -8.29 3.26 30.09
N LEU A 123 -7.81 3.73 31.26
CA LEU A 123 -6.38 3.80 31.57
C LEU A 123 -5.80 2.38 31.69
N VAL A 124 -4.72 2.08 30.94
CA VAL A 124 -4.10 0.75 30.95
C VAL A 124 -2.69 0.76 31.58
N ARG A 125 -2.04 1.95 31.64
CA ARG A 125 -0.70 2.12 32.21
C ARG A 125 -0.43 3.56 32.64
N GLN A 126 0.04 3.71 33.89
CA GLN A 126 0.45 4.97 34.53
C GLN A 126 1.91 4.74 34.93
N VAL A 127 2.82 5.49 34.30
CA VAL A 127 4.27 5.39 34.52
C VAL A 127 4.85 6.79 34.81
N ARG A 128 5.86 6.84 35.71
CA ARG A 128 6.57 8.06 36.09
C ARG A 128 7.88 8.16 35.31
N LEU A 129 8.06 9.24 34.53
CA LEU A 129 9.26 9.49 33.71
C LEU A 129 10.31 10.22 34.50
N PHE A 130 11.60 9.86 34.25
CA PHE A 130 12.80 10.44 34.86
C PHE A 130 12.71 10.49 36.39
N GLN A 131 12.79 9.30 37.01
CA GLN A 131 12.71 9.16 38.47
C GLN A 131 13.98 9.68 39.12
N ASP A 132 13.84 10.31 40.31
CA ASP A 132 14.91 10.91 41.12
C ASP A 132 15.61 12.11 40.43
N GLU A 133 14.95 12.70 39.41
CA GLU A 133 15.50 13.81 38.63
C GLU A 133 14.98 15.17 39.09
N GLU A 134 15.92 16.10 39.38
CA GLU A 134 15.64 17.46 39.83
C GLU A 134 15.31 18.41 38.66
N ILE A 135 14.07 18.33 38.17
CA ILE A 135 13.60 19.13 37.05
C ILE A 135 13.23 20.56 37.52
N TYR A 136 14.16 21.52 37.34
CA TYR A 136 14.00 22.92 37.76
C TYR A 136 13.14 23.77 36.81
N SER A 137 13.15 23.44 35.49
CA SER A 137 12.40 24.14 34.46
C SER A 137 11.48 23.19 33.70
N ASP A 138 10.37 23.71 33.17
CA ASP A 138 9.39 22.92 32.41
C ASP A 138 10.01 22.40 31.10
N LEU A 139 10.10 21.07 30.97
CA LEU A 139 10.70 20.43 29.80
C LEU A 139 9.74 20.33 28.63
N TYR A 140 10.28 20.45 27.41
CA TYR A 140 9.56 20.25 26.16
C TYR A 140 9.72 18.74 25.99
N LEU A 141 8.65 17.98 26.17
CA LEU A 141 8.82 16.54 26.01
C LEU A 141 8.08 16.02 24.78
N THR A 142 8.74 15.08 24.10
CA THR A 142 8.30 14.43 22.88
C THR A 142 8.33 12.93 23.09
N VAL A 143 7.25 12.24 22.74
CA VAL A 143 7.15 10.79 22.83
C VAL A 143 7.23 10.24 21.39
N CYS A 144 8.16 9.31 21.16
CA CYS A 144 8.42 8.71 19.85
C CYS A 144 8.26 7.21 19.85
N GLU A 145 7.85 6.68 18.71
CA GLU A 145 7.69 5.24 18.46
C GLU A 145 8.67 4.85 17.36
N TRP A 146 9.24 3.66 17.48
CA TRP A 146 10.19 3.14 16.50
C TRP A 146 9.48 2.70 15.19
N PRO A 147 10.20 2.66 14.04
CA PRO A 147 9.56 2.30 12.77
C PRO A 147 8.71 1.02 12.77
N SER A 148 9.26 -0.10 13.30
CA SER A 148 8.56 -1.39 13.35
C SER A 148 8.54 -2.02 14.76
N ASP A 149 9.47 -1.62 15.64
CA ASP A 149 9.52 -2.11 17.01
C ASP A 149 8.46 -1.41 17.87
N ALA A 150 7.36 -2.12 18.18
CA ALA A 150 6.25 -1.55 18.96
C ALA A 150 6.30 -1.88 20.46
N SER A 151 7.28 -2.70 20.90
CA SER A 151 7.44 -3.13 22.29
C SER A 151 7.84 -2.02 23.26
N LYS A 152 8.41 -0.92 22.75
CA LYS A 152 8.86 0.20 23.59
C LYS A 152 8.76 1.55 22.88
N VAL A 153 8.58 2.62 23.68
CA VAL A 153 8.55 4.02 23.22
C VAL A 153 9.75 4.77 23.82
N ILE A 154 10.10 5.93 23.26
CA ILE A 154 11.17 6.77 23.76
C ILE A 154 10.64 8.19 24.04
N VAL A 155 11.00 8.75 25.20
CA VAL A 155 10.57 10.09 25.59
C VAL A 155 11.78 11.00 25.70
N PHE A 156 11.83 12.05 24.87
CA PHE A 156 12.88 13.06 24.92
C PHE A 156 12.34 14.26 25.63
N GLY A 157 13.13 14.82 26.52
CA GLY A 157 12.78 16.02 27.28
C GLY A 157 13.95 16.98 27.32
N PHE A 158 13.71 18.26 27.10
CA PHE A 158 14.77 19.26 27.15
C PHE A 158 14.27 20.59 27.66
N ASN A 159 15.13 21.29 28.41
CA ASN A 159 14.82 22.63 28.90
C ASN A 159 15.46 23.66 27.94
N THR A 160 14.99 24.92 27.99
CA THR A 160 15.51 26.02 27.15
C THR A 160 17.01 26.24 27.45
N ARG A 161 17.37 26.18 28.75
CA ARG A 161 18.72 26.32 29.29
C ARG A 161 18.82 25.56 30.62
N SER A 162 20.04 25.18 31.02
CA SER A 162 20.33 24.48 32.28
C SER A 162 20.16 25.39 33.47
N ALA A 163 19.81 24.82 34.65
CA ALA A 163 19.70 25.58 35.88
C ALA A 163 21.13 25.76 36.43
N ASN A 164 21.47 27.01 36.85
CA ASN A 164 22.77 27.44 37.38
C ASN A 164 23.16 26.83 38.75
N GLY A 165 24.01 27.54 39.48
CA GLY A 165 24.48 27.21 40.82
C GLY A 165 24.28 28.41 41.73
N MET A 166 23.31 29.27 41.33
CA MET A 166 22.94 30.51 41.98
C MET A 166 21.42 30.67 42.15
N LEU A 167 20.99 31.79 42.76
CA LEU A 167 19.60 32.14 43.02
C LEU A 167 19.44 33.66 43.03
N MET A 168 18.43 34.17 42.32
CA MET A 168 18.16 35.60 42.23
C MET A 168 16.67 35.90 42.53
N ASN A 169 16.36 36.06 43.84
CA ASN A 169 15.05 36.37 44.46
C ASN A 169 13.86 35.58 43.87
N MET A 170 13.25 36.11 42.78
CA MET A 170 12.11 35.56 42.04
C MET A 170 12.31 34.09 41.67
N MET A 171 13.46 33.75 41.03
CA MET A 171 13.70 32.37 40.60
C MET A 171 15.16 31.91 40.66
N MET A 172 15.37 30.63 40.26
CA MET A 172 16.64 29.91 40.20
CA MET A 172 16.68 29.96 40.24
C MET A 172 17.64 30.61 39.25
N MET A 173 17.14 31.09 38.09
CA MET A 173 17.91 31.72 37.00
C MET A 173 18.71 30.66 36.22
N SER A 174 18.82 30.83 34.89
CA SER A 174 19.45 29.85 34.02
C SER A 174 20.91 30.13 33.63
N ASP A 175 21.56 29.06 33.12
CA ASP A 175 22.92 29.02 32.60
C ASP A 175 22.76 29.08 31.09
N GLU A 176 23.16 30.21 30.49
CA GLU A 176 23.04 30.47 29.05
C GLU A 176 23.96 29.61 28.17
N ASN A 177 24.97 28.95 28.78
CA ASN A 177 25.94 28.12 28.06
C ASN A 177 25.61 26.63 28.01
N HIS A 178 24.64 26.16 28.83
CA HIS A 178 24.26 24.75 28.89
C HIS A 178 22.76 24.51 28.78
N ARG A 179 22.40 23.29 28.36
CA ARG A 179 21.04 22.77 28.20
C ARG A 179 21.05 21.31 28.64
N ASP A 180 19.97 20.87 29.28
CA ASP A 180 19.82 19.48 29.74
C ASP A 180 18.93 18.71 28.80
N ILE A 181 19.30 17.45 28.53
CA ILE A 181 18.55 16.51 27.70
C ILE A 181 18.25 15.29 28.57
N TYR A 182 16.99 14.92 28.69
CA TYR A 182 16.51 13.78 29.46
C TYR A 182 15.93 12.78 28.45
N VAL A 183 16.46 11.54 28.45
CA VAL A 183 16.02 10.47 27.54
C VAL A 183 15.54 9.26 28.34
N SER A 184 14.27 8.88 28.15
CA SER A 184 13.66 7.75 28.85
C SER A 184 12.99 6.77 27.89
N THR A 185 13.31 5.47 28.02
CA THR A 185 12.73 4.38 27.23
C THR A 185 11.80 3.59 28.14
N VAL A 186 10.51 3.54 27.80
CA VAL A 186 9.50 2.84 28.58
C VAL A 186 8.87 1.72 27.74
N ALA A 187 8.61 0.55 28.38
CA ALA A 187 7.99 -0.62 27.75
C ALA A 187 6.50 -0.35 27.52
N VAL A 188 5.97 -0.78 26.37
CA VAL A 188 4.58 -0.61 25.98
C VAL A 188 3.70 -1.74 26.59
N PRO A 189 2.45 -1.45 27.07
CA PRO A 189 1.61 -2.52 27.63
C PRO A 189 1.45 -3.73 26.69
N PRO A 190 1.51 -4.97 27.22
CA PRO A 190 1.38 -6.14 26.34
C PRO A 190 0.05 -6.21 25.60
N PRO A 191 0.02 -6.72 24.34
CA PRO A 191 -1.26 -6.85 23.62
C PRO A 191 -2.25 -7.80 24.31
N GLY A 192 -1.77 -8.51 25.33
CA GLY A 192 -2.52 -9.45 26.15
C GLY A 192 -1.86 -10.81 26.20
N ARG A 193 -2.07 -11.52 27.33
CA ARG A 193 -1.62 -12.88 27.65
C ARG A 193 -0.10 -13.07 27.87
N CYS A 194 0.25 -14.26 28.41
CA CYS A 194 1.56 -14.84 28.76
C CYS A 194 2.27 -14.14 29.94
N ALA A 195 3.26 -14.85 30.51
CA ALA A 195 4.08 -14.50 31.69
C ALA A 195 3.16 -14.21 32.88
N ALA A 196 2.30 -15.21 33.18
CA ALA A 196 1.35 -15.21 34.29
C ALA A 196 2.11 -15.44 35.61
N CYS A 197 3.46 -15.50 35.51
CA CYS A 197 4.41 -15.68 36.61
C CYS A 197 4.50 -14.34 37.38
N GLN A 198 3.40 -14.00 38.07
CA GLN A 198 3.24 -12.78 38.84
C GLN A 198 3.98 -12.92 40.18
N ASP A 199 3.67 -14.00 40.95
CA ASP A 199 4.25 -14.33 42.27
C ASP A 199 4.08 -13.16 43.26
N ALA A 200 2.81 -12.75 43.47
CA ALA A 200 2.40 -11.65 44.35
C ALA A 200 2.79 -11.87 45.80
N GLN A 211 -1.57 -6.78 37.87
CA GLN A 211 -0.42 -6.24 38.60
C GLN A 211 0.90 -6.25 37.74
N CYS A 212 2.09 -6.36 38.40
CA CYS A 212 3.43 -6.33 37.81
C CYS A 212 3.70 -7.47 36.83
N LEU A 213 4.59 -7.20 35.85
CA LEU A 213 4.93 -8.14 34.78
C LEU A 213 6.44 -8.19 34.48
N ARG A 214 6.79 -8.85 33.34
CA ARG A 214 8.14 -9.10 32.83
C ARG A 214 8.76 -7.92 32.04
N HIS A 215 8.01 -7.36 31.06
CA HIS A 215 8.41 -6.22 30.23
C HIS A 215 7.67 -5.01 30.71
N GLY A 216 8.06 -4.63 31.90
CA GLY A 216 7.59 -3.46 32.62
C GLY A 216 8.89 -2.85 33.08
N PHE A 217 9.75 -2.53 32.10
CA PHE A 217 11.06 -1.97 32.32
C PHE A 217 11.08 -0.48 31.97
N MET A 218 12.09 0.21 32.49
CA MET A 218 12.31 1.63 32.27
C MET A 218 13.77 1.94 32.31
N LEU A 219 14.24 2.56 31.25
CA LEU A 219 15.61 3.01 31.13
C LEU A 219 15.54 4.51 31.06
N HIS A 220 16.37 5.21 31.82
CA HIS A 220 16.36 6.67 31.77
C HIS A 220 17.78 7.22 31.94
N THR A 221 18.09 8.28 31.19
CA THR A 221 19.39 8.93 31.21
C THR A 221 19.28 10.47 31.14
N LYS A 222 20.42 11.17 31.30
CA LYS A 222 20.53 12.62 31.31
C LYS A 222 21.94 13.06 30.96
N TYR A 223 22.05 14.00 30.00
CA TYR A 223 23.31 14.61 29.59
C TYR A 223 23.15 16.10 29.33
N GLN A 224 24.26 16.85 29.42
CA GLN A 224 24.31 18.29 29.17
C GLN A 224 24.93 18.57 27.82
N VAL A 225 24.44 19.61 27.13
CA VAL A 225 24.98 20.02 25.82
C VAL A 225 25.42 21.50 25.84
N VAL A 226 26.42 21.83 25.02
CA VAL A 226 26.97 23.17 24.87
C VAL A 226 26.51 23.80 23.54
N TYR A 227 26.88 25.06 23.31
CA TYR A 227 26.55 25.79 22.08
C TYR A 227 27.53 25.33 20.96
N PRO A 228 27.13 25.21 19.65
CA PRO A 228 25.77 25.35 19.12
C PRO A 228 24.96 24.11 19.48
N PHE A 229 23.94 24.28 20.35
CA PHE A 229 23.10 23.21 20.88
C PHE A 229 22.66 22.24 19.78
N PRO A 230 23.05 20.94 19.89
CA PRO A 230 22.71 19.97 18.83
C PRO A 230 21.25 20.00 18.39
N THR A 231 21.02 19.76 17.12
CA THR A 231 19.68 19.74 16.54
C THR A 231 18.95 18.48 16.96
N PHE A 232 17.62 18.59 17.05
CA PHE A 232 16.75 17.46 17.39
CA PHE A 232 16.77 17.46 17.39
C PHE A 232 16.26 16.85 16.09
N GLN A 233 16.67 15.61 15.79
CA GLN A 233 16.32 14.90 14.56
C GLN A 233 15.70 13.53 14.84
N PRO A 234 14.46 13.49 15.40
CA PRO A 234 13.86 12.19 15.77
C PRO A 234 13.65 11.18 14.64
N ALA A 235 13.39 11.64 13.39
CA ALA A 235 13.20 10.72 12.26
C ALA A 235 14.47 9.93 11.95
N PHE A 236 15.65 10.57 12.07
CA PHE A 236 16.96 9.93 11.84
C PHE A 236 17.48 9.22 13.07
N GLN A 237 17.38 9.86 14.27
CA GLN A 237 17.83 9.32 15.56
C GLN A 237 17.21 7.97 15.89
N LEU A 238 16.00 7.71 15.34
CA LEU A 238 15.25 6.48 15.56
C LEU A 238 14.94 5.70 14.30
N LYS A 239 15.67 5.93 13.19
CA LYS A 239 15.46 5.21 11.93
C LYS A 239 15.74 3.72 12.06
N LYS A 240 16.67 3.33 12.95
CA LYS A 240 16.98 1.93 13.23
C LYS A 240 16.22 1.51 14.49
N ASP A 241 15.49 0.38 14.41
CA ASP A 241 14.70 -0.15 15.52
C ASP A 241 15.55 -0.51 16.73
N GLN A 242 15.02 -0.24 17.95
CA GLN A 242 15.64 -0.52 19.26
C GLN A 242 16.90 0.33 19.53
N VAL A 243 17.28 1.21 18.57
CA VAL A 243 18.48 2.06 18.66
C VAL A 243 18.13 3.56 18.62
N VAL A 244 18.76 4.34 19.51
CA VAL A 244 18.63 5.80 19.57
C VAL A 244 20.02 6.44 19.41
N LEU A 245 20.16 7.38 18.47
CA LEU A 245 21.44 8.07 18.27
C LEU A 245 21.39 9.40 19.02
N LEU A 246 22.33 9.62 19.96
CA LEU A 246 22.34 10.84 20.76
C LEU A 246 23.57 11.72 20.54
N ASN A 247 23.33 12.99 20.20
CA ASN A 247 24.36 14.02 19.98
C ASN A 247 24.55 14.79 21.30
N THR A 248 25.68 14.54 21.96
CA THR A 248 26.04 15.12 23.26
C THR A 248 27.06 16.25 23.10
N SER A 249 27.07 16.91 21.93
CA SER A 249 27.99 17.99 21.54
C SER A 249 29.41 17.52 21.27
N TYR A 250 29.90 16.53 22.07
CA TYR A 250 31.27 16.01 21.99
C TYR A 250 31.34 14.64 21.33
N SER A 251 30.20 13.93 21.24
CA SER A 251 30.14 12.57 20.67
C SER A 251 28.75 12.19 20.16
N LEU A 252 28.70 11.10 19.39
CA LEU A 252 27.45 10.54 18.87
C LEU A 252 27.35 9.17 19.51
N VAL A 253 26.31 8.96 20.34
CA VAL A 253 26.15 7.71 21.08
C VAL A 253 24.99 6.90 20.51
N ALA A 254 25.27 5.68 20.05
CA ALA A 254 24.25 4.78 19.54
C ALA A 254 23.85 3.85 20.69
N CYS A 255 22.59 3.97 21.19
CA CYS A 255 22.09 3.20 22.34
C CYS A 255 21.05 2.15 21.97
N ALA A 256 21.40 0.87 22.13
CA ALA A 256 20.50 -0.24 21.85
C ALA A 256 20.00 -0.93 23.13
N VAL A 257 18.67 -0.90 23.32
CA VAL A 257 17.99 -1.55 24.45
C VAL A 257 17.12 -2.69 23.91
N SER A 258 17.46 -3.93 24.28
CA SER A 258 16.74 -5.13 23.83
C SER A 258 16.55 -6.16 24.94
N VAL A 259 15.42 -6.87 24.90
CA VAL A 259 15.05 -7.94 25.86
C VAL A 259 15.13 -9.30 25.19
N HIS A 260 15.64 -10.31 25.92
CA HIS A 260 15.80 -11.68 25.42
C HIS A 260 15.43 -12.72 26.48
N SER A 261 14.85 -13.85 26.02
CA SER A 261 14.52 -15.01 26.86
C SER A 261 15.73 -15.96 26.81
N ALA A 262 15.73 -17.02 27.61
CA ALA A 262 16.89 -17.88 27.66
C ALA A 262 16.91 -18.83 26.49
N GLY A 263 16.98 -18.20 25.33
CA GLY A 263 17.10 -18.83 24.05
C GLY A 263 18.37 -18.16 23.59
N ASP A 264 19.33 -18.95 23.11
CA ASP A 264 20.63 -18.40 22.72
C ASP A 264 20.74 -18.01 21.25
N ARG A 265 19.59 -18.04 20.60
CA ARG A 265 19.41 -17.74 19.22
C ARG A 265 19.83 -16.33 18.80
N SER A 266 19.55 -15.31 19.61
CA SER A 266 19.87 -13.93 19.20
C SER A 266 20.76 -13.15 20.19
N PHE A 267 21.60 -12.19 19.66
CA PHE A 267 22.51 -11.31 20.43
C PHE A 267 23.31 -10.30 19.58
N CYS A 268 23.70 -9.15 20.22
CA CYS A 268 24.53 -8.04 19.71
C CYS A 268 24.06 -7.49 18.34
N GLN A 269 23.45 -6.28 18.35
CA GLN A 269 23.06 -5.59 17.11
C GLN A 269 24.06 -4.47 16.82
N ILE A 270 24.53 -3.83 17.89
CA ILE A 270 25.55 -2.79 17.90
C ILE A 270 26.89 -3.52 18.08
N LEU A 271 27.87 -3.26 17.19
CA LEU A 271 29.18 -3.89 17.12
C LEU A 271 29.01 -5.41 16.89
N TYR A 272 28.78 -5.78 15.60
CA TYR A 272 28.52 -7.14 15.09
C TYR A 272 27.26 -7.74 15.70
N TYR A 387 40.61 1.63 17.87
CA TYR A 387 39.23 1.22 18.13
C TYR A 387 38.57 2.21 19.12
N VAL A 388 37.26 2.49 18.90
CA VAL A 388 36.47 3.43 19.72
C VAL A 388 35.51 2.68 20.67
N ASN A 389 35.27 3.26 21.86
CA ASN A 389 34.47 2.79 23.00
C ASN A 389 33.14 2.09 22.68
N TYR A 390 32.90 0.95 23.35
CA TYR A 390 31.70 0.11 23.32
C TYR A 390 31.49 -0.55 24.68
N THR A 391 30.30 -0.40 25.26
CA THR A 391 29.95 -0.97 26.56
C THR A 391 28.63 -1.73 26.49
N LYS A 392 28.67 -3.03 26.80
CA LYS A 392 27.51 -3.92 26.82
C LYS A 392 27.25 -4.29 28.29
N LEU A 393 25.99 -4.23 28.72
CA LEU A 393 25.57 -4.52 30.09
C LEU A 393 24.32 -5.38 30.12
N TYR A 394 24.19 -6.23 31.15
CA TYR A 394 23.02 -7.11 31.31
C TYR A 394 22.27 -6.83 32.60
N TYR A 395 20.94 -6.96 32.55
CA TYR A 395 20.04 -6.69 33.68
C TYR A 395 18.91 -7.72 33.70
N VAL A 396 18.50 -8.17 34.90
CA VAL A 396 17.43 -9.14 35.13
C VAL A 396 16.54 -8.56 36.27
N LEU A 397 15.27 -9.00 36.36
CA LEU A 397 14.36 -8.55 37.41
C LEU A 397 14.67 -9.25 38.76
N GLU A 398 14.31 -8.59 39.88
CA GLU A 398 14.50 -9.01 41.28
C GLU A 398 15.98 -9.09 41.65
N PHE A 418 30.38 7.22 26.71
CA PHE A 418 29.74 6.72 27.92
C PHE A 418 28.64 7.69 28.39
N VAL A 419 27.41 7.16 28.55
CA VAL A 419 26.25 7.93 29.02
C VAL A 419 25.62 7.12 30.15
N VAL A 420 25.64 7.66 31.39
CA VAL A 420 25.12 7.00 32.59
C VAL A 420 23.60 6.76 32.54
N THR A 421 23.22 5.48 32.37
CA THR A 421 21.83 5.06 32.26
C THR A 421 21.42 4.28 33.50
N ASP A 422 20.43 4.77 34.26
CA ASP A 422 19.95 4.04 35.44
C ASP A 422 18.63 3.35 35.13
N LEU A 423 18.65 2.01 35.14
CA LEU A 423 17.50 1.17 34.83
C LEU A 423 16.60 0.98 36.05
N ARG A 424 15.35 0.57 35.79
CA ARG A 424 14.32 0.33 36.81
C ARG A 424 13.19 -0.49 36.21
N GLY A 425 12.29 -0.95 37.08
CA GLY A 425 11.08 -1.66 36.66
C GLY A 425 10.05 -0.62 36.30
N ARG A 426 8.77 -0.86 36.66
CA ARG A 426 7.75 0.16 36.41
C ARG A 426 7.74 1.20 37.55
N ASN A 427 8.62 0.97 38.57
CA ASN A 427 8.78 1.86 39.74
C ASN A 427 10.24 1.96 40.23
N LEU A 428 10.97 0.82 40.45
CA LEU A 428 12.35 0.86 40.95
C LEU A 428 13.30 -0.24 40.43
N ARG A 429 14.62 0.06 40.53
CA ARG A 429 15.85 -0.65 40.13
C ARG A 429 15.81 -2.19 39.95
N PRO A 430 16.42 -2.72 38.86
CA PRO A 430 16.50 -4.18 38.70
C PRO A 430 17.90 -4.69 39.09
N MET A 431 18.08 -6.01 39.23
CA MET A 431 19.39 -6.55 39.59
C MET A 431 20.32 -6.66 38.36
N ARG A 432 21.51 -6.07 38.46
CA ARG A 432 22.55 -6.05 37.43
C ARG A 432 23.19 -7.44 37.38
N GLU A 433 23.03 -8.17 36.26
CA GLU A 433 23.57 -9.53 36.11
C GLU A 433 24.69 -9.65 35.05
N ARG A 434 25.42 -10.79 35.05
CA ARG A 434 26.52 -11.06 34.09
C ARG A 434 26.37 -12.39 33.35
N THR A 435 26.10 -12.29 32.02
CA THR A 435 25.96 -13.36 31.02
C THR A 435 25.16 -14.61 31.52
N ALA A 436 25.84 -15.52 32.27
CA ALA A 436 25.41 -16.82 32.83
C ALA A 436 23.92 -16.97 33.29
N VAL A 437 23.22 -15.88 33.67
CA VAL A 437 21.82 -15.85 34.15
C VAL A 437 20.80 -16.55 33.22
N GLN A 438 20.10 -17.57 33.76
CA GLN A 438 19.10 -18.34 32.99
C GLN A 438 17.67 -17.87 33.32
N GLY A 439 17.15 -17.05 32.40
CA GLY A 439 15.83 -16.43 32.46
C GLY A 439 15.78 -15.22 31.56
N GLN A 440 14.73 -14.38 31.70
CA GLN A 440 14.60 -13.17 30.90
C GLN A 440 15.66 -12.13 31.26
N TYR A 441 16.36 -11.58 30.24
CA TYR A 441 17.41 -10.58 30.44
C TYR A 441 17.35 -9.41 29.43
N LEU A 442 17.72 -8.22 29.93
CA LEU A 442 17.77 -6.96 29.21
C LEU A 442 19.21 -6.61 28.88
N THR A 443 19.45 -6.01 27.70
CA THR A 443 20.78 -5.60 27.26
C THR A 443 20.83 -4.11 26.93
N VAL A 444 21.85 -3.43 27.46
CA VAL A 444 22.09 -2.01 27.23
C VAL A 444 23.46 -1.91 26.57
N GLU A 445 23.48 -1.52 25.29
CA GLU A 445 24.68 -1.37 24.48
C GLU A 445 24.87 0.09 24.16
N GLN A 446 26.13 0.53 24.14
CA GLN A 446 26.48 1.91 23.84
C GLN A 446 27.76 1.98 23.01
N LEU A 447 27.63 2.38 21.74
CA LEU A 447 28.76 2.60 20.83
C LEU A 447 28.88 4.12 20.68
N THR A 448 30.01 4.67 21.10
CA THR A 448 30.29 6.09 21.11
C THR A 448 31.36 6.44 20.07
N LEU A 449 31.11 7.49 19.30
CA LEU A 449 32.01 8.04 18.28
C LEU A 449 32.44 9.43 18.76
N ASP A 450 33.73 9.61 19.05
CA ASP A 450 34.29 10.88 19.51
C ASP A 450 34.49 11.81 18.30
N PHE A 451 33.85 12.99 18.34
CA PHE A 451 33.91 13.97 17.26
C PHE A 451 35.31 14.51 16.99
N GLU A 452 36.01 14.96 18.04
CA GLU A 452 37.37 15.52 17.91
C GLU A 452 38.36 14.53 17.27
N TYR A 453 38.28 13.23 17.65
CA TYR A 453 39.12 12.18 17.08
C TYR A 453 38.79 12.02 15.59
N VAL A 454 37.48 11.99 15.25
CA VAL A 454 37.00 11.89 13.86
C VAL A 454 37.53 13.08 13.03
N ILE A 455 37.30 14.33 13.52
CA ILE A 455 37.72 15.58 12.88
C ILE A 455 39.22 15.57 12.56
N ASN A 456 40.06 15.30 13.59
CA ASN A 456 41.53 15.23 13.48
C ASN A 456 41.98 14.13 12.50
N GLU A 457 41.33 12.95 12.54
CA GLU A 457 41.65 11.84 11.63
C GLU A 457 41.30 12.16 10.17
N VAL A 458 40.21 12.92 9.94
CA VAL A 458 39.80 13.30 8.57
C VAL A 458 40.76 14.35 8.01
N ILE A 459 41.12 15.38 8.79
CA ILE A 459 42.05 16.43 8.38
C ILE A 459 43.43 15.86 8.05
N ARG A 460 43.96 14.98 8.93
CA ARG A 460 45.26 14.33 8.83
C ARG A 460 45.42 13.43 7.62
N HIS A 461 44.38 12.64 7.28
CA HIS A 461 44.46 11.65 6.20
C HIS A 461 43.74 12.01 4.89
N ASP A 462 42.67 12.84 4.91
CA ASP A 462 41.90 13.10 3.69
C ASP A 462 41.74 14.57 3.25
N ALA A 463 41.92 15.56 4.14
CA ALA A 463 41.78 16.96 3.74
C ALA A 463 42.99 17.43 2.91
N THR A 464 42.70 17.99 1.71
CA THR A 464 43.69 18.51 0.75
C THR A 464 44.44 19.75 1.30
N TRP A 465 43.82 20.43 2.29
CA TRP A 465 44.29 21.63 2.97
C TRP A 465 44.80 21.32 4.41
N GLY A 466 44.93 20.02 4.72
CA GLY A 466 45.39 19.52 6.02
C GLY A 466 46.71 20.09 6.52
N HIS A 467 47.57 20.53 5.59
CA HIS A 467 48.86 21.16 5.90
C HIS A 467 48.65 22.57 6.47
N GLN A 468 47.72 23.33 5.87
CA GLN A 468 47.35 24.70 6.26
C GLN A 468 46.68 24.78 7.63
N PHE A 469 46.02 23.69 8.07
CA PHE A 469 45.30 23.57 9.35
C PHE A 469 46.19 23.84 10.59
N CYS A 470 45.64 24.58 11.59
CA CYS A 470 46.28 24.91 12.87
C CYS A 470 45.54 24.25 14.04
N SER A 471 44.20 24.49 14.13
CA SER A 471 43.29 24.04 15.18
C SER A 471 41.86 24.31 14.76
N PHE A 472 40.88 23.78 15.52
CA PHE A 472 39.46 24.01 15.28
C PHE A 472 38.79 24.56 16.54
N SER A 473 38.08 25.69 16.39
CA SER A 473 37.41 26.43 17.46
C SER A 473 36.14 25.75 17.94
N ASP A 474 35.28 25.31 16.99
CA ASP A 474 33.98 24.73 17.28
C ASP A 474 33.51 23.82 16.15
N TYR A 475 32.52 22.95 16.44
CA TYR A 475 31.94 22.00 15.49
C TYR A 475 30.46 21.73 15.77
N ASP A 476 29.72 21.34 14.71
CA ASP A 476 28.30 21.07 14.79
C ASP A 476 27.97 19.84 13.95
N ILE A 477 27.43 18.79 14.58
CA ILE A 477 27.14 17.53 13.89
C ILE A 477 25.64 17.37 13.64
N VAL A 478 25.29 17.12 12.36
CA VAL A 478 23.92 16.93 11.89
C VAL A 478 23.88 15.60 11.14
N ILE A 479 22.89 14.72 11.43
CA ILE A 479 22.72 13.45 10.73
C ILE A 479 22.07 13.72 9.35
N LEU A 480 22.64 13.15 8.29
CA LEU A 480 22.11 13.32 6.93
C LEU A 480 21.27 12.13 6.50
N GLU A 481 21.63 10.92 6.95
CA GLU A 481 20.92 9.68 6.64
C GLU A 481 21.31 8.56 7.58
N VAL A 482 20.36 7.64 7.84
CA VAL A 482 20.56 6.44 8.65
C VAL A 482 20.04 5.30 7.81
N CYS A 483 20.91 4.33 7.52
CA CYS A 483 20.59 3.15 6.72
C CYS A 483 20.53 1.95 7.68
N PRO A 484 19.33 1.55 8.15
CA PRO A 484 19.26 0.45 9.13
C PRO A 484 19.65 -0.93 8.60
N GLU A 485 19.56 -1.14 7.26
CA GLU A 485 19.92 -2.40 6.62
C GLU A 485 21.44 -2.62 6.57
N THR A 486 22.21 -1.56 6.24
CA THR A 486 23.67 -1.65 6.16
C THR A 486 24.35 -1.13 7.44
N ASN A 487 23.53 -0.74 8.43
CA ASN A 487 23.92 -0.18 9.75
C ASN A 487 24.89 1.00 9.61
N GLN A 488 24.65 1.84 8.59
CA GLN A 488 25.48 3.02 8.31
C GLN A 488 24.78 4.31 8.66
N VAL A 489 25.51 5.20 9.35
CA VAL A 489 25.04 6.52 9.79
C VAL A 489 25.85 7.57 9.03
N LEU A 490 25.17 8.39 8.20
CA LEU A 490 25.83 9.46 7.47
C LEU A 490 25.68 10.75 8.26
N ILE A 491 26.79 11.33 8.70
CA ILE A 491 26.79 12.57 9.45
C ILE A 491 27.56 13.66 8.73
N ASN A 492 27.12 14.90 8.93
CA ASN A 492 27.79 16.08 8.43
C ASN A 492 28.42 16.79 9.63
N ILE A 493 29.68 17.22 9.52
CA ILE A 493 30.39 17.95 10.59
C ILE A 493 30.69 19.36 10.11
N GLY A 494 30.05 20.34 10.73
CA GLY A 494 30.27 21.75 10.44
C GLY A 494 31.45 22.20 11.27
N LEU A 495 32.52 22.63 10.62
CA LEU A 495 33.73 22.94 11.38
C LEU A 495 34.21 24.39 11.32
N LEU A 496 34.38 25.03 12.50
CA LEU A 496 34.97 26.36 12.65
C LEU A 496 36.43 26.11 12.97
N LEU A 497 37.34 26.57 12.11
CA LEU A 497 38.77 26.32 12.30
C LEU A 497 39.65 27.51 11.98
N LEU A 498 40.94 27.39 12.35
CA LEU A 498 41.98 28.36 12.10
C LEU A 498 42.98 27.69 11.15
N ALA A 499 43.32 28.36 10.06
CA ALA A 499 44.25 27.82 9.06
C ALA A 499 45.02 28.89 8.33
N PHE A 500 46.24 28.55 7.89
CA PHE A 500 47.07 29.44 7.10
C PHE A 500 46.47 29.55 5.70
N PRO A 501 46.38 30.75 5.10
CA PRO A 501 45.83 30.86 3.74
C PRO A 501 46.76 30.21 2.71
N SER A 502 46.27 30.01 1.46
CA SER A 502 47.00 29.40 0.34
C SER A 502 48.45 29.88 0.22
N PRO A 503 49.42 29.01 -0.21
CA PRO A 503 50.84 29.43 -0.27
C PRO A 503 51.19 30.70 -1.06
N THR A 504 50.23 31.25 -1.86
CA THR A 504 50.39 32.48 -2.64
C THR A 504 50.75 33.67 -1.72
N GLU A 505 51.80 34.40 -2.10
CA GLU A 505 52.32 35.54 -1.34
C GLU A 505 51.77 36.89 -1.81
N GLU A 506 50.88 37.46 -0.98
CA GLU A 506 50.24 38.78 -1.20
C GLU A 506 50.55 39.65 0.05
N GLY A 507 51.66 39.32 0.71
CA GLY A 507 52.15 39.92 1.95
C GLY A 507 52.34 38.85 3.00
N GLN A 508 52.12 39.17 4.30
CA GLN A 508 52.21 38.21 5.40
C GLN A 508 51.03 37.20 5.33
N LEU A 509 51.25 35.94 5.76
CA LEU A 509 50.25 34.87 5.68
C LEU A 509 49.65 34.43 7.05
N ARG A 510 49.13 35.39 7.84
CA ARG A 510 48.51 35.16 9.16
C ARG A 510 47.34 34.15 9.09
N PRO A 511 47.21 33.16 10.03
CA PRO A 511 46.06 32.23 9.95
C PRO A 511 44.71 32.90 10.15
N LYS A 512 43.76 32.61 9.26
CA LYS A 512 42.40 33.17 9.27
C LYS A 512 41.42 32.16 9.84
N THR A 513 40.21 32.63 10.23
CA THR A 513 39.16 31.75 10.72
C THR A 513 38.31 31.37 9.50
N TYR A 514 38.14 30.06 9.29
CA TYR A 514 37.39 29.50 8.17
C TYR A 514 36.30 28.58 8.66
N HIS A 515 35.28 28.37 7.82
CA HIS A 515 34.23 27.39 8.07
C HIS A 515 34.28 26.38 6.96
N THR A 516 34.07 25.12 7.30
CA THR A 516 34.05 23.99 6.34
C THR A 516 33.06 22.93 6.81
N SER A 517 32.95 21.83 6.05
CA SER A 517 32.09 20.72 6.41
C SER A 517 32.71 19.40 5.97
N LEU A 518 32.69 18.41 6.86
CA LEU A 518 33.22 17.07 6.58
C LEU A 518 32.08 16.06 6.66
N LYS A 519 31.94 15.20 5.65
CA LYS A 519 30.90 14.16 5.64
C LYS A 519 31.54 12.83 5.98
N VAL A 520 31.02 12.14 7.01
CA VAL A 520 31.57 10.88 7.50
C VAL A 520 30.49 9.81 7.68
N ALA A 521 30.75 8.60 7.14
CA ALA A 521 29.86 7.45 7.25
C ALA A 521 30.37 6.52 8.36
N TRP A 522 29.55 6.32 9.41
CA TRP A 522 29.86 5.50 10.58
C TRP A 522 29.19 4.11 10.54
N ASP A 523 30.02 3.05 10.50
CA ASP A 523 29.53 1.67 10.47
C ASP A 523 29.21 1.21 11.89
N LEU A 524 27.93 0.95 12.20
CA LEU A 524 27.53 0.49 13.53
C LEU A 524 27.91 -0.97 13.82
N ASN A 525 28.18 -1.78 12.76
CA ASN A 525 28.60 -3.19 12.89
C ASN A 525 30.08 -3.31 13.25
N THR A 526 30.96 -2.56 12.55
CA THR A 526 32.41 -2.62 12.79
C THR A 526 32.89 -1.55 13.77
N GLY A 527 32.18 -0.40 13.81
CA GLY A 527 32.51 0.75 14.66
C GLY A 527 33.39 1.74 13.93
N ILE A 528 33.85 1.36 12.73
CA ILE A 528 34.73 2.12 11.85
C ILE A 528 33.98 3.23 11.12
N PHE A 529 34.65 4.37 10.91
CA PHE A 529 34.10 5.51 10.18
C PHE A 529 34.93 5.74 8.91
N GLU A 530 34.26 6.17 7.84
CA GLU A 530 34.86 6.40 6.53
C GLU A 530 34.55 7.82 6.05
N THR A 531 35.53 8.48 5.43
CA THR A 531 35.37 9.84 4.88
C THR A 531 34.59 9.74 3.57
N VAL A 532 33.52 10.53 3.44
CA VAL A 532 32.66 10.56 2.25
C VAL A 532 32.91 11.82 1.41
N SER A 533 33.16 12.95 2.09
CA SER A 533 33.38 14.25 1.46
C SER A 533 34.13 15.19 2.40
N VAL A 534 34.99 16.04 1.82
CA VAL A 534 35.74 17.07 2.55
C VAL A 534 35.50 18.38 1.81
N GLY A 535 34.84 19.31 2.48
CA GLY A 535 34.53 20.61 1.93
C GLY A 535 35.74 21.50 1.87
N ASP A 536 35.66 22.55 1.05
CA ASP A 536 36.72 23.55 0.88
C ASP A 536 36.66 24.53 2.04
N LEU A 537 37.76 25.26 2.27
CA LEU A 537 37.79 26.25 3.35
C LEU A 537 37.17 27.56 2.88
N THR A 538 36.14 28.02 3.61
CA THR A 538 35.44 29.28 3.29
C THR A 538 35.78 30.30 4.38
N GLU A 539 36.20 31.51 3.97
CA GLU A 539 36.54 32.55 4.93
C GLU A 539 35.29 33.07 5.64
N VAL A 540 35.37 33.15 6.99
CA VAL A 540 34.31 33.62 7.88
C VAL A 540 34.10 35.14 7.70
N LYS A 541 35.19 35.89 7.45
CA LYS A 541 35.20 37.34 7.18
C LYS A 541 34.33 38.17 8.15
N GLY A 542 34.57 38.01 9.46
CA GLY A 542 33.85 38.75 10.49
C GLY A 542 32.37 38.47 10.64
N GLN A 543 31.94 37.23 10.32
CA GLN A 543 30.55 36.78 10.49
C GLN A 543 30.32 36.34 11.92
N THR A 544 29.06 36.41 12.38
CA THR A 544 28.67 35.94 13.71
C THR A 544 28.78 34.40 13.70
N SER A 545 29.18 33.80 14.84
CA SER A 545 29.27 32.34 14.99
C SER A 545 27.90 31.73 14.68
N GLY A 546 26.84 32.39 15.15
CA GLY A 546 25.45 32.02 14.93
C GLY A 546 25.06 32.03 13.47
N SER A 547 25.52 33.05 12.71
CA SER A 547 25.27 33.21 11.27
C SER A 547 25.90 32.06 10.51
N VAL A 548 27.04 31.58 11.00
CA VAL A 548 27.79 30.47 10.42
C VAL A 548 27.04 29.14 10.62
N TRP A 549 26.54 28.89 11.85
CA TRP A 549 25.84 27.65 12.18
C TRP A 549 24.47 27.59 11.59
N SER A 550 23.77 28.73 11.53
CA SER A 550 22.45 28.87 10.91
C SER A 550 22.54 28.55 9.42
N SER A 551 23.58 29.09 8.73
CA SER A 551 23.84 28.87 7.30
C SER A 551 24.22 27.44 7.01
N TYR A 552 25.03 26.83 7.89
CA TYR A 552 25.46 25.43 7.80
C TYR A 552 24.24 24.48 7.97
N ARG A 553 23.33 24.80 8.90
CA ARG A 553 22.14 23.99 9.15
C ARG A 553 21.11 24.14 8.05
N LYS A 554 21.04 25.33 7.38
CA LYS A 554 20.18 25.51 6.20
C LYS A 554 20.69 24.60 5.06
N SER A 555 22.02 24.45 4.95
CA SER A 555 22.68 23.60 3.96
C SER A 555 22.40 22.10 4.15
N CYS A 556 22.18 21.67 5.42
CA CYS A 556 21.83 20.29 5.82
C CYS A 556 20.36 20.02 5.50
N VAL A 557 19.46 21.00 5.81
CA VAL A 557 18.03 20.91 5.52
C VAL A 557 17.88 20.81 4.00
N ASP A 558 18.60 21.68 3.26
CA ASP A 558 18.63 21.68 1.80
C ASP A 558 18.99 20.31 1.25
N MET A 559 20.08 19.67 1.76
CA MET A 559 20.55 18.37 1.32
C MET A 559 19.56 17.25 1.60
N VAL A 560 19.04 17.19 2.85
CA VAL A 560 18.04 16.22 3.27
C VAL A 560 16.76 16.34 2.40
N MET A 561 16.24 17.57 2.20
CA MET A 561 15.05 17.82 1.37
C MET A 561 15.26 17.40 -0.09
N LYS A 562 16.47 17.68 -0.63
CA LYS A 562 16.84 17.40 -2.00
C LYS A 562 16.86 15.91 -2.31
N TRP A 563 17.37 15.09 -1.37
CA TRP A 563 17.51 13.64 -1.52
C TRP A 563 16.36 12.86 -0.91
N LEU A 564 15.26 13.55 -0.63
CA LEU A 564 14.07 12.96 -0.04
C LEU A 564 13.36 11.95 -0.96
N VAL A 565 13.16 10.74 -0.42
CA VAL A 565 12.45 9.63 -1.05
C VAL A 565 11.33 9.22 -0.08
N PRO A 566 10.04 9.34 -0.49
CA PRO A 566 8.94 8.94 0.40
C PRO A 566 9.03 7.48 0.85
N GLU A 567 8.70 7.20 2.12
CA GLU A 567 8.78 5.84 2.68
C GLU A 567 7.42 5.19 2.88
N SER A 568 7.43 3.87 3.15
CA SER A 568 6.22 3.09 3.45
C SER A 568 5.61 3.54 4.80
N SER A 569 4.28 3.56 4.89
CA SER A 569 3.64 3.88 6.17
C SER A 569 3.75 2.62 7.04
N GLY A 570 4.12 2.80 8.30
CA GLY A 570 4.38 1.68 9.19
C GLY A 570 5.83 1.29 9.11
N ARG A 571 6.67 2.29 8.91
CA ARG A 571 8.13 2.27 8.82
C ARG A 571 8.58 3.68 9.19
N TYR A 572 7.63 4.60 9.36
CA TYR A 572 7.90 5.97 9.76
C TYR A 572 8.07 6.04 11.29
N VAL A 573 8.66 7.14 11.79
CA VAL A 573 8.86 7.37 13.23
C VAL A 573 7.70 8.24 13.71
N ASN A 574 6.83 7.69 14.58
CA ASN A 574 5.71 8.41 15.15
C ASN A 574 6.22 9.35 16.24
N ARG A 575 6.17 10.65 15.97
CA ARG A 575 6.63 11.70 16.86
C ARG A 575 5.42 12.44 17.42
N MET A 576 5.22 12.36 18.73
CA MET A 576 4.08 12.97 19.43
C MET A 576 4.51 14.14 20.29
N THR A 577 3.83 15.28 20.11
CA THR A 577 4.10 16.54 20.80
C THR A 577 2.81 17.32 21.02
N ASN A 578 2.72 18.03 22.15
CA ASN A 578 1.64 18.92 22.51
C ASN A 578 2.20 20.00 23.42
N GLU A 579 2.65 21.11 22.80
CA GLU A 579 3.25 22.24 23.48
C GLU A 579 2.21 23.25 23.96
N ALA A 580 1.16 22.75 24.64
CA ALA A 580 0.06 23.53 25.21
C ALA A 580 0.58 24.43 26.35
N LEU A 581 1.54 23.91 27.15
CA LEU A 581 2.15 24.59 28.29
C LEU A 581 3.35 25.43 27.88
N HIS A 582 3.85 25.26 26.65
CA HIS A 582 5.06 25.96 26.19
C HIS A 582 4.80 27.18 25.27
N LYS A 583 3.71 27.95 25.55
CA LYS A 583 3.28 29.17 24.84
C LYS A 583 3.13 29.02 23.30
N GLY A 584 3.28 27.79 22.82
CA GLY A 584 3.15 27.40 21.41
C GLY A 584 1.73 26.99 21.08
N CYS A 585 0.88 26.97 22.14
CA CYS A 585 -0.55 26.63 22.24
C CYS A 585 -0.86 25.14 21.95
N SER A 586 -2.03 24.70 22.44
CA SER A 586 -2.56 23.34 22.35
C SER A 586 -2.88 22.90 20.93
N LEU A 587 -2.94 21.56 20.74
CA LEU A 587 -3.28 20.89 19.48
C LEU A 587 -4.80 21.01 19.26
N LYS A 588 -5.24 20.83 18.00
CA LYS A 588 -6.66 20.87 17.66
C LYS A 588 -7.23 19.46 17.48
N VAL A 589 -6.49 18.57 16.80
CA VAL A 589 -6.92 17.20 16.49
C VAL A 589 -5.81 16.17 16.76
N LEU A 590 -6.18 14.99 17.33
CA LEU A 590 -5.30 13.82 17.49
C LEU A 590 -5.83 12.82 16.45
N ALA A 591 -5.06 12.58 15.38
CA ALA A 591 -5.54 11.71 14.31
C ALA A 591 -4.87 10.35 14.21
N ASP A 592 -5.70 9.35 13.84
CA ASP A 592 -5.36 7.96 13.53
C ASP A 592 -5.75 7.83 12.05
N SER A 593 -4.82 8.28 11.17
CA SER A 593 -4.91 8.33 9.71
CA SER A 593 -4.96 8.34 9.72
C SER A 593 -5.23 7.00 9.02
N GLU A 594 -4.77 5.86 9.56
CA GLU A 594 -5.01 4.55 8.92
C GLU A 594 -6.45 4.04 9.11
N ARG A 595 -7.17 4.55 10.14
CA ARG A 595 -8.55 4.21 10.47
C ARG A 595 -9.47 5.41 10.21
N TYR A 596 -8.91 6.55 9.76
CA TYR A 596 -9.62 7.82 9.44
C TYR A 596 -10.41 8.35 10.65
N THR A 597 -9.79 8.28 11.85
CA THR A 597 -10.38 8.67 13.13
C THR A 597 -9.68 9.88 13.73
N TRP A 598 -10.47 10.86 14.17
CA TRP A 598 -9.99 12.09 14.77
C TRP A 598 -10.52 12.26 16.18
N ILE A 599 -9.65 12.64 17.10
CA ILE A 599 -10.09 13.02 18.43
C ILE A 599 -9.99 14.54 18.37
N VAL A 600 -11.14 15.21 18.51
CA VAL A 600 -11.23 16.66 18.48
C VAL A 600 -11.14 17.18 19.91
N LEU A 601 -10.05 17.89 20.21
CA LEU A 601 -9.81 18.47 21.54
C LEU A 601 -10.60 19.78 21.74
N SER B 2 -7.64 -23.29 14.80
CA SER B 2 -8.28 -23.66 13.54
C SER B 2 -7.29 -23.96 12.44
N TYR B 3 -7.61 -24.99 11.64
CA TYR B 3 -6.82 -25.48 10.52
C TYR B 3 -7.72 -25.56 9.30
N ASN B 4 -7.30 -24.95 8.18
CA ASN B 4 -8.12 -24.92 6.99
C ASN B 4 -7.43 -25.44 5.73
N TYR B 5 -8.24 -25.80 4.73
CA TYR B 5 -7.84 -26.33 3.43
C TYR B 5 -8.45 -25.40 2.38
N VAL B 6 -7.60 -24.61 1.71
CA VAL B 6 -8.01 -23.69 0.65
C VAL B 6 -7.71 -24.36 -0.68
N VAL B 7 -8.72 -24.56 -1.52
CA VAL B 7 -8.56 -25.21 -2.82
C VAL B 7 -9.26 -24.41 -3.95
N THR B 8 -8.74 -24.52 -5.20
CA THR B 8 -9.29 -23.84 -6.37
C THR B 8 -10.36 -24.69 -7.03
N ALA B 9 -11.58 -24.14 -7.18
CA ALA B 9 -12.71 -24.80 -7.82
C ALA B 9 -12.73 -24.34 -9.28
N GLN B 10 -12.44 -23.05 -9.50
CA GLN B 10 -12.34 -22.40 -10.81
C GLN B 10 -11.15 -21.44 -10.78
N LYS B 11 -10.16 -21.64 -11.66
CA LYS B 11 -8.96 -20.79 -11.79
C LYS B 11 -9.30 -19.35 -12.27
N PRO B 12 -8.49 -18.30 -11.93
CA PRO B 12 -8.81 -16.93 -12.40
C PRO B 12 -9.04 -16.86 -13.92
N THR B 13 -10.10 -16.16 -14.34
CA THR B 13 -10.51 -16.05 -15.75
C THR B 13 -10.24 -14.67 -16.36
N ALA B 14 -10.06 -13.63 -15.53
CA ALA B 14 -9.77 -12.28 -16.01
C ALA B 14 -8.36 -12.20 -16.62
N VAL B 15 -8.21 -11.46 -17.72
CA VAL B 15 -6.94 -11.26 -18.43
C VAL B 15 -6.29 -9.96 -17.93
N ASN B 16 -5.18 -10.10 -17.21
CA ASN B 16 -4.44 -8.97 -16.63
C ASN B 16 -3.37 -8.41 -17.57
N GLY B 17 -2.90 -9.22 -18.51
CA GLY B 17 -1.89 -8.80 -19.47
C GLY B 17 -1.68 -9.76 -20.62
N CYS B 18 -1.47 -9.22 -21.81
CA CYS B 18 -1.22 -10.01 -23.01
C CYS B 18 0.02 -9.50 -23.77
N VAL B 19 0.90 -10.42 -24.17
CA VAL B 19 2.14 -10.08 -24.90
C VAL B 19 2.40 -11.06 -26.04
N THR B 20 3.01 -10.57 -27.14
CA THR B 20 3.39 -11.35 -28.33
C THR B 20 4.90 -11.34 -28.59
N GLY B 21 5.37 -12.39 -29.23
CA GLY B 21 6.77 -12.57 -29.59
C GLY B 21 7.10 -13.99 -29.97
N HIS B 22 8.41 -14.27 -30.06
CA HIS B 22 8.94 -15.56 -30.49
C HIS B 22 9.64 -16.27 -29.31
N PHE B 23 8.83 -16.72 -28.33
CA PHE B 23 9.30 -17.35 -27.10
C PHE B 23 9.56 -18.87 -27.22
N THR B 24 8.59 -19.64 -27.76
CA THR B 24 8.71 -21.10 -27.89
C THR B 24 9.67 -21.54 -28.98
N SER B 25 9.84 -20.68 -30.01
CA SER B 25 10.73 -20.88 -31.15
C SER B 25 10.93 -19.53 -31.84
N ALA B 26 12.00 -19.42 -32.66
CA ALA B 26 12.33 -18.21 -33.41
C ALA B 26 11.31 -17.95 -34.53
N GLU B 27 10.69 -19.03 -35.05
CA GLU B 27 9.69 -18.99 -36.12
C GLU B 27 8.24 -18.94 -35.61
N ASP B 28 8.00 -19.46 -34.38
CA ASP B 28 6.68 -19.46 -33.74
C ASP B 28 6.24 -18.07 -33.31
N LEU B 29 5.01 -17.68 -33.69
CA LEU B 29 4.39 -16.41 -33.29
C LEU B 29 3.52 -16.74 -32.07
N ASN B 30 4.00 -16.38 -30.87
CA ASN B 30 3.35 -16.69 -29.61
C ASN B 30 2.49 -15.59 -29.01
N LEU B 31 1.44 -16.01 -28.28
CA LEU B 31 0.58 -15.15 -27.48
C LEU B 31 0.70 -15.63 -26.04
N LEU B 32 1.12 -14.73 -25.16
CA LEU B 32 1.31 -15.02 -23.74
C LEU B 32 0.27 -14.27 -22.94
N ILE B 33 -0.56 -15.00 -22.20
CA ILE B 33 -1.63 -14.39 -21.41
C ILE B 33 -1.36 -14.53 -19.91
N ALA B 34 -1.42 -13.40 -19.18
CA ALA B 34 -1.26 -13.37 -17.74
C ALA B 34 -2.66 -13.32 -17.10
N LYS B 35 -3.04 -14.41 -16.44
CA LYS B 35 -4.29 -14.56 -15.71
C LYS B 35 -3.88 -14.64 -14.25
N ASN B 36 -3.62 -13.46 -13.68
CA ASN B 36 -3.17 -13.24 -12.32
C ASN B 36 -1.82 -13.92 -12.08
N THR B 37 -1.86 -15.16 -11.64
CA THR B 37 -0.74 -16.00 -11.25
C THR B 37 -0.32 -16.98 -12.34
N ARG B 38 -1.19 -17.14 -13.32
CA ARG B 38 -1.10 -18.07 -14.41
C ARG B 38 -0.64 -17.43 -15.70
N LEU B 39 0.29 -18.10 -16.38
CA LEU B 39 0.85 -17.70 -17.65
C LEU B 39 0.44 -18.73 -18.68
N GLU B 40 -0.40 -18.32 -19.63
CA GLU B 40 -0.88 -19.20 -20.69
C GLU B 40 -0.10 -18.94 -21.96
N ILE B 41 0.58 -19.97 -22.48
CA ILE B 41 1.38 -19.91 -23.71
C ILE B 41 0.60 -20.53 -24.90
N TYR B 42 0.48 -19.75 -26.00
CA TYR B 42 -0.19 -20.17 -27.24
C TYR B 42 0.67 -19.92 -28.46
N VAL B 43 0.52 -20.73 -29.51
CA VAL B 43 1.19 -20.55 -30.81
C VAL B 43 0.08 -20.20 -31.80
N VAL B 44 0.24 -19.08 -32.53
CA VAL B 44 -0.71 -18.65 -33.55
C VAL B 44 -0.50 -19.57 -34.74
N THR B 45 -1.56 -20.31 -35.13
CA THR B 45 -1.51 -21.28 -36.23
C THR B 45 -2.65 -21.04 -37.22
N ALA B 46 -2.84 -21.99 -38.15
CA ALA B 46 -3.91 -21.95 -39.15
C ALA B 46 -5.30 -22.13 -38.50
N GLU B 47 -5.37 -22.92 -37.41
CA GLU B 47 -6.59 -23.24 -36.67
C GLU B 47 -7.00 -22.20 -35.64
N GLY B 48 -6.09 -21.28 -35.38
CA GLY B 48 -6.29 -20.23 -34.38
C GLY B 48 -5.17 -20.29 -33.39
N LEU B 49 -5.50 -20.32 -32.08
CA LEU B 49 -4.48 -20.39 -31.04
C LEU B 49 -4.30 -21.81 -30.55
N ARG B 50 -3.10 -22.36 -30.75
CA ARG B 50 -2.78 -23.71 -30.31
C ARG B 50 -2.21 -23.62 -28.90
N PRO B 51 -2.79 -24.33 -27.90
CA PRO B 51 -2.25 -24.23 -26.54
C PRO B 51 -0.90 -24.93 -26.41
N VAL B 52 0.00 -24.35 -25.62
CA VAL B 52 1.31 -24.95 -25.39
C VAL B 52 1.30 -25.52 -23.97
N LYS B 53 1.51 -24.65 -22.98
CA LYS B 53 1.52 -25.02 -21.56
C LYS B 53 1.01 -23.86 -20.71
N GLU B 54 0.54 -24.19 -19.51
CA GLU B 54 0.09 -23.20 -18.54
C GLU B 54 1.11 -23.18 -17.40
N VAL B 55 1.76 -22.03 -17.19
CA VAL B 55 2.77 -21.86 -16.14
C VAL B 55 2.12 -21.23 -14.89
N GLY B 56 2.19 -21.96 -13.78
CA GLY B 56 1.65 -21.53 -12.51
C GLY B 56 2.73 -20.90 -11.66
N MET B 57 2.87 -19.57 -11.76
CA MET B 57 3.89 -18.81 -11.03
C MET B 57 3.50 -18.70 -9.55
N TYR B 58 4.48 -18.72 -8.64
CA TYR B 58 4.20 -18.55 -7.20
C TYR B 58 4.23 -17.04 -6.95
N GLY B 59 3.36 -16.33 -7.65
CA GLY B 59 3.25 -14.88 -7.58
C GLY B 59 2.31 -14.29 -8.60
N LYS B 60 1.75 -13.11 -8.26
CA LYS B 60 0.87 -12.35 -9.13
C LYS B 60 1.76 -11.69 -10.20
N ILE B 61 1.51 -11.97 -11.48
CA ILE B 61 2.30 -11.41 -12.58
C ILE B 61 2.01 -9.89 -12.71
N ALA B 62 3.02 -9.04 -12.38
CA ALA B 62 2.89 -7.59 -12.43
C ALA B 62 3.54 -7.02 -13.68
N VAL B 63 4.61 -7.68 -14.14
CA VAL B 63 5.38 -7.29 -15.34
C VAL B 63 5.61 -8.54 -16.16
N MET B 64 5.30 -8.46 -17.46
CA MET B 64 5.46 -9.55 -18.41
C MET B 64 5.86 -8.93 -19.74
N GLU B 65 7.15 -9.06 -20.10
CA GLU B 65 7.70 -8.49 -21.33
C GLU B 65 8.67 -9.46 -21.98
N LEU B 66 8.54 -9.62 -23.31
CA LEU B 66 9.42 -10.46 -24.11
C LEU B 66 10.55 -9.59 -24.70
N PHE B 67 11.79 -10.09 -24.67
CA PHE B 67 12.93 -9.34 -25.18
C PHE B 67 14.01 -10.22 -25.79
N ARG B 68 14.77 -9.69 -26.76
CA ARG B 68 15.85 -10.45 -27.35
C ARG B 68 17.20 -9.74 -27.28
N PRO B 69 18.08 -10.17 -26.35
CA PRO B 69 19.44 -9.61 -26.30
C PRO B 69 20.28 -10.10 -27.49
N LYS B 70 21.48 -9.52 -27.70
CA LYS B 70 22.35 -9.89 -28.81
C LYS B 70 22.82 -11.34 -28.77
N GLY B 71 22.81 -11.98 -29.95
CA GLY B 71 23.23 -13.37 -30.14
C GLY B 71 22.21 -14.43 -29.80
N GLU B 72 21.19 -14.07 -28.98
CA GLU B 72 20.11 -14.94 -28.51
C GLU B 72 19.28 -15.56 -29.63
N SER B 73 19.14 -16.91 -29.59
CA SER B 73 18.41 -17.75 -30.55
C SER B 73 16.97 -17.28 -30.80
N LYS B 74 16.24 -16.98 -29.72
CA LYS B 74 14.87 -16.48 -29.70
C LYS B 74 14.68 -15.59 -28.47
N ASP B 75 13.48 -14.98 -28.33
CA ASP B 75 13.08 -14.10 -27.24
C ASP B 75 13.17 -14.76 -25.87
N LEU B 76 13.43 -13.95 -24.85
CA LEU B 76 13.47 -14.31 -23.43
C LEU B 76 12.30 -13.57 -22.77
N LEU B 77 11.76 -14.14 -21.70
CA LEU B 77 10.64 -13.52 -20.97
C LEU B 77 11.05 -12.99 -19.62
N PHE B 78 10.81 -11.69 -19.38
CA PHE B 78 11.05 -11.11 -18.06
C PHE B 78 9.72 -11.01 -17.32
N ILE B 79 9.68 -11.60 -16.12
CA ILE B 79 8.54 -11.61 -15.21
C ILE B 79 8.92 -10.95 -13.90
N LEU B 80 8.06 -10.04 -13.43
CA LEU B 80 8.17 -9.44 -12.11
C LEU B 80 6.84 -9.69 -11.41
N THR B 81 6.89 -10.26 -10.20
CA THR B 81 5.69 -10.55 -9.41
C THR B 81 5.33 -9.37 -8.52
N ALA B 82 4.10 -9.36 -7.95
CA ALA B 82 3.62 -8.31 -7.02
C ALA B 82 4.44 -8.31 -5.71
N LYS B 83 5.02 -9.47 -5.33
CA LYS B 83 5.89 -9.65 -4.15
C LYS B 83 7.38 -9.33 -4.45
N TYR B 84 7.64 -8.72 -5.64
CA TYR B 84 8.92 -8.22 -6.15
C TYR B 84 9.95 -9.32 -6.52
N ASN B 85 9.47 -10.53 -6.85
CA ASN B 85 10.33 -11.61 -7.34
C ASN B 85 10.52 -11.36 -8.85
N ALA B 86 11.78 -11.23 -9.29
CA ALA B 86 12.12 -10.94 -10.67
C ALA B 86 12.82 -12.14 -11.29
N CYS B 87 12.52 -12.43 -12.56
CA CYS B 87 13.14 -13.53 -13.28
C CYS B 87 13.18 -13.33 -14.77
N ILE B 88 14.19 -13.97 -15.41
CA ILE B 88 14.35 -14.01 -16.85
C ILE B 88 14.22 -15.49 -17.20
N LEU B 89 13.28 -15.80 -18.10
CA LEU B 89 12.92 -17.15 -18.48
C LEU B 89 13.22 -17.50 -19.92
N GLU B 90 13.65 -18.74 -20.15
CA GLU B 90 13.97 -19.29 -21.46
C GLU B 90 13.15 -20.55 -21.71
N TYR B 91 12.55 -20.66 -22.89
CA TYR B 91 11.78 -21.82 -23.30
C TYR B 91 12.70 -22.86 -23.92
N LYS B 92 12.65 -24.10 -23.41
CA LYS B 92 13.44 -25.23 -23.90
C LYS B 92 12.55 -26.42 -24.22
N GLN B 93 12.74 -27.02 -25.40
CA GLN B 93 11.97 -28.17 -25.84
C GLN B 93 12.87 -29.19 -26.53
N SER B 94 13.17 -30.29 -25.82
CA SER B 94 14.02 -31.37 -26.33
C SER B 94 13.12 -32.50 -26.87
N GLY B 95 12.53 -32.26 -28.03
CA GLY B 95 11.62 -33.21 -28.67
C GLY B 95 10.24 -33.08 -28.04
N GLU B 96 9.93 -33.97 -27.08
CA GLU B 96 8.66 -33.97 -26.34
C GLU B 96 8.74 -33.21 -25.01
N SER B 97 9.89 -33.32 -24.30
CA SER B 97 10.15 -32.70 -23.00
C SER B 97 10.21 -31.17 -23.06
N ILE B 98 9.21 -30.52 -22.47
CA ILE B 98 9.08 -29.06 -22.40
C ILE B 98 9.58 -28.59 -21.02
N ASP B 99 10.55 -27.66 -21.03
CA ASP B 99 11.14 -27.09 -19.81
C ASP B 99 11.34 -25.57 -19.89
N ILE B 100 11.11 -24.86 -18.77
CA ILE B 100 11.31 -23.41 -18.68
C ILE B 100 12.51 -23.16 -17.77
N ILE B 101 13.58 -22.56 -18.33
CA ILE B 101 14.83 -22.27 -17.63
C ILE B 101 14.82 -20.90 -16.97
N THR B 102 15.24 -20.85 -15.69
CA THR B 102 15.35 -19.61 -14.95
C THR B 102 16.78 -19.11 -15.16
N ARG B 103 16.93 -18.18 -16.13
CA ARG B 103 18.21 -17.59 -16.51
C ARG B 103 18.82 -16.75 -15.38
N ALA B 104 18.00 -15.91 -14.75
CA ALA B 104 18.37 -15.08 -13.61
C ALA B 104 17.15 -14.94 -12.72
N HIS B 105 17.37 -14.98 -11.40
CA HIS B 105 16.31 -14.83 -10.39
C HIS B 105 16.82 -14.01 -9.20
N GLY B 106 15.89 -13.35 -8.52
CA GLY B 106 16.20 -12.54 -7.35
C GLY B 106 15.08 -11.60 -6.96
N ASN B 107 15.03 -11.21 -5.68
CA ASN B 107 14.02 -10.29 -5.18
C ASN B 107 14.55 -8.87 -5.26
N VAL B 108 13.74 -7.95 -5.82
CA VAL B 108 14.13 -6.55 -6.02
C VAL B 108 13.35 -5.58 -5.10
N GLN B 109 12.89 -6.06 -3.94
CA GLN B 109 12.17 -5.19 -3.00
C GLN B 109 13.13 -4.31 -2.22
N ASP B 110 12.71 -3.07 -1.93
CA ASP B 110 13.46 -2.13 -1.11
C ASP B 110 12.67 -1.89 0.17
N ARG B 111 13.34 -1.96 1.33
CA ARG B 111 12.74 -1.71 2.65
C ARG B 111 12.22 -0.28 2.70
N ILE B 112 13.00 0.67 2.12
CA ILE B 112 12.64 2.07 1.96
C ILE B 112 11.65 2.13 0.78
N GLY B 113 10.93 3.23 0.63
CA GLY B 113 10.06 3.34 -0.52
C GLY B 113 8.64 2.81 -0.41
N ARG B 114 7.68 3.70 -0.68
CA ARG B 114 6.27 3.37 -0.68
C ARG B 114 5.82 3.06 -2.11
N PRO B 115 5.06 1.96 -2.29
CA PRO B 115 4.54 1.63 -3.63
C PRO B 115 3.80 2.79 -4.28
N SER B 116 3.99 2.94 -5.58
CA SER B 116 3.42 4.04 -6.36
C SER B 116 1.94 3.85 -6.70
N GLU B 117 1.20 4.98 -6.74
CA GLU B 117 -0.23 5.07 -7.06
C GLU B 117 -0.64 4.30 -8.32
N THR B 118 0.08 4.47 -9.45
CA THR B 118 -0.29 3.78 -10.69
C THR B 118 0.45 2.43 -10.83
N GLY B 119 0.85 1.84 -9.70
CA GLY B 119 1.44 0.51 -9.53
C GLY B 119 2.69 0.15 -10.30
N ILE B 120 3.31 -1.01 -9.98
CA ILE B 120 4.52 -1.53 -10.64
C ILE B 120 4.52 -1.34 -12.19
N ILE B 121 5.56 -0.68 -12.73
CA ILE B 121 5.81 -0.50 -14.16
C ILE B 121 7.21 -1.07 -14.43
N GLY B 122 7.31 -1.94 -15.42
CA GLY B 122 8.56 -2.56 -15.86
C GLY B 122 8.79 -2.35 -17.34
N ILE B 123 9.87 -1.68 -17.71
CA ILE B 123 10.19 -1.37 -19.12
C ILE B 123 11.56 -1.90 -19.51
N ILE B 124 11.70 -2.34 -20.76
CA ILE B 124 12.96 -2.85 -21.29
C ILE B 124 13.40 -1.97 -22.44
N ASP B 125 14.68 -1.58 -22.42
CA ASP B 125 15.36 -0.78 -23.40
C ASP B 125 15.30 -1.44 -24.81
N PRO B 126 15.01 -0.68 -25.88
CA PRO B 126 14.94 -1.28 -27.23
C PRO B 126 16.20 -2.03 -27.68
N GLU B 127 17.38 -1.57 -27.23
CA GLU B 127 18.67 -2.19 -27.55
C GLU B 127 19.07 -3.27 -26.52
N CYS B 128 18.16 -3.56 -25.56
CA CYS B 128 18.30 -4.55 -24.47
C CYS B 128 19.54 -4.31 -23.59
N ARG B 129 19.85 -3.02 -23.35
CA ARG B 129 20.99 -2.62 -22.55
C ARG B 129 20.68 -2.70 -21.05
N MET B 130 19.38 -2.70 -20.69
CA MET B 130 18.92 -2.72 -19.30
C MET B 130 17.40 -2.93 -19.17
N ILE B 131 16.98 -3.25 -17.93
CA ILE B 131 15.59 -3.34 -17.49
C ILE B 131 15.41 -2.13 -16.54
N GLY B 132 14.26 -1.47 -16.65
CA GLY B 132 13.90 -0.31 -15.84
C GLY B 132 12.62 -0.53 -15.07
N LEU B 133 12.71 -0.46 -13.74
CA LEU B 133 11.56 -0.68 -12.87
C LEU B 133 11.15 0.56 -12.10
N ARG B 134 9.85 0.86 -12.13
CA ARG B 134 9.22 1.91 -11.34
C ARG B 134 8.28 1.19 -10.34
N LEU B 135 8.78 1.00 -9.11
CA LEU B 135 8.08 0.31 -8.01
C LEU B 135 7.61 1.32 -6.97
N TYR B 136 8.54 2.19 -6.52
CA TYR B 136 8.35 3.15 -5.46
C TYR B 136 8.46 4.57 -5.94
N ASP B 137 7.95 5.52 -5.13
CA ASP B 137 7.98 6.95 -5.44
C ASP B 137 9.38 7.52 -5.27
N GLY B 138 9.85 8.24 -6.28
CA GLY B 138 11.17 8.89 -6.27
C GLY B 138 12.38 8.01 -6.51
N LEU B 139 12.14 6.79 -7.00
CA LEU B 139 13.19 5.83 -7.30
C LEU B 139 12.94 5.16 -8.64
N PHE B 140 14.01 4.95 -9.40
CA PHE B 140 13.97 4.25 -10.66
C PHE B 140 15.00 3.14 -10.55
N LYS B 141 14.57 1.87 -10.61
CA LYS B 141 15.50 0.75 -10.49
C LYS B 141 16.01 0.35 -11.85
N VAL B 142 17.32 0.18 -11.95
CA VAL B 142 17.98 -0.22 -13.19
C VAL B 142 18.61 -1.58 -13.00
N ILE B 143 18.28 -2.53 -13.90
CA ILE B 143 18.85 -3.87 -13.91
C ILE B 143 19.69 -4.02 -15.20
N PRO B 144 21.03 -3.82 -15.13
CA PRO B 144 21.86 -3.96 -16.34
C PRO B 144 21.83 -5.37 -16.93
N LEU B 145 21.61 -5.47 -18.25
CA LEU B 145 21.57 -6.76 -18.95
C LEU B 145 22.93 -7.09 -19.55
N ASP B 146 23.66 -8.01 -18.88
CA ASP B 146 24.98 -8.48 -19.29
C ASP B 146 25.23 -9.90 -18.79
N ARG B 147 25.39 -10.85 -19.74
CA ARG B 147 25.59 -12.28 -19.48
C ARG B 147 26.97 -12.63 -18.95
N ASP B 148 27.95 -11.71 -19.12
CA ASP B 148 29.34 -11.90 -18.72
C ASP B 148 29.55 -12.09 -17.21
N ASN B 149 28.81 -11.33 -16.37
CA ASN B 149 28.93 -11.40 -14.91
C ASN B 149 27.93 -12.40 -14.31
N LYS B 150 28.35 -13.10 -13.22
CA LYS B 150 27.54 -14.09 -12.50
C LYS B 150 26.36 -13.46 -11.72
N GLU B 151 26.38 -12.13 -11.56
CA GLU B 151 25.35 -11.37 -10.84
C GLU B 151 24.84 -10.22 -11.70
N LEU B 152 23.55 -9.90 -11.56
CA LEU B 152 22.94 -8.75 -12.22
C LEU B 152 22.75 -7.71 -11.10
N LYS B 153 23.76 -6.83 -10.93
CA LYS B 153 23.79 -5.82 -9.86
C LYS B 153 22.88 -4.64 -10.16
N ALA B 154 21.64 -4.72 -9.63
CA ALA B 154 20.58 -3.73 -9.76
C ALA B 154 20.87 -2.50 -8.86
N PHE B 155 20.51 -1.31 -9.36
CA PHE B 155 20.74 -0.07 -8.62
C PHE B 155 19.62 0.95 -8.80
N ASN B 156 19.39 1.80 -7.78
CA ASN B 156 18.37 2.84 -7.78
C ASN B 156 18.94 4.21 -8.13
N ILE B 157 18.21 4.93 -8.98
CA ILE B 157 18.53 6.31 -9.37
C ILE B 157 17.38 7.16 -8.82
N ARG B 158 17.72 8.22 -8.08
CA ARG B 158 16.69 9.09 -7.51
C ARG B 158 16.00 9.88 -8.60
N LEU B 159 14.67 9.84 -8.55
CA LEU B 159 13.80 10.51 -9.48
C LEU B 159 13.15 11.69 -8.75
N GLU B 160 13.53 12.93 -9.14
CA GLU B 160 13.04 14.18 -8.56
C GLU B 160 11.51 14.28 -8.61
N GLU B 161 10.92 13.71 -9.66
CA GLU B 161 9.48 13.71 -9.92
C GLU B 161 8.90 12.53 -9.15
N LEU B 162 8.37 12.82 -7.95
CA LEU B 162 7.86 11.83 -7.00
C LEU B 162 6.51 11.22 -7.34
N HIS B 163 5.80 11.75 -8.36
CA HIS B 163 4.48 11.25 -8.76
C HIS B 163 4.43 10.98 -10.29
N VAL B 164 5.05 9.84 -10.69
CA VAL B 164 5.14 9.39 -12.07
C VAL B 164 3.90 8.58 -12.42
N ILE B 165 3.22 8.99 -13.51
CA ILE B 165 1.99 8.38 -14.03
C ILE B 165 2.31 7.17 -14.93
N ASP B 166 3.21 7.36 -15.93
CA ASP B 166 3.62 6.33 -16.89
C ASP B 166 5.02 6.66 -17.41
N VAL B 167 5.80 5.63 -17.80
CA VAL B 167 7.17 5.75 -18.31
C VAL B 167 7.46 4.76 -19.46
N LYS B 168 8.25 5.20 -20.45
CA LYS B 168 8.66 4.37 -21.59
C LYS B 168 10.10 4.63 -21.97
N PHE B 169 10.80 3.60 -22.47
CA PHE B 169 12.14 3.76 -23.04
C PHE B 169 11.92 4.15 -24.49
N LEU B 170 12.55 5.23 -24.92
CA LEU B 170 12.43 5.70 -26.28
C LEU B 170 13.31 4.91 -27.24
N TYR B 171 12.89 4.84 -28.52
CA TYR B 171 13.63 4.19 -29.61
C TYR B 171 14.57 5.22 -30.27
N GLY B 172 15.54 4.75 -31.05
CA GLY B 172 16.50 5.58 -31.75
C GLY B 172 17.40 6.47 -30.91
N CYS B 173 17.90 5.89 -29.84
CA CYS B 173 18.74 6.58 -28.89
C CYS B 173 20.11 5.94 -28.63
N GLN B 174 21.11 6.79 -28.62
CA GLN B 174 22.50 6.48 -28.35
C GLN B 174 22.71 5.96 -26.94
N ALA B 175 22.00 6.53 -25.99
CA ALA B 175 22.03 6.12 -24.61
C ALA B 175 20.60 5.77 -24.22
N PRO B 176 20.43 4.82 -23.32
CA PRO B 176 19.02 4.46 -22.98
C PRO B 176 18.29 5.70 -22.48
N THR B 177 17.08 5.96 -22.99
CA THR B 177 16.36 7.18 -22.61
C THR B 177 14.93 6.91 -22.12
N ILE B 178 14.59 7.40 -20.91
CA ILE B 178 13.24 7.28 -20.36
C ILE B 178 12.43 8.52 -20.62
N CYS B 179 11.18 8.32 -21.04
CA CYS B 179 10.22 9.39 -21.28
C CYS B 179 9.09 9.12 -20.30
N PHE B 180 8.69 10.12 -19.51
CA PHE B 180 7.65 9.91 -18.53
C PHE B 180 6.74 11.09 -18.30
N VAL B 181 5.50 10.78 -17.88
CA VAL B 181 4.49 11.76 -17.51
C VAL B 181 4.46 11.80 -15.97
N TYR B 182 4.56 13.01 -15.40
CA TYR B 182 4.52 13.17 -13.96
C TYR B 182 3.55 14.25 -13.53
N GLN B 183 3.04 14.13 -12.30
CA GLN B 183 2.14 15.11 -11.72
C GLN B 183 2.84 15.90 -10.61
N ASP B 184 2.49 17.18 -10.51
CA ASP B 184 2.94 18.13 -9.49
C ASP B 184 1.88 19.24 -9.32
N PRO B 185 1.97 20.16 -8.32
CA PRO B 185 0.92 21.19 -8.17
C PRO B 185 0.59 22.04 -9.41
N GLN B 186 1.56 22.21 -10.34
CA GLN B 186 1.39 22.94 -11.60
C GLN B 186 0.55 22.14 -12.62
N GLY B 187 0.43 20.83 -12.40
CA GLY B 187 -0.33 19.92 -13.25
C GLY B 187 0.50 18.75 -13.69
N ARG B 188 0.22 18.25 -14.91
CA ARG B 188 0.97 17.17 -15.54
C ARG B 188 1.93 17.70 -16.58
N HIS B 189 3.09 17.04 -16.72
CA HIS B 189 4.15 17.43 -17.66
C HIS B 189 4.82 16.18 -18.19
N VAL B 190 5.57 16.32 -19.29
CA VAL B 190 6.37 15.23 -19.87
C VAL B 190 7.85 15.59 -19.71
N LYS B 191 8.66 14.57 -19.38
CA LYS B 191 10.09 14.72 -19.15
C LYS B 191 10.85 13.52 -19.71
N THR B 192 12.08 13.75 -20.10
CA THR B 192 12.99 12.74 -20.64
C THR B 192 14.28 12.79 -19.80
N TYR B 193 14.97 11.65 -19.70
CA TYR B 193 16.25 11.50 -19.01
C TYR B 193 17.07 10.44 -19.73
N GLU B 194 18.38 10.62 -19.78
CA GLU B 194 19.28 9.62 -20.32
C GLU B 194 19.79 8.81 -19.14
N VAL B 195 19.82 7.49 -19.27
CA VAL B 195 20.28 6.62 -18.19
C VAL B 195 21.75 6.27 -18.40
N SER B 196 22.60 6.59 -17.41
CA SER B 196 24.03 6.28 -17.48
C SER B 196 24.33 5.07 -16.58
N LEU B 197 24.59 3.90 -17.18
CA LEU B 197 24.94 2.66 -16.45
C LEU B 197 26.32 2.79 -15.78
N ARG B 198 27.23 3.55 -16.42
CA ARG B 198 28.59 3.78 -15.94
C ARG B 198 28.62 4.66 -14.68
N GLU B 199 27.95 5.83 -14.73
CA GLU B 199 27.88 6.79 -13.62
C GLU B 199 26.76 6.48 -12.61
N LYS B 200 25.79 5.61 -13.00
CA LYS B 200 24.61 5.21 -12.20
C LYS B 200 23.75 6.44 -11.85
N GLU B 201 23.42 7.25 -12.88
CA GLU B 201 22.64 8.48 -12.72
C GLU B 201 21.88 8.87 -13.99
N PHE B 202 21.04 9.92 -13.89
CA PHE B 202 20.29 10.49 -15.01
C PHE B 202 21.04 11.71 -15.55
N ASN B 203 21.07 11.86 -16.88
CA ASN B 203 21.66 13.01 -17.53
C ASN B 203 20.51 13.76 -18.20
N LYS B 204 20.72 15.06 -18.53
CA LYS B 204 19.74 15.93 -19.20
C LYS B 204 19.04 15.19 -20.33
N GLY B 205 17.72 15.27 -20.35
CA GLY B 205 16.87 14.62 -21.36
C GLY B 205 17.03 15.19 -22.75
N PRO B 206 16.98 14.32 -23.79
CA PRO B 206 17.13 14.77 -25.18
C PRO B 206 16.22 15.93 -25.62
N TRP B 207 15.05 16.05 -24.99
CA TRP B 207 14.10 17.11 -25.27
C TRP B 207 13.49 17.65 -23.98
N LYS B 208 13.43 19.00 -23.88
CA LYS B 208 12.93 19.77 -22.74
C LYS B 208 11.51 19.40 -22.26
N GLN B 209 11.17 19.83 -21.02
CA GLN B 209 9.88 19.63 -20.36
C GLN B 209 8.78 20.28 -21.18
N GLU B 210 7.68 19.56 -21.37
CA GLU B 210 6.50 20.04 -22.10
C GLU B 210 5.28 19.90 -21.22
N ASN B 211 4.48 20.97 -21.11
CA ASN B 211 3.24 20.97 -20.33
C ASN B 211 2.16 20.15 -21.04
N VAL B 212 1.75 19.02 -20.42
CA VAL B 212 0.74 18.14 -21.00
C VAL B 212 -0.63 18.34 -20.34
N GLU B 213 -1.66 17.68 -20.88
CA GLU B 213 -3.05 17.68 -20.43
C GLU B 213 -3.14 17.18 -18.98
N ALA B 214 -4.11 17.69 -18.21
CA ALA B 214 -4.32 17.31 -16.81
C ALA B 214 -4.63 15.82 -16.62
N GLU B 215 -5.32 15.20 -17.58
CA GLU B 215 -5.66 13.77 -17.46
C GLU B 215 -4.82 12.88 -18.37
N ALA B 216 -3.59 13.34 -18.73
CA ALA B 216 -2.62 12.60 -19.55
C ALA B 216 -2.14 11.39 -18.77
N SER B 217 -2.62 10.20 -19.17
CA SER B 217 -2.37 8.94 -18.48
C SER B 217 -1.39 7.96 -19.12
N MET B 218 -1.24 7.95 -20.46
CA MET B 218 -0.39 6.95 -21.12
C MET B 218 0.70 7.51 -22.03
N VAL B 219 1.86 6.81 -22.04
CA VAL B 219 3.01 7.12 -22.88
C VAL B 219 3.25 5.95 -23.87
N ILE B 220 3.40 6.28 -25.17
CA ILE B 220 3.68 5.33 -26.23
C ILE B 220 5.05 5.66 -26.84
N ALA B 221 5.95 4.67 -26.88
CA ALA B 221 7.25 4.86 -27.50
C ALA B 221 7.14 4.41 -28.95
N VAL B 222 7.12 5.37 -29.88
CA VAL B 222 7.01 5.13 -31.33
C VAL B 222 8.34 4.57 -31.89
N PRO B 223 8.35 3.38 -32.56
CA PRO B 223 9.60 2.76 -33.04
C PRO B 223 10.51 3.62 -33.91
N GLU B 224 11.80 3.19 -34.01
CA GLU B 224 12.95 3.82 -34.66
C GLU B 224 12.66 4.70 -35.90
N PRO B 225 11.82 4.33 -36.92
CA PRO B 225 11.59 5.26 -38.03
C PRO B 225 11.11 6.66 -37.60
N PHE B 226 9.97 6.76 -36.91
CA PHE B 226 9.44 8.04 -36.43
C PHE B 226 10.20 8.55 -35.21
N GLY B 227 10.39 7.67 -34.22
CA GLY B 227 10.98 8.00 -32.92
C GLY B 227 9.98 8.77 -32.09
N GLY B 228 10.42 9.27 -30.94
CA GLY B 228 9.56 10.08 -30.08
C GLY B 228 8.52 9.33 -29.30
N ALA B 229 7.53 10.07 -28.77
CA ALA B 229 6.50 9.53 -27.89
C ALA B 229 5.11 10.14 -28.08
N ILE B 230 4.08 9.28 -28.02
CA ILE B 230 2.68 9.70 -28.08
C ILE B 230 2.10 9.73 -26.66
N ILE B 231 1.42 10.82 -26.30
CA ILE B 231 0.78 10.94 -25.01
C ILE B 231 -0.73 11.03 -25.21
N ILE B 232 -1.46 10.13 -24.53
CA ILE B 232 -2.93 10.07 -24.58
C ILE B 232 -3.49 10.56 -23.25
N GLY B 233 -4.42 11.51 -23.36
CA GLY B 233 -5.15 12.09 -22.24
C GLY B 233 -6.62 11.80 -22.36
N GLN B 234 -7.46 12.63 -21.74
CA GLN B 234 -8.91 12.46 -21.79
C GLN B 234 -9.50 13.13 -23.05
N GLU B 235 -9.04 14.36 -23.35
CA GLU B 235 -9.53 15.19 -24.46
C GLU B 235 -8.60 15.26 -25.69
N SER B 236 -7.33 14.83 -25.55
CA SER B 236 -6.38 14.94 -26.65
C SER B 236 -5.35 13.82 -26.76
N ILE B 237 -4.70 13.72 -27.95
CA ILE B 237 -3.62 12.80 -28.28
C ILE B 237 -2.48 13.69 -28.79
N THR B 238 -1.26 13.52 -28.26
CA THR B 238 -0.13 14.37 -28.67
C THR B 238 1.11 13.59 -29.07
N TYR B 239 1.85 14.08 -30.07
CA TYR B 239 3.13 13.50 -30.51
C TYR B 239 4.27 14.45 -30.16
N HIS B 240 5.36 13.93 -29.58
CA HIS B 240 6.52 14.69 -29.14
C HIS B 240 7.84 14.05 -29.55
N ASN B 241 8.68 14.79 -30.29
CA ASN B 241 10.01 14.35 -30.73
C ASN B 241 10.89 15.57 -30.95
N GLY B 242 11.44 16.11 -29.86
CA GLY B 242 12.27 17.30 -29.89
C GLY B 242 11.42 18.53 -30.11
N ASP B 243 11.78 19.34 -31.13
CA ASP B 243 11.03 20.54 -31.50
C ASP B 243 9.72 20.19 -32.22
N LYS B 244 9.61 18.94 -32.70
CA LYS B 244 8.42 18.43 -33.38
C LYS B 244 7.31 18.14 -32.36
N TYR B 245 6.11 18.65 -32.67
CA TYR B 245 4.91 18.53 -31.83
C TYR B 245 3.63 18.60 -32.66
N LEU B 246 2.69 17.66 -32.41
CA LEU B 246 1.37 17.58 -33.04
C LEU B 246 0.34 17.22 -31.98
N ALA B 247 -0.78 17.96 -31.91
CA ALA B 247 -1.85 17.73 -30.94
C ALA B 247 -3.21 17.72 -31.62
N ILE B 248 -4.04 16.73 -31.28
CA ILE B 248 -5.38 16.60 -31.85
C ILE B 248 -6.41 16.50 -30.75
N ALA B 249 -7.55 17.18 -30.92
CA ALA B 249 -8.63 17.15 -29.93
C ALA B 249 -9.91 16.57 -30.59
N PRO B 250 -9.96 15.25 -30.86
CA PRO B 250 -11.17 14.67 -31.49
C PRO B 250 -12.30 14.59 -30.47
N PRO B 251 -13.47 15.22 -30.75
CA PRO B 251 -14.57 15.23 -29.76
C PRO B 251 -15.12 13.84 -29.41
N ILE B 252 -14.83 12.82 -30.24
CA ILE B 252 -15.27 11.44 -30.03
C ILE B 252 -14.62 10.80 -28.79
N ILE B 253 -13.29 10.96 -28.61
CA ILE B 253 -12.53 10.37 -27.49
C ILE B 253 -12.87 11.00 -26.12
N LYS B 254 -13.47 12.21 -26.12
CA LYS B 254 -13.85 12.95 -24.91
C LYS B 254 -14.90 12.21 -24.07
N GLN B 255 -15.81 11.46 -24.73
CA GLN B 255 -16.91 10.70 -24.11
C GLN B 255 -16.47 9.60 -23.14
N SER B 256 -15.33 8.92 -23.42
CA SER B 256 -14.83 7.82 -22.58
C SER B 256 -13.30 7.75 -22.59
N THR B 257 -12.71 7.40 -21.44
CA THR B 257 -11.27 7.29 -21.24
C THR B 257 -10.63 6.14 -22.03
N ILE B 258 -9.51 6.44 -22.74
CA ILE B 258 -8.72 5.45 -23.46
C ILE B 258 -7.87 4.81 -22.37
N VAL B 259 -7.91 3.46 -22.27
CA VAL B 259 -7.22 2.74 -21.20
C VAL B 259 -6.12 1.79 -21.67
N CYS B 260 -6.14 1.40 -22.95
CA CYS B 260 -5.11 0.50 -23.47
C CYS B 260 -4.78 0.84 -24.91
N HIS B 261 -3.60 0.42 -25.32
CA HIS B 261 -3.08 0.67 -26.66
C HIS B 261 -2.29 -0.54 -27.17
N ASN B 262 -2.21 -0.67 -28.49
CA ASN B 262 -1.48 -1.76 -29.09
C ASN B 262 -0.85 -1.28 -30.40
N ARG B 263 0.44 -1.55 -30.57
CA ARG B 263 1.09 -1.20 -31.84
C ARG B 263 0.78 -2.30 -32.85
N VAL B 264 0.14 -1.91 -33.96
CA VAL B 264 -0.25 -2.83 -35.02
C VAL B 264 0.95 -3.03 -35.96
N ASP B 265 1.43 -1.92 -36.54
CA ASP B 265 2.54 -1.88 -37.48
C ASP B 265 3.91 -1.88 -36.80
N PRO B 266 4.87 -2.73 -37.26
CA PRO B 266 6.23 -2.72 -36.69
C PRO B 266 6.92 -1.34 -36.72
N ASN B 267 6.63 -0.51 -37.75
CA ASN B 267 7.19 0.83 -37.89
C ASN B 267 6.48 1.84 -36.99
N GLY B 268 5.24 1.55 -36.60
CA GLY B 268 4.44 2.41 -35.73
C GLY B 268 3.51 3.37 -36.44
N SER B 269 2.99 2.98 -37.59
CA SER B 269 2.07 3.81 -38.39
C SER B 269 0.63 3.73 -37.85
N ARG B 270 0.25 2.57 -37.29
CA ARG B 270 -1.10 2.34 -36.77
C ARG B 270 -1.09 1.77 -35.36
N TYR B 271 -2.02 2.27 -34.52
CA TYR B 271 -2.20 1.86 -33.14
C TYR B 271 -3.65 1.58 -32.84
N LEU B 272 -3.91 0.50 -32.09
CA LEU B 272 -5.27 0.23 -31.62
C LEU B 272 -5.44 0.91 -30.26
N LEU B 273 -6.57 1.60 -30.04
CA LEU B 273 -6.86 2.27 -28.76
C LEU B 273 -8.21 1.83 -28.24
N GLY B 274 -8.21 1.28 -27.02
CA GLY B 274 -9.40 0.79 -26.33
C GLY B 274 -9.95 1.74 -25.28
N ASP B 275 -11.27 1.92 -25.28
CA ASP B 275 -12.10 2.76 -24.41
C ASP B 275 -12.59 2.05 -23.15
N MET B 276 -13.07 2.80 -22.14
CA MET B 276 -13.71 2.23 -20.95
C MET B 276 -15.11 1.71 -21.34
N GLU B 277 -15.70 2.28 -22.42
CA GLU B 277 -17.00 1.91 -22.95
C GLU B 277 -16.98 0.63 -23.78
N GLY B 278 -15.80 0.22 -24.24
CA GLY B 278 -15.63 -0.96 -25.09
C GLY B 278 -15.34 -0.63 -26.54
N ARG B 279 -15.42 0.68 -26.89
CA ARG B 279 -15.16 1.21 -28.25
C ARG B 279 -13.70 1.01 -28.65
N LEU B 280 -13.49 0.58 -29.89
CA LEU B 280 -12.18 0.32 -30.48
C LEU B 280 -11.84 1.42 -31.48
N PHE B 281 -10.64 1.97 -31.37
CA PHE B 281 -10.14 3.04 -32.23
C PHE B 281 -8.86 2.62 -32.93
N MET B 282 -8.56 3.32 -34.02
CA MET B 282 -7.34 3.20 -34.79
C MET B 282 -6.70 4.58 -34.82
N LEU B 283 -5.48 4.69 -34.28
CA LEU B 283 -4.66 5.90 -34.27
C LEU B 283 -3.71 5.78 -35.47
N LEU B 284 -3.79 6.75 -36.39
CA LEU B 284 -3.01 6.79 -37.63
C LEU B 284 -1.94 7.87 -37.60
N LEU B 285 -0.69 7.46 -37.84
CA LEU B 285 0.50 8.31 -37.88
C LEU B 285 0.93 8.46 -39.34
N GLU B 286 0.64 9.63 -39.93
CA GLU B 286 0.98 9.93 -41.33
C GLU B 286 2.50 10.08 -41.52
N LYS B 287 3.06 9.21 -42.36
CA LYS B 287 4.50 9.14 -42.68
C LYS B 287 4.91 10.30 -43.58
N GLU B 288 6.17 10.74 -43.46
CA GLU B 288 6.75 11.83 -44.23
C GLU B 288 8.22 11.49 -44.55
N GLU B 289 8.43 10.85 -45.70
CA GLU B 289 9.72 10.41 -46.22
C GLU B 289 10.56 11.62 -46.67
N GLN B 290 11.81 11.69 -46.18
CA GLN B 290 12.74 12.79 -46.48
C GLN B 290 13.88 12.34 -47.41
N MET B 291 14.48 13.31 -48.14
CA MET B 291 15.60 13.08 -49.07
C MET B 291 16.85 12.54 -48.37
N ASP B 292 17.01 12.86 -47.08
CA ASP B 292 18.10 12.44 -46.19
C ASP B 292 18.10 10.92 -45.92
N GLY B 293 16.94 10.28 -46.13
CA GLY B 293 16.73 8.85 -45.91
C GLY B 293 15.95 8.62 -44.64
N THR B 294 15.72 9.71 -43.89
CA THR B 294 14.99 9.77 -42.64
C THR B 294 13.47 9.94 -42.87
N VAL B 295 12.66 9.68 -41.84
CA VAL B 295 11.19 9.81 -41.88
C VAL B 295 10.66 10.63 -40.70
N THR B 296 9.66 11.49 -40.96
CA THR B 296 9.01 12.35 -39.95
C THR B 296 7.48 12.05 -39.89
N LEU B 297 6.75 12.80 -39.03
CA LEU B 297 5.30 12.65 -38.84
C LEU B 297 4.57 13.85 -39.47
N LYS B 298 3.72 13.59 -40.46
CA LYS B 298 2.96 14.65 -41.12
C LYS B 298 1.70 14.98 -40.34
N ASP B 299 0.89 13.96 -39.99
CA ASP B 299 -0.38 14.13 -39.29
C ASP B 299 -0.75 12.99 -38.33
N LEU B 300 -1.79 13.24 -37.50
CA LEU B 300 -2.40 12.30 -36.56
C LEU B 300 -3.89 12.28 -36.84
N ARG B 301 -4.48 11.08 -36.85
CA ARG B 301 -5.91 10.87 -37.12
C ARG B 301 -6.43 9.64 -36.39
N VAL B 302 -7.61 9.75 -35.74
CA VAL B 302 -8.23 8.62 -35.06
C VAL B 302 -9.54 8.23 -35.74
N GLU B 303 -9.73 6.92 -35.93
CA GLU B 303 -10.94 6.39 -36.54
C GLU B 303 -11.57 5.34 -35.66
N LEU B 304 -12.90 5.45 -35.47
CA LEU B 304 -13.68 4.48 -34.69
C LEU B 304 -13.87 3.21 -35.53
N LEU B 305 -13.42 2.07 -35.03
CA LEU B 305 -13.54 0.79 -35.74
C LEU B 305 -14.83 0.06 -35.39
N GLY B 306 -15.24 0.20 -34.14
CA GLY B 306 -16.45 -0.43 -33.62
C GLY B 306 -16.40 -0.67 -32.13
N GLU B 307 -17.02 -1.77 -31.70
CA GLU B 307 -17.16 -2.15 -30.30
C GLU B 307 -16.59 -3.55 -30.03
N THR B 308 -15.98 -3.71 -28.86
CA THR B 308 -15.43 -4.98 -28.37
C THR B 308 -15.82 -5.09 -26.89
N SER B 309 -15.34 -6.13 -26.18
CA SER B 309 -15.53 -6.23 -24.74
C SER B 309 -14.65 -5.10 -24.13
N ILE B 310 -15.02 -4.60 -22.93
CA ILE B 310 -14.22 -3.56 -22.28
C ILE B 310 -12.82 -4.16 -22.11
N ALA B 311 -11.84 -3.62 -22.85
CA ALA B 311 -10.49 -4.14 -22.90
C ALA B 311 -9.56 -3.65 -21.82
N GLU B 312 -8.78 -4.58 -21.28
CA GLU B 312 -7.73 -4.40 -20.30
C GLU B 312 -6.42 -4.32 -21.12
N CYS B 313 -6.31 -5.21 -22.13
CA CYS B 313 -5.19 -5.29 -23.05
C CYS B 313 -5.66 -5.69 -24.47
N LEU B 314 -5.18 -4.99 -25.50
CA LEU B 314 -5.46 -5.26 -26.92
C LEU B 314 -4.19 -5.86 -27.52
N THR B 315 -4.33 -6.86 -28.38
CA THR B 315 -3.17 -7.51 -29.00
C THR B 315 -3.44 -7.93 -30.44
N TYR B 316 -2.76 -7.28 -31.41
CA TYR B 316 -2.86 -7.68 -32.80
C TYR B 316 -2.07 -8.99 -32.92
N LEU B 317 -2.66 -10.01 -33.53
CA LEU B 317 -2.01 -11.31 -33.70
C LEU B 317 -1.49 -11.48 -35.14
N ASP B 318 -2.41 -11.56 -36.12
CA ASP B 318 -2.07 -11.69 -37.54
C ASP B 318 -3.32 -11.64 -38.37
N ASN B 319 -3.16 -11.22 -39.64
CA ASN B 319 -4.18 -11.19 -40.69
C ASN B 319 -5.50 -10.54 -40.28
N GLY B 320 -5.37 -9.40 -39.61
CA GLY B 320 -6.52 -8.63 -39.13
C GLY B 320 -7.16 -9.16 -37.87
N VAL B 321 -6.61 -10.25 -37.31
CA VAL B 321 -7.12 -10.88 -36.08
C VAL B 321 -6.48 -10.24 -34.84
N VAL B 322 -7.33 -9.75 -33.93
CA VAL B 322 -6.94 -9.09 -32.69
C VAL B 322 -7.50 -9.82 -31.48
N PHE B 323 -6.66 -9.99 -30.45
CA PHE B 323 -7.04 -10.56 -29.16
C PHE B 323 -7.44 -9.39 -28.28
N VAL B 324 -8.66 -9.47 -27.73
CA VAL B 324 -9.22 -8.47 -26.82
C VAL B 324 -9.21 -9.10 -25.43
N GLY B 325 -8.20 -8.76 -24.63
CA GLY B 325 -8.07 -9.25 -23.26
C GLY B 325 -8.92 -8.43 -22.33
N SER B 326 -9.87 -9.08 -21.67
CA SER B 326 -10.81 -8.40 -20.80
C SER B 326 -10.78 -8.87 -19.35
N ARG B 327 -10.97 -7.90 -18.42
CA ARG B 327 -11.05 -8.27 -17.01
C ARG B 327 -12.46 -7.98 -16.43
N LEU B 328 -13.24 -7.11 -17.09
CA LEU B 328 -14.59 -6.79 -16.65
C LEU B 328 -15.65 -7.55 -17.45
N GLY B 329 -15.21 -8.32 -18.42
CA GLY B 329 -16.08 -9.13 -19.25
C GLY B 329 -15.35 -10.28 -19.91
N ASP B 330 -16.01 -10.90 -20.88
CA ASP B 330 -15.43 -12.01 -21.63
C ASP B 330 -14.33 -11.52 -22.54
N SER B 331 -13.28 -12.33 -22.72
CA SER B 331 -12.22 -11.98 -23.67
C SER B 331 -12.70 -12.38 -25.08
N GLN B 332 -12.09 -11.84 -26.14
CA GLN B 332 -12.50 -12.15 -27.51
C GLN B 332 -11.34 -12.24 -28.47
N LEU B 333 -11.61 -12.88 -29.61
CA LEU B 333 -10.80 -12.93 -30.80
C LEU B 333 -11.68 -12.14 -31.77
N VAL B 334 -11.17 -11.06 -32.33
CA VAL B 334 -11.95 -10.23 -33.25
C VAL B 334 -11.24 -10.11 -34.61
N LYS B 335 -12.02 -9.80 -35.65
CA LYS B 335 -11.53 -9.63 -36.99
C LYS B 335 -11.74 -8.19 -37.44
N LEU B 336 -10.65 -7.56 -37.91
CA LEU B 336 -10.69 -6.22 -38.47
C LEU B 336 -10.87 -6.35 -39.98
N ASN B 337 -12.06 -5.99 -40.47
CA ASN B 337 -12.44 -6.06 -41.88
C ASN B 337 -12.41 -4.68 -42.49
N VAL B 338 -11.98 -4.62 -43.76
CA VAL B 338 -11.86 -3.39 -44.56
C VAL B 338 -13.24 -2.79 -44.85
N ASP B 339 -14.26 -3.66 -45.03
CA ASP B 339 -15.65 -3.26 -45.29
C ASP B 339 -16.47 -3.29 -44.00
N SER B 340 -17.28 -2.23 -43.75
CA SER B 340 -18.13 -2.13 -42.55
C SER B 340 -19.52 -2.67 -42.81
N ASN B 341 -20.13 -3.31 -41.78
CA ASN B 341 -21.47 -3.89 -41.86
C ASN B 341 -22.60 -2.83 -41.89
N GLU B 342 -23.87 -3.28 -41.86
CA GLU B 342 -25.08 -2.44 -41.86
C GLU B 342 -25.08 -1.42 -40.70
N GLN B 343 -24.46 -1.78 -39.55
CA GLN B 343 -24.32 -0.93 -38.38
C GLN B 343 -23.28 0.17 -38.65
N GLY B 344 -22.19 -0.21 -39.33
CA GLY B 344 -21.07 0.68 -39.67
C GLY B 344 -19.79 0.31 -38.95
N SER B 345 -19.71 -0.95 -38.48
CA SER B 345 -18.61 -1.52 -37.74
C SER B 345 -17.67 -2.35 -38.62
N TYR B 346 -16.36 -2.11 -38.47
CA TYR B 346 -15.29 -2.82 -39.16
C TYR B 346 -14.79 -4.03 -38.36
N VAL B 347 -15.26 -4.18 -37.12
CA VAL B 347 -14.87 -5.25 -36.21
C VAL B 347 -15.97 -6.33 -36.12
N VAL B 348 -15.57 -7.62 -36.20
CA VAL B 348 -16.47 -8.78 -36.16
C VAL B 348 -15.91 -9.83 -35.19
N ALA B 349 -16.72 -10.23 -34.18
CA ALA B 349 -16.30 -11.21 -33.17
C ALA B 349 -16.21 -12.63 -33.75
N MET B 350 -15.07 -13.28 -33.51
CA MET B 350 -14.76 -14.64 -33.98
C MET B 350 -15.00 -15.67 -32.90
N GLU B 351 -14.54 -15.38 -31.67
CA GLU B 351 -14.66 -16.27 -30.53
C GLU B 351 -14.83 -15.44 -29.27
N THR B 352 -15.49 -16.03 -28.27
CA THR B 352 -15.72 -15.43 -26.96
C THR B 352 -15.15 -16.41 -25.95
N PHE B 353 -14.37 -15.89 -24.98
CA PHE B 353 -13.76 -16.67 -23.91
C PHE B 353 -14.36 -16.25 -22.58
N THR B 354 -14.84 -17.23 -21.80
CA THR B 354 -15.49 -17.02 -20.49
C THR B 354 -14.61 -16.34 -19.46
N ASN B 355 -15.19 -15.32 -18.81
CA ASN B 355 -14.65 -14.60 -17.67
C ASN B 355 -15.81 -14.40 -16.71
N LEU B 356 -15.68 -14.98 -15.50
CA LEU B 356 -16.66 -14.87 -14.43
C LEU B 356 -16.43 -13.61 -13.63
N GLY B 357 -15.22 -13.10 -13.72
CA GLY B 357 -14.81 -11.95 -12.95
C GLY B 357 -15.14 -10.60 -13.56
N PRO B 358 -15.30 -9.57 -12.71
CA PRO B 358 -15.30 -9.63 -11.23
C PRO B 358 -16.60 -10.24 -10.67
N ILE B 359 -16.49 -11.11 -9.64
CA ILE B 359 -17.64 -11.68 -8.93
C ILE B 359 -17.87 -10.73 -7.76
N VAL B 360 -19.01 -9.98 -7.78
CA VAL B 360 -19.34 -8.98 -6.77
C VAL B 360 -20.26 -9.52 -5.67
N ASP B 361 -21.03 -10.55 -6.02
CA ASP B 361 -21.93 -11.29 -5.14
C ASP B 361 -22.27 -12.62 -5.78
N MET B 362 -22.67 -13.60 -4.96
CA MET B 362 -23.05 -14.92 -5.39
C MET B 362 -23.91 -15.58 -4.32
N CYS B 363 -24.72 -16.58 -4.72
CA CYS B 363 -25.53 -17.38 -3.81
C CYS B 363 -25.56 -18.83 -4.27
N VAL B 364 -25.72 -19.77 -3.32
CA VAL B 364 -25.77 -21.22 -3.59
C VAL B 364 -27.24 -21.69 -3.51
N VAL B 365 -27.73 -22.31 -4.61
CA VAL B 365 -29.13 -22.75 -4.78
C VAL B 365 -29.18 -24.13 -5.45
N ASP B 366 -30.14 -24.97 -5.02
CA ASP B 366 -30.44 -26.27 -5.61
C ASP B 366 -31.49 -25.97 -6.72
N LEU B 367 -31.02 -25.48 -7.87
CA LEU B 367 -31.88 -25.05 -8.99
C LEU B 367 -32.57 -26.20 -9.72
N GLU B 368 -31.80 -26.99 -10.49
CA GLU B 368 -32.33 -28.12 -11.24
C GLU B 368 -31.95 -29.37 -10.44
N ARG B 369 -32.95 -29.92 -9.69
CA ARG B 369 -32.83 -31.07 -8.78
C ARG B 369 -32.24 -30.67 -7.42
N GLN B 370 -32.75 -31.29 -6.34
CA GLN B 370 -32.32 -30.98 -4.97
C GLN B 370 -31.17 -31.85 -4.48
N GLY B 371 -30.26 -31.21 -3.75
CA GLY B 371 -29.06 -31.81 -3.19
C GLY B 371 -27.82 -31.44 -3.95
N GLN B 372 -27.99 -31.19 -5.28
CA GLN B 372 -26.95 -30.77 -6.21
C GLN B 372 -26.93 -29.24 -6.22
N GLY B 373 -25.88 -28.67 -5.64
CA GLY B 373 -25.72 -27.23 -5.51
C GLY B 373 -25.29 -26.51 -6.77
N GLN B 374 -25.81 -25.29 -6.96
CA GLN B 374 -25.47 -24.43 -8.09
C GLN B 374 -25.16 -23.01 -7.60
N LEU B 375 -24.08 -22.41 -8.12
CA LEU B 375 -23.67 -21.06 -7.80
C LEU B 375 -24.31 -20.09 -8.77
N VAL B 376 -24.91 -19.00 -8.29
CA VAL B 376 -25.51 -17.97 -9.13
C VAL B 376 -24.79 -16.67 -8.75
N THR B 377 -23.89 -16.22 -9.64
CA THR B 377 -23.08 -15.03 -9.39
C THR B 377 -23.55 -13.78 -10.13
N CYS B 378 -23.11 -12.62 -9.62
CA CYS B 378 -23.24 -11.30 -10.20
C CYS B 378 -21.84 -11.10 -10.79
N SER B 379 -21.74 -11.06 -12.13
CA SER B 379 -20.47 -10.99 -12.85
C SER B 379 -20.33 -9.77 -13.73
N GLY B 380 -19.08 -9.36 -13.94
CA GLY B 380 -18.71 -8.23 -14.78
C GLY B 380 -19.23 -6.90 -14.28
N ALA B 381 -19.12 -5.89 -15.13
CA ALA B 381 -19.55 -4.53 -14.85
C ALA B 381 -19.97 -3.84 -16.15
N PHE B 382 -20.84 -2.82 -16.02
CA PHE B 382 -21.36 -2.00 -17.12
C PHE B 382 -21.93 -2.89 -18.25
N LYS B 383 -21.77 -2.54 -19.55
CA LYS B 383 -22.28 -3.34 -20.67
C LYS B 383 -21.90 -4.86 -20.65
N GLU B 384 -20.91 -5.24 -19.82
CA GLU B 384 -20.39 -6.60 -19.68
C GLU B 384 -20.99 -7.36 -18.52
N GLY B 385 -21.89 -6.68 -17.78
CA GLY B 385 -22.59 -7.22 -16.63
C GLY B 385 -23.47 -8.40 -16.97
N SER B 386 -23.37 -9.46 -16.16
CA SER B 386 -24.09 -10.71 -16.41
C SER B 386 -24.34 -11.52 -15.14
N LEU B 387 -25.14 -12.57 -15.27
CA LEU B 387 -25.33 -13.55 -14.23
C LEU B 387 -24.70 -14.84 -14.75
N ARG B 388 -23.96 -15.54 -13.91
CA ARG B 388 -23.32 -16.80 -14.25
C ARG B 388 -23.85 -17.87 -13.33
N ILE B 389 -24.41 -18.94 -13.90
CA ILE B 389 -24.93 -20.10 -13.17
C ILE B 389 -23.87 -21.18 -13.35
N ILE B 390 -23.19 -21.53 -12.25
CA ILE B 390 -22.11 -22.51 -12.23
C ILE B 390 -22.53 -23.78 -11.48
N ARG B 391 -22.14 -24.94 -12.00
CA ARG B 391 -22.44 -26.25 -11.42
C ARG B 391 -21.40 -27.30 -11.78
N ASN B 392 -21.24 -28.30 -10.91
CA ASN B 392 -20.38 -29.45 -11.14
C ASN B 392 -21.30 -30.38 -11.93
N GLY B 393 -21.12 -30.40 -13.25
CA GLY B 393 -21.97 -31.19 -14.13
C GLY B 393 -21.39 -32.51 -14.56
N ILE B 394 -22.07 -33.60 -14.18
CA ILE B 394 -21.64 -34.95 -14.53
C ILE B 394 -22.06 -35.28 -15.99
N GLY B 395 -21.10 -35.09 -16.90
CA GLY B 395 -21.30 -35.32 -18.34
C GLY B 395 -21.38 -34.03 -19.13
N LYS B 405 -16.09 -30.88 -16.67
CA LYS B 405 -15.95 -30.68 -15.24
C LYS B 405 -16.98 -29.65 -14.71
N LEU B 406 -16.70 -28.33 -14.85
CA LEU B 406 -17.61 -27.25 -14.45
C LEU B 406 -18.42 -26.79 -15.66
N HIS B 407 -19.71 -26.47 -15.43
CA HIS B 407 -20.60 -25.98 -16.48
CA HIS B 407 -20.62 -26.00 -16.47
C HIS B 407 -21.10 -24.59 -16.14
N ILE B 408 -20.96 -23.64 -17.09
CA ILE B 408 -21.35 -22.24 -16.89
C ILE B 408 -22.40 -21.75 -17.89
N ARG B 409 -23.51 -21.19 -17.37
CA ARG B 409 -24.57 -20.58 -18.16
C ARG B 409 -24.50 -19.06 -17.97
N THR B 410 -24.45 -18.32 -19.07
CA THR B 410 -24.33 -16.87 -19.08
C THR B 410 -25.66 -16.17 -19.37
N VAL B 411 -26.02 -15.25 -18.49
CA VAL B 411 -27.24 -14.43 -18.62
C VAL B 411 -26.78 -12.97 -18.76
N PRO B 412 -26.69 -12.44 -19.99
CA PRO B 412 -26.24 -11.06 -20.16
C PRO B 412 -27.25 -10.03 -19.66
N LEU B 413 -26.79 -9.01 -18.96
CA LEU B 413 -27.72 -7.99 -18.43
C LEU B 413 -27.52 -6.64 -19.10
N TYR B 414 -26.30 -6.38 -19.62
CA TYR B 414 -25.87 -5.16 -20.30
C TYR B 414 -25.89 -3.94 -19.34
N GLU B 415 -25.66 -4.24 -18.05
CA GLU B 415 -25.58 -3.31 -16.91
C GLU B 415 -24.93 -4.03 -15.73
N SER B 416 -24.46 -3.26 -14.75
CA SER B 416 -23.78 -3.77 -13.56
C SER B 416 -24.66 -4.53 -12.53
N PRO B 417 -24.50 -5.88 -12.39
CA PRO B 417 -25.21 -6.57 -11.31
C PRO B 417 -24.45 -6.30 -10.00
N ARG B 418 -25.18 -6.07 -8.89
CA ARG B 418 -24.58 -5.72 -7.61
C ARG B 418 -24.84 -6.74 -6.51
N LYS B 419 -26.12 -7.03 -6.22
CA LYS B 419 -26.51 -7.99 -5.20
C LYS B 419 -27.45 -9.05 -5.76
N ILE B 420 -27.41 -10.25 -5.16
CA ILE B 420 -28.24 -11.39 -5.53
C ILE B 420 -28.74 -12.17 -4.28
N CYS B 421 -29.98 -12.61 -4.33
CA CYS B 421 -30.65 -13.42 -3.33
C CYS B 421 -31.69 -14.28 -4.03
N TYR B 422 -32.06 -15.38 -3.43
CA TYR B 422 -33.05 -16.27 -4.01
C TYR B 422 -34.30 -16.29 -3.13
N GLN B 423 -35.48 -16.29 -3.75
CA GLN B 423 -36.77 -16.38 -3.08
C GLN B 423 -37.50 -17.61 -3.62
N GLU B 424 -37.29 -18.76 -2.94
CA GLU B 424 -37.84 -20.08 -3.29
C GLU B 424 -39.37 -20.13 -3.44
N VAL B 425 -40.11 -19.44 -2.56
CA VAL B 425 -41.59 -19.39 -2.56
C VAL B 425 -42.13 -18.71 -3.83
N SER B 426 -41.36 -17.75 -4.35
CA SER B 426 -41.67 -16.98 -5.55
C SER B 426 -41.00 -17.62 -6.79
N GLN B 427 -40.05 -18.58 -6.57
CA GLN B 427 -39.26 -19.31 -7.57
C GLN B 427 -38.50 -18.31 -8.46
N CYS B 428 -37.83 -17.35 -7.83
CA CYS B 428 -37.11 -16.31 -8.57
C CYS B 428 -35.91 -15.72 -7.81
N PHE B 429 -35.11 -14.94 -8.54
CA PHE B 429 -33.95 -14.24 -7.99
C PHE B 429 -34.23 -12.76 -7.92
N GLY B 430 -33.79 -12.15 -6.84
CA GLY B 430 -33.86 -10.72 -6.64
C GLY B 430 -32.47 -10.21 -6.87
N VAL B 431 -32.29 -9.38 -7.91
CA VAL B 431 -30.98 -8.86 -8.29
C VAL B 431 -30.96 -7.32 -8.30
N LEU B 432 -29.96 -6.72 -7.65
CA LEU B 432 -29.78 -5.27 -7.68
C LEU B 432 -28.90 -4.94 -8.91
N SER B 433 -29.29 -3.93 -9.66
CA SER B 433 -28.53 -3.53 -10.84
C SER B 433 -28.44 -2.04 -10.95
N SER B 434 -27.39 -1.58 -11.62
CA SER B 434 -27.08 -0.19 -11.86
C SER B 434 -26.86 0.01 -13.35
N ARG B 435 -27.46 1.05 -13.93
CA ARG B 435 -27.24 1.39 -15.34
C ARG B 435 -26.77 2.85 -15.48
N ILE B 436 -25.86 3.10 -16.42
CA ILE B 436 -25.37 4.47 -16.62
C ILE B 436 -26.27 5.17 -17.61
N GLU B 437 -26.69 6.39 -17.25
CA GLU B 437 -27.54 7.25 -18.06
C GLU B 437 -26.91 8.63 -18.14
N VAL B 438 -26.85 9.20 -19.35
CA VAL B 438 -26.27 10.52 -19.59
C VAL B 438 -27.35 11.54 -19.86
N GLN B 439 -27.26 12.73 -19.24
CA GLN B 439 -28.23 13.82 -19.43
C GLN B 439 -28.02 14.49 -20.79
N ASP B 440 -29.14 14.75 -21.49
CA ASP B 440 -29.17 15.41 -22.80
C ASP B 440 -29.66 16.86 -22.64
N THR B 441 -30.06 17.52 -23.76
CA THR B 441 -30.60 18.89 -23.80
C THR B 441 -32.11 18.88 -23.46
N SER B 442 -32.65 17.68 -23.17
CA SER B 442 -34.04 17.40 -22.81
C SER B 442 -34.34 17.61 -21.32
N GLY B 443 -33.28 17.55 -20.50
CA GLY B 443 -33.37 17.67 -19.04
C GLY B 443 -33.33 16.30 -18.38
N GLY B 444 -34.04 15.35 -18.98
CA GLY B 444 -34.11 13.96 -18.53
C GLY B 444 -32.96 13.14 -19.09
N THR B 445 -32.49 12.16 -18.31
CA THR B 445 -31.38 11.29 -18.69
C THR B 445 -31.84 10.16 -19.63
N THR B 446 -30.97 9.78 -20.59
CA THR B 446 -31.25 8.72 -21.56
C THR B 446 -30.25 7.58 -21.45
N ALA B 447 -30.74 6.33 -21.56
CA ALA B 447 -29.92 5.12 -21.49
C ALA B 447 -29.11 4.95 -22.77
N LEU B 448 -27.81 4.64 -22.62
CA LEU B 448 -26.85 4.46 -23.72
C LEU B 448 -27.24 3.28 -24.63
N ARG B 449 -27.63 2.15 -24.01
CA ARG B 449 -28.01 0.92 -24.70
C ARG B 449 -29.17 0.22 -23.94
N PRO B 450 -29.99 -0.65 -24.59
CA PRO B 450 -31.03 -1.36 -23.83
C PRO B 450 -30.39 -2.37 -22.88
N SER B 451 -30.97 -2.53 -21.69
CA SER B 451 -30.45 -3.45 -20.66
C SER B 451 -31.59 -4.20 -19.98
N ALA B 452 -31.24 -5.11 -19.04
CA ALA B 452 -32.18 -5.94 -18.26
C ALA B 452 -33.28 -5.13 -17.57
N SER B 453 -32.97 -3.92 -17.09
CA SER B 453 -33.92 -3.04 -16.40
C SER B 453 -34.88 -2.29 -17.33
N THR B 454 -34.53 -2.14 -18.63
CA THR B 454 -35.35 -1.44 -19.62
C THR B 454 -36.17 -2.39 -20.51
N GLN B 455 -35.78 -3.68 -20.57
CA GLN B 455 -36.44 -4.69 -21.41
C GLN B 455 -37.34 -5.66 -20.62
N ALA B 456 -37.53 -5.43 -19.30
CA ALA B 456 -38.38 -6.27 -18.45
C ALA B 456 -39.84 -6.31 -18.91
N LEU B 457 -40.51 -7.46 -18.67
CA LEU B 457 -41.92 -7.68 -19.03
C LEU B 457 -42.83 -6.65 -18.36
N SER B 458 -42.72 -6.50 -17.01
CA SER B 458 -43.46 -5.51 -16.24
C SER B 458 -42.47 -4.60 -15.50
N SER B 459 -42.82 -3.31 -15.36
CA SER B 459 -41.94 -2.32 -14.73
C SER B 459 -42.67 -1.40 -13.75
N SER B 460 -41.94 -0.90 -12.74
CA SER B 460 -42.44 0.04 -11.73
C SER B 460 -41.37 1.04 -11.31
N VAL B 461 -41.79 2.26 -10.94
CA VAL B 461 -40.91 3.34 -10.48
C VAL B 461 -41.26 3.62 -9.01
N SER B 462 -40.28 4.06 -8.21
CA SER B 462 -40.49 4.37 -6.79
C SER B 462 -41.32 5.64 -6.66
N SER B 463 -42.54 5.51 -6.11
CA SER B 463 -43.48 6.61 -5.91
C SER B 463 -43.42 7.14 -4.47
N SER B 464 -42.26 6.95 -3.79
CA SER B 464 -41.98 7.40 -2.44
C SER B 464 -41.84 8.92 -2.39
N LYS B 465 -42.41 9.57 -1.36
CA LYS B 465 -42.38 11.02 -1.19
C LYS B 465 -41.46 11.48 -0.04
N LEU B 466 -40.84 10.50 0.68
CA LEU B 466 -39.97 10.68 1.84
C LEU B 466 -38.97 11.84 1.74
N PHE B 467 -38.34 12.02 0.55
CA PHE B 467 -37.36 13.09 0.31
C PHE B 467 -37.97 14.23 -0.53
N SER B 468 -39.00 14.88 0.07
CA SER B 468 -39.82 15.97 -0.48
C SER B 468 -39.06 17.21 -0.98
N SER B 469 -38.00 17.63 -0.27
CA SER B 469 -37.21 18.82 -0.61
C SER B 469 -35.78 18.45 -0.96
N THR B 476 -28.86 18.28 -11.22
CA THR B 476 -28.33 17.53 -12.36
C THR B 476 -27.41 18.39 -13.26
N SER B 477 -26.52 17.74 -14.03
CA SER B 477 -25.57 18.38 -14.94
C SER B 477 -25.53 17.67 -16.31
N PHE B 478 -25.34 18.45 -17.42
CA PHE B 478 -25.27 17.90 -18.78
C PHE B 478 -23.96 17.18 -19.05
N GLY B 479 -24.06 16.01 -19.68
CA GLY B 479 -22.94 15.17 -20.03
C GLY B 479 -22.52 14.24 -18.90
N GLU B 480 -22.83 14.63 -17.65
CA GLU B 480 -22.51 13.91 -16.42
C GLU B 480 -23.17 12.53 -16.40
N GLU B 481 -22.38 11.49 -16.08
CA GLU B 481 -22.85 10.12 -16.00
C GLU B 481 -23.56 9.90 -14.67
N VAL B 482 -24.82 9.45 -14.72
CA VAL B 482 -25.59 9.15 -13.51
C VAL B 482 -25.94 7.66 -13.46
N GLU B 483 -26.03 7.11 -12.24
CA GLU B 483 -26.37 5.72 -12.00
C GLU B 483 -27.85 5.59 -11.66
N VAL B 484 -28.53 4.68 -12.38
CA VAL B 484 -29.94 4.38 -12.21
C VAL B 484 -30.01 2.98 -11.58
N HIS B 485 -30.43 2.92 -10.32
CA HIS B 485 -30.52 1.66 -9.59
C HIS B 485 -31.91 1.02 -9.67
N ASN B 486 -31.94 -0.32 -9.89
CA ASN B 486 -33.16 -1.13 -10.02
C ASN B 486 -33.07 -2.44 -9.26
N LEU B 487 -34.24 -2.95 -8.84
CA LEU B 487 -34.38 -4.27 -8.23
C LEU B 487 -35.07 -5.08 -9.32
N LEU B 488 -34.34 -6.07 -9.83
CA LEU B 488 -34.77 -6.96 -10.89
C LEU B 488 -35.24 -8.27 -10.30
N ILE B 489 -36.39 -8.74 -10.78
CA ILE B 489 -37.01 -10.00 -10.37
C ILE B 489 -36.82 -10.92 -11.55
N ILE B 490 -35.93 -11.91 -11.40
CA ILE B 490 -35.52 -12.82 -12.46
C ILE B 490 -36.03 -14.25 -12.25
N ASP B 491 -36.65 -14.84 -13.28
CA ASP B 491 -37.15 -16.22 -13.25
C ASP B 491 -35.99 -17.21 -13.06
N GLN B 492 -36.17 -18.24 -12.21
CA GLN B 492 -35.12 -19.23 -11.97
C GLN B 492 -34.90 -20.21 -13.12
N HIS B 493 -35.90 -20.39 -14.02
CA HIS B 493 -35.77 -21.32 -15.14
C HIS B 493 -35.29 -20.65 -16.43
N THR B 494 -36.03 -19.62 -16.88
CA THR B 494 -35.75 -18.89 -18.12
C THR B 494 -34.70 -17.80 -17.97
N PHE B 495 -34.54 -17.27 -16.74
CA PHE B 495 -33.65 -16.18 -16.39
C PHE B 495 -34.03 -14.88 -17.10
N GLU B 496 -35.34 -14.76 -17.38
CA GLU B 496 -35.97 -13.59 -17.98
C GLU B 496 -36.25 -12.62 -16.82
N VAL B 497 -36.25 -11.32 -17.12
CA VAL B 497 -36.52 -10.32 -16.10
C VAL B 497 -38.03 -10.12 -16.08
N LEU B 498 -38.69 -10.68 -15.05
CA LEU B 498 -40.15 -10.59 -14.86
C LEU B 498 -40.56 -9.19 -14.45
N HIS B 499 -39.76 -8.56 -13.57
CA HIS B 499 -40.07 -7.23 -13.08
C HIS B 499 -38.83 -6.40 -12.83
N ALA B 500 -38.93 -5.08 -13.00
CA ALA B 500 -37.85 -4.13 -12.77
C ALA B 500 -38.40 -2.94 -11.98
N HIS B 501 -37.95 -2.80 -10.72
CA HIS B 501 -38.40 -1.69 -9.88
C HIS B 501 -37.32 -0.63 -9.78
N GLN B 502 -37.55 0.52 -10.42
CA GLN B 502 -36.63 1.65 -10.41
C GLN B 502 -36.74 2.44 -9.12
N PHE B 503 -35.63 2.56 -8.38
CA PHE B 503 -35.56 3.32 -7.14
C PHE B 503 -35.57 4.84 -7.44
N LEU B 504 -35.66 5.69 -6.39
CA LEU B 504 -35.70 7.16 -6.52
C LEU B 504 -34.51 7.74 -7.31
N GLN B 505 -34.68 8.97 -7.82
CA GLN B 505 -33.64 9.70 -8.54
C GLN B 505 -32.52 9.94 -7.54
N ASN B 506 -31.28 9.56 -7.92
CA ASN B 506 -30.05 9.68 -7.11
C ASN B 506 -29.98 8.64 -5.97
N GLU B 507 -30.94 7.69 -5.91
CA GLU B 507 -30.97 6.62 -4.91
C GLU B 507 -30.17 5.42 -5.41
N TYR B 508 -29.25 4.92 -4.56
CA TYR B 508 -28.38 3.78 -4.82
C TYR B 508 -28.79 2.58 -3.94
N ALA B 509 -29.20 1.47 -4.57
CA ALA B 509 -29.56 0.24 -3.86
C ALA B 509 -28.25 -0.46 -3.48
N LEU B 510 -28.01 -0.66 -2.18
CA LEU B 510 -26.75 -1.24 -1.72
C LEU B 510 -26.82 -2.66 -1.19
N SER B 511 -27.81 -2.94 -0.35
CA SER B 511 -27.98 -4.26 0.26
C SER B 511 -29.30 -4.89 -0.12
N LEU B 512 -29.34 -6.21 -0.04
CA LEU B 512 -30.53 -6.99 -0.41
C LEU B 512 -30.64 -8.27 0.43
N VAL B 513 -31.86 -8.55 0.90
CA VAL B 513 -32.16 -9.77 1.64
C VAL B 513 -33.57 -10.29 1.26
N SER B 514 -33.75 -11.62 1.30
CA SER B 514 -35.02 -12.29 1.04
C SER B 514 -35.34 -13.15 2.28
N CYS B 515 -36.40 -12.78 3.04
CA CYS B 515 -36.76 -13.46 4.30
C CYS B 515 -38.19 -13.18 4.80
N LYS B 516 -38.59 -13.92 5.85
CA LYS B 516 -39.83 -13.77 6.61
C LYS B 516 -39.44 -13.09 7.93
N LEU B 517 -40.19 -12.05 8.34
CA LEU B 517 -39.90 -11.31 9.58
C LEU B 517 -41.03 -11.40 10.59
N GLY B 518 -40.66 -11.57 11.85
CA GLY B 518 -41.57 -11.66 12.98
C GLY B 518 -42.52 -12.83 12.86
N LYS B 519 -43.83 -12.57 13.07
CA LYS B 519 -44.89 -13.57 12.97
C LYS B 519 -45.58 -13.54 11.58
N ASP B 520 -45.09 -12.65 10.68
CA ASP B 520 -45.60 -12.47 9.32
C ASP B 520 -45.35 -13.72 8.45
N PRO B 521 -46.41 -14.38 7.93
CA PRO B 521 -46.20 -15.58 7.11
C PRO B 521 -45.68 -15.33 5.67
N ASN B 522 -45.51 -14.05 5.28
CA ASN B 522 -45.04 -13.68 3.93
C ASN B 522 -43.53 -13.48 3.84
N THR B 523 -42.93 -13.95 2.74
CA THR B 523 -41.50 -13.76 2.45
C THR B 523 -41.38 -12.45 1.66
N TYR B 524 -40.46 -11.58 2.07
CA TYR B 524 -40.26 -10.28 1.44
C TYR B 524 -38.88 -10.11 0.84
N PHE B 525 -38.75 -9.15 -0.09
CA PHE B 525 -37.49 -8.69 -0.67
C PHE B 525 -37.22 -7.35 0.05
N ILE B 526 -36.15 -7.29 0.85
CA ILE B 526 -35.81 -6.08 1.60
C ILE B 526 -34.54 -5.44 0.99
N VAL B 527 -34.61 -4.13 0.66
CA VAL B 527 -33.55 -3.35 0.03
C VAL B 527 -33.11 -2.15 0.90
N GLY B 528 -31.82 -2.10 1.17
CA GLY B 528 -31.17 -1.00 1.89
C GLY B 528 -30.53 -0.06 0.88
N THR B 529 -30.98 1.19 0.90
CA THR B 529 -30.53 2.21 -0.05
C THR B 529 -29.71 3.35 0.59
N ALA B 530 -29.24 4.28 -0.26
CA ALA B 530 -28.50 5.48 0.10
C ALA B 530 -28.75 6.54 -0.95
N MET B 531 -28.95 7.79 -0.51
CA MET B 531 -29.17 8.91 -1.43
C MET B 531 -27.81 9.51 -1.78
N VAL B 532 -27.48 9.55 -3.07
CA VAL B 532 -26.20 10.03 -3.61
C VAL B 532 -26.46 11.25 -4.49
N TYR B 533 -26.44 12.45 -3.88
CA TYR B 533 -26.68 13.71 -4.58
C TYR B 533 -25.36 14.28 -5.14
N PRO B 534 -25.34 14.94 -6.33
CA PRO B 534 -24.08 15.50 -6.85
C PRO B 534 -23.43 16.58 -5.98
N GLU B 535 -24.26 17.27 -5.17
CA GLU B 535 -23.89 18.34 -4.24
C GLU B 535 -22.97 17.88 -3.11
N GLU B 536 -23.28 16.72 -2.47
CA GLU B 536 -22.53 16.17 -1.34
C GLU B 536 -21.94 14.78 -1.64
N ALA B 537 -20.69 14.56 -1.23
CA ALA B 537 -19.96 13.30 -1.42
C ALA B 537 -20.19 12.28 -0.28
N GLU B 538 -20.86 12.70 0.82
CA GLU B 538 -21.12 11.84 1.98
C GLU B 538 -22.55 11.28 2.06
N PRO B 539 -22.72 9.98 2.40
CA PRO B 539 -24.10 9.44 2.53
C PRO B 539 -24.70 9.82 3.88
N LYS B 540 -25.69 10.72 3.87
CA LYS B 540 -26.34 11.22 5.09
C LYS B 540 -27.80 10.76 5.24
N GLN B 541 -28.37 10.13 4.20
CA GLN B 541 -29.75 9.63 4.23
C GLN B 541 -29.99 8.48 3.27
N GLY B 542 -30.73 7.49 3.74
CA GLY B 542 -31.11 6.31 2.97
C GLY B 542 -32.51 5.84 3.34
N ARG B 543 -32.83 4.61 2.95
CA ARG B 543 -34.12 3.95 3.24
C ARG B 543 -33.91 2.46 3.31
N ILE B 544 -34.79 1.78 4.02
CA ILE B 544 -34.88 0.33 4.09
C ILE B 544 -36.28 0.09 3.54
N VAL B 545 -36.37 -0.52 2.35
CA VAL B 545 -37.64 -0.75 1.66
C VAL B 545 -38.00 -2.23 1.63
N VAL B 546 -39.25 -2.52 2.07
CA VAL B 546 -39.80 -3.88 2.13
C VAL B 546 -40.79 -4.09 0.96
N PHE B 547 -40.46 -5.02 0.04
CA PHE B 547 -41.26 -5.36 -1.14
C PHE B 547 -41.74 -6.80 -1.06
N GLN B 548 -42.89 -7.09 -1.68
CA GLN B 548 -43.39 -8.45 -1.78
C GLN B 548 -43.70 -8.75 -3.23
N TYR B 549 -43.17 -9.87 -3.76
CA TYR B 549 -43.45 -10.27 -5.12
C TYR B 549 -44.49 -11.40 -5.10
N SER B 550 -45.72 -11.10 -5.54
CA SER B 550 -46.82 -12.06 -5.55
C SER B 550 -47.05 -12.67 -6.95
N ASP B 551 -48.32 -12.92 -7.35
CA ASP B 551 -48.68 -13.51 -8.64
C ASP B 551 -48.36 -12.57 -9.83
N GLY B 552 -47.07 -12.43 -10.15
CA GLY B 552 -46.56 -11.61 -11.23
C GLY B 552 -46.22 -10.18 -10.89
N LYS B 553 -46.90 -9.61 -9.87
CA LYS B 553 -46.70 -8.22 -9.46
C LYS B 553 -45.86 -8.04 -8.18
N LEU B 554 -45.07 -6.95 -8.13
CA LEU B 554 -44.23 -6.55 -6.99
C LEU B 554 -44.85 -5.31 -6.35
N GLN B 555 -45.07 -5.38 -5.04
CA GLN B 555 -45.67 -4.28 -4.30
C GLN B 555 -44.82 -3.82 -3.14
N THR B 556 -44.82 -2.51 -2.90
CA THR B 556 -44.09 -1.90 -1.79
C THR B 556 -44.98 -2.06 -0.54
N VAL B 557 -44.42 -2.68 0.52
CA VAL B 557 -45.11 -2.95 1.78
C VAL B 557 -44.82 -1.86 2.82
N ALA B 558 -43.53 -1.56 3.08
CA ALA B 558 -43.09 -0.57 4.06
C ALA B 558 -41.75 0.06 3.72
N GLU B 559 -41.51 1.26 4.27
CA GLU B 559 -40.25 1.99 4.13
C GLU B 559 -39.87 2.66 5.46
N LYS B 560 -38.57 2.57 5.82
CA LYS B 560 -38.01 3.14 7.04
C LYS B 560 -36.81 4.01 6.68
N GLU B 561 -36.92 5.32 6.95
CA GLU B 561 -35.87 6.29 6.66
C GLU B 561 -34.71 6.11 7.64
N VAL B 562 -33.50 5.97 7.11
CA VAL B 562 -32.27 5.83 7.90
C VAL B 562 -31.42 7.07 7.73
N LYS B 563 -30.52 7.35 8.69
CA LYS B 563 -29.65 8.52 8.64
C LYS B 563 -28.28 8.21 8.03
N GLY B 564 -28.26 7.43 6.96
CA GLY B 564 -27.04 7.05 6.25
C GLY B 564 -27.21 6.00 5.17
N ALA B 565 -26.13 5.29 4.85
CA ALA B 565 -26.09 4.26 3.82
C ALA B 565 -26.30 2.85 4.42
N VAL B 566 -27.27 2.08 3.89
CA VAL B 566 -27.53 0.73 4.39
C VAL B 566 -26.55 -0.23 3.68
N TYR B 567 -25.37 -0.42 4.29
CA TYR B 567 -24.29 -1.22 3.72
C TYR B 567 -24.56 -2.72 3.69
N SER B 568 -25.02 -3.28 4.81
CA SER B 568 -25.28 -4.71 4.90
C SER B 568 -26.62 -4.96 5.56
N MET B 569 -27.20 -6.12 5.27
CA MET B 569 -28.49 -6.55 5.80
C MET B 569 -28.47 -8.06 5.91
N VAL B 570 -28.84 -8.59 7.07
CA VAL B 570 -28.89 -10.03 7.32
C VAL B 570 -30.14 -10.32 8.14
N GLU B 571 -30.85 -11.41 7.84
CA GLU B 571 -32.01 -11.83 8.62
C GLU B 571 -31.42 -12.38 9.91
N PHE B 572 -32.02 -12.02 11.05
CA PHE B 572 -31.52 -12.38 12.36
C PHE B 572 -32.64 -12.78 13.31
N ASN B 573 -32.91 -14.09 13.38
CA ASN B 573 -33.91 -14.70 14.25
C ASN B 573 -35.32 -14.06 14.10
N GLY B 574 -35.72 -13.81 12.85
CA GLY B 574 -37.00 -13.21 12.52
C GLY B 574 -36.98 -11.69 12.56
N LYS B 575 -35.79 -11.12 12.79
CA LYS B 575 -35.56 -9.67 12.85
C LYS B 575 -34.63 -9.24 11.71
N LEU B 576 -34.63 -7.95 11.39
CA LEU B 576 -33.79 -7.39 10.34
C LEU B 576 -32.58 -6.67 10.95
N LEU B 577 -31.39 -7.22 10.72
CA LEU B 577 -30.12 -6.68 11.17
C LEU B 577 -29.53 -5.89 10.01
N ALA B 578 -29.24 -4.60 10.23
CA ALA B 578 -28.70 -3.72 9.20
C ALA B 578 -27.54 -2.88 9.68
N SER B 579 -26.60 -2.58 8.78
CA SER B 579 -25.48 -1.71 9.09
C SER B 579 -25.69 -0.40 8.34
N ILE B 580 -25.88 0.70 9.09
CA ILE B 580 -26.10 2.05 8.58
C ILE B 580 -24.84 2.82 8.91
N ASN B 581 -23.96 3.06 7.92
CA ASN B 581 -22.68 3.75 8.11
C ASN B 581 -21.81 3.03 9.18
N SER B 582 -21.65 3.65 10.36
CA SER B 582 -20.88 3.12 11.49
C SER B 582 -21.77 2.43 12.55
N THR B 583 -23.10 2.42 12.34
CA THR B 583 -24.05 1.81 13.23
C THR B 583 -24.45 0.40 12.74
N VAL B 584 -24.58 -0.55 13.68
CA VAL B 584 -25.12 -1.88 13.48
C VAL B 584 -26.44 -1.82 14.25
N ARG B 585 -27.56 -1.92 13.53
CA ARG B 585 -28.90 -1.76 14.10
C ARG B 585 -29.79 -2.98 13.88
N LEU B 586 -30.51 -3.39 14.93
CA LEU B 586 -31.48 -4.49 14.89
C LEU B 586 -32.89 -3.91 14.83
N TYR B 587 -33.74 -4.45 13.93
CA TYR B 587 -35.12 -4.00 13.74
C TYR B 587 -36.10 -5.14 13.99
N GLU B 588 -37.30 -4.79 14.49
CA GLU B 588 -38.37 -5.74 14.70
C GLU B 588 -39.46 -5.44 13.68
N TRP B 589 -40.21 -6.46 13.27
CA TRP B 589 -41.31 -6.32 12.33
C TRP B 589 -42.60 -6.35 13.13
N THR B 590 -43.25 -5.19 13.26
CA THR B 590 -44.48 -5.03 14.05
C THR B 590 -45.70 -5.61 13.32
N THR B 591 -46.83 -5.78 14.07
CA THR B 591 -48.08 -6.30 13.52
C THR B 591 -48.73 -5.27 12.57
N GLU B 592 -48.32 -3.99 12.68
CA GLU B 592 -48.74 -2.86 11.83
C GLU B 592 -47.92 -2.85 10.51
N LYS B 593 -47.03 -3.88 10.34
CA LYS B 593 -46.14 -4.10 9.18
C LYS B 593 -45.19 -2.91 8.98
N GLU B 594 -44.47 -2.57 10.07
CA GLU B 594 -43.47 -1.50 10.14
C GLU B 594 -42.19 -1.98 10.81
N LEU B 595 -41.08 -1.27 10.58
CA LEU B 595 -39.79 -1.60 11.19
C LEU B 595 -39.54 -0.71 12.41
N ARG B 596 -39.27 -1.34 13.55
CA ARG B 596 -39.04 -0.66 14.82
C ARG B 596 -37.66 -0.99 15.35
N THR B 597 -36.86 0.04 15.68
CA THR B 597 -35.51 -0.14 16.20
C THR B 597 -35.51 -0.80 17.58
N GLU B 598 -34.76 -1.91 17.72
CA GLU B 598 -34.63 -2.58 19.01
C GLU B 598 -33.35 -2.07 19.71
N CYS B 599 -32.17 -2.39 19.16
CA CYS B 599 -30.90 -1.96 19.74
C CYS B 599 -29.91 -1.48 18.70
N ASN B 600 -28.83 -0.81 19.17
CA ASN B 600 -27.78 -0.25 18.35
C ASN B 600 -26.39 -0.55 18.90
N HIS B 601 -25.41 -0.62 17.99
CA HIS B 601 -23.98 -0.75 18.26
C HIS B 601 -23.30 0.37 17.45
N TYR B 602 -22.58 1.27 18.12
CA TYR B 602 -22.00 2.47 17.50
C TYR B 602 -20.48 2.44 17.28
N ASN B 603 -19.75 1.51 17.95
CA ASN B 603 -18.30 1.42 17.91
C ASN B 603 -17.73 0.73 16.65
N ASN B 604 -17.94 1.37 15.51
CA ASN B 604 -17.48 0.94 14.19
C ASN B 604 -17.02 2.16 13.40
N ILE B 605 -16.34 1.94 12.27
CA ILE B 605 -15.86 3.03 11.39
C ILE B 605 -16.71 2.98 10.12
N MET B 606 -16.63 1.86 9.38
CA MET B 606 -17.40 1.58 8.18
C MET B 606 -17.82 0.11 8.23
N ALA B 607 -18.98 -0.15 8.85
CA ALA B 607 -19.56 -1.48 9.01
C ALA B 607 -20.13 -1.92 7.64
N LEU B 608 -19.27 -2.55 6.82
CA LEU B 608 -19.67 -2.94 5.47
C LEU B 608 -20.11 -4.38 5.36
N TYR B 609 -19.62 -5.25 6.27
CA TYR B 609 -19.88 -6.70 6.18
C TYR B 609 -20.45 -7.28 7.47
N LEU B 610 -21.55 -8.05 7.34
CA LEU B 610 -22.23 -8.71 8.47
C LEU B 610 -22.54 -10.17 8.18
N LYS B 611 -22.32 -11.05 9.18
CA LYS B 611 -22.59 -12.48 9.13
C LYS B 611 -23.14 -12.92 10.49
N THR B 612 -24.07 -13.89 10.50
CA THR B 612 -24.71 -14.34 11.73
C THR B 612 -24.71 -15.86 11.89
N LYS B 613 -24.64 -16.31 13.15
CA LYS B 613 -24.70 -17.70 13.58
C LYS B 613 -25.27 -17.70 15.00
N GLY B 614 -26.54 -18.07 15.12
CA GLY B 614 -27.27 -18.06 16.38
C GLY B 614 -27.46 -16.62 16.86
N ASP B 615 -27.20 -16.38 18.16
CA ASP B 615 -27.29 -15.02 18.73
C ASP B 615 -26.03 -14.17 18.46
N PHE B 616 -25.03 -14.75 17.75
CA PHE B 616 -23.77 -14.10 17.41
C PHE B 616 -23.76 -13.40 16.06
N ILE B 617 -23.07 -12.26 15.99
CA ILE B 617 -22.93 -11.40 14.82
C ILE B 617 -21.44 -11.13 14.59
N LEU B 618 -20.97 -11.38 13.37
CA LEU B 618 -19.61 -11.07 12.94
C LEU B 618 -19.69 -9.77 12.15
N VAL B 619 -18.99 -8.75 12.64
CA VAL B 619 -18.96 -7.43 12.03
C VAL B 619 -17.61 -7.21 11.40
N GLY B 620 -17.62 -7.02 10.09
CA GLY B 620 -16.45 -6.73 9.30
C GLY B 620 -16.43 -5.24 9.05
N ASP B 621 -15.34 -4.58 9.44
CA ASP B 621 -15.15 -3.16 9.24
C ASP B 621 -14.21 -2.97 8.04
N LEU B 622 -14.43 -1.94 7.21
CA LEU B 622 -13.56 -1.69 6.07
C LEU B 622 -12.14 -1.28 6.48
N MET B 623 -11.99 -0.63 7.64
CA MET B 623 -10.72 -0.09 8.11
C MET B 623 -10.23 -0.63 9.46
N ARG B 624 -11.15 -1.11 10.30
CA ARG B 624 -10.88 -1.56 11.66
C ARG B 624 -11.20 -3.06 11.91
N SER B 625 -10.52 -3.94 11.16
CA SER B 625 -10.56 -5.41 11.23
C SER B 625 -11.97 -6.00 11.41
N VAL B 626 -12.14 -6.97 12.35
CA VAL B 626 -13.41 -7.63 12.67
C VAL B 626 -13.76 -7.59 14.16
N LEU B 627 -15.06 -7.58 14.45
CA LEU B 627 -15.64 -7.51 15.78
C LEU B 627 -16.78 -8.55 15.94
N LEU B 628 -16.85 -9.16 17.13
CA LEU B 628 -17.88 -10.15 17.45
C LEU B 628 -18.90 -9.54 18.43
N LEU B 629 -20.19 -9.51 18.03
CA LEU B 629 -21.28 -9.03 18.87
C LEU B 629 -22.19 -10.19 19.23
N ALA B 630 -22.72 -10.19 20.45
CA ALA B 630 -23.70 -11.18 20.85
C ALA B 630 -24.95 -10.44 21.22
N TYR B 631 -26.08 -10.87 20.65
CA TYR B 631 -27.36 -10.29 21.00
C TYR B 631 -27.84 -11.04 22.24
N LYS B 632 -28.27 -10.27 23.24
CA LYS B 632 -28.76 -10.84 24.51
C LYS B 632 -30.30 -10.80 24.44
N PRO B 633 -30.99 -11.95 24.28
CA PRO B 633 -32.46 -11.91 24.14
C PRO B 633 -33.23 -11.40 25.35
N MET B 634 -32.68 -11.56 26.57
CA MET B 634 -33.33 -11.10 27.80
C MET B 634 -33.28 -9.60 27.99
N GLU B 635 -32.13 -9.00 27.64
CA GLU B 635 -31.88 -7.56 27.75
C GLU B 635 -32.31 -6.81 26.48
N GLY B 636 -32.47 -7.54 25.37
CA GLY B 636 -32.86 -7.01 24.08
C GLY B 636 -31.89 -5.97 23.56
N ASN B 637 -30.58 -6.28 23.69
CA ASN B 637 -29.47 -5.42 23.30
C ASN B 637 -28.21 -6.21 22.90
N PHE B 638 -27.27 -5.57 22.17
CA PHE B 638 -26.02 -6.20 21.73
C PHE B 638 -24.96 -6.10 22.83
N GLU B 639 -23.94 -6.97 22.76
CA GLU B 639 -22.78 -7.00 23.65
C GLU B 639 -21.55 -7.28 22.80
N GLU B 640 -20.52 -6.43 22.90
CA GLU B 640 -19.27 -6.60 22.18
C GLU B 640 -18.49 -7.69 22.91
N ILE B 641 -18.45 -8.91 22.32
CA ILE B 641 -17.75 -10.04 22.94
C ILE B 641 -16.23 -9.90 22.74
N ALA B 642 -15.78 -9.93 21.49
CA ALA B 642 -14.35 -9.90 21.18
C ALA B 642 -14.01 -9.04 19.99
N ARG B 643 -12.76 -8.60 19.92
CA ARG B 643 -12.26 -7.80 18.80
C ARG B 643 -10.95 -8.34 18.28
N ASP B 644 -10.75 -8.25 16.97
CA ASP B 644 -9.47 -8.57 16.36
C ASP B 644 -8.77 -7.22 16.38
N PHE B 645 -7.81 -7.08 17.30
CA PHE B 645 -7.07 -5.83 17.54
C PHE B 645 -6.05 -5.50 16.47
N ASN B 646 -5.75 -6.49 15.57
CA ASN B 646 -4.83 -6.36 14.45
C ASN B 646 -5.42 -5.43 13.39
N PRO B 647 -4.61 -4.53 12.78
CA PRO B 647 -5.15 -3.64 11.74
C PRO B 647 -5.33 -4.37 10.42
N ASN B 648 -6.56 -4.40 9.91
CA ASN B 648 -6.89 -5.04 8.63
C ASN B 648 -7.98 -4.27 7.93
N TRP B 649 -7.78 -4.05 6.63
CA TRP B 649 -8.75 -3.43 5.74
C TRP B 649 -9.41 -4.61 5.05
N MET B 650 -10.66 -4.85 5.42
CA MET B 650 -11.46 -5.99 5.01
C MET B 650 -12.18 -5.84 3.69
N SER B 651 -12.32 -6.97 2.97
CA SER B 651 -13.04 -7.08 1.72
C SER B 651 -14.26 -8.00 1.88
N ALA B 652 -14.17 -8.97 2.80
CA ALA B 652 -15.22 -9.98 3.07
C ALA B 652 -14.95 -10.72 4.37
N VAL B 653 -16.03 -11.17 5.05
CA VAL B 653 -15.99 -11.95 6.29
C VAL B 653 -16.89 -13.19 6.21
N GLU B 654 -16.64 -14.17 7.07
CA GLU B 654 -17.43 -15.40 7.17
C GLU B 654 -17.33 -16.03 8.54
N ILE B 655 -18.42 -16.66 9.02
CA ILE B 655 -18.42 -17.39 10.28
C ILE B 655 -18.18 -18.87 9.94
N LEU B 656 -17.01 -19.41 10.31
CA LEU B 656 -16.66 -20.81 10.07
C LEU B 656 -17.42 -21.70 11.04
N ASP B 657 -17.31 -21.38 12.35
CA ASP B 657 -18.02 -22.00 13.46
C ASP B 657 -18.20 -20.96 14.59
N ASP B 658 -18.86 -21.33 15.71
CA ASP B 658 -19.15 -20.44 16.84
C ASP B 658 -17.97 -19.65 17.40
N ASP B 659 -16.74 -20.20 17.29
CA ASP B 659 -15.53 -19.60 17.85
C ASP B 659 -14.43 -19.25 16.85
N ASN B 660 -14.62 -19.56 15.54
CA ASN B 660 -13.66 -19.27 14.47
C ASN B 660 -14.31 -18.44 13.38
N PHE B 661 -13.60 -17.38 12.94
CA PHE B 661 -14.08 -16.42 11.95
C PHE B 661 -13.05 -16.20 10.86
N LEU B 662 -13.48 -16.29 9.58
CA LEU B 662 -12.64 -16.13 8.39
C LEU B 662 -12.74 -14.72 7.81
N GLY B 663 -11.58 -14.13 7.55
CA GLY B 663 -11.48 -12.79 6.99
C GLY B 663 -10.61 -12.70 5.75
N ALA B 664 -11.03 -11.85 4.80
CA ALA B 664 -10.34 -11.54 3.56
C ALA B 664 -9.97 -10.07 3.61
N GLU B 665 -8.68 -9.78 3.43
CA GLU B 665 -8.13 -8.44 3.56
C GLU B 665 -7.61 -7.87 2.19
N ASN B 666 -7.42 -6.52 2.13
CA ASN B 666 -7.00 -5.73 0.96
C ASN B 666 -5.65 -6.09 0.33
N ALA B 667 -4.75 -6.75 1.10
CA ALA B 667 -3.46 -7.19 0.54
C ALA B 667 -3.50 -8.69 0.11
N PHE B 668 -4.72 -9.15 -0.28
CA PHE B 668 -5.02 -10.49 -0.84
C PHE B 668 -4.62 -11.65 0.08
N ASN B 669 -4.73 -11.43 1.40
CA ASN B 669 -4.45 -12.45 2.41
C ASN B 669 -5.74 -12.92 3.07
N LEU B 670 -5.70 -14.15 3.58
CA LEU B 670 -6.77 -14.78 4.37
C LEU B 670 -6.31 -14.86 5.82
N PHE B 671 -7.24 -14.65 6.74
CA PHE B 671 -6.91 -14.79 8.15
C PHE B 671 -8.08 -15.43 8.91
N VAL B 672 -7.74 -16.12 10.00
CA VAL B 672 -8.71 -16.78 10.87
C VAL B 672 -8.37 -16.39 12.30
N CYS B 673 -9.32 -15.78 13.00
CA CYS B 673 -9.14 -15.42 14.40
C CYS B 673 -10.15 -16.16 15.25
N GLN B 674 -9.73 -16.55 16.47
CA GLN B 674 -10.59 -17.31 17.37
C GLN B 674 -10.71 -16.72 18.77
N LYS B 675 -11.79 -17.07 19.47
CA LYS B 675 -12.03 -16.66 20.86
C LYS B 675 -10.97 -17.35 21.71
N ASP B 676 -10.28 -16.59 22.57
CA ASP B 676 -9.21 -17.10 23.41
C ASP B 676 -9.71 -18.11 24.45
N SER B 677 -9.22 -19.37 24.33
CA SER B 677 -9.57 -20.48 25.20
C SER B 677 -8.80 -20.47 26.52
N ALA B 678 -7.55 -19.96 26.49
CA ALA B 678 -6.68 -19.86 27.67
C ALA B 678 -6.79 -18.48 28.34
N ALA B 679 -7.89 -17.76 28.08
CA ALA B 679 -8.19 -16.43 28.64
C ALA B 679 -8.81 -16.58 30.03
N THR B 680 -8.21 -15.92 31.04
CA THR B 680 -8.70 -15.96 32.42
C THR B 680 -9.52 -14.72 32.78
N THR B 681 -9.03 -13.52 32.41
CA THR B 681 -9.71 -12.25 32.70
C THR B 681 -10.70 -11.88 31.58
N ASP B 682 -11.60 -10.92 31.87
CA ASP B 682 -12.60 -10.40 30.94
C ASP B 682 -11.96 -9.69 29.74
N GLU B 683 -10.80 -9.02 29.97
CA GLU B 683 -10.03 -8.32 28.94
C GLU B 683 -9.44 -9.29 27.93
N GLU B 684 -8.90 -10.43 28.42
CA GLU B 684 -8.31 -11.49 27.60
C GLU B 684 -9.36 -12.24 26.75
N ARG B 685 -10.64 -12.26 27.22
CA ARG B 685 -11.77 -12.90 26.54
CA ARG B 685 -11.78 -12.89 26.55
C ARG B 685 -12.30 -12.00 25.42
N GLN B 686 -11.90 -10.71 25.43
CA GLN B 686 -12.26 -9.68 24.44
C GLN B 686 -11.26 -9.59 23.28
N HIS B 687 -10.22 -10.45 23.31
CA HIS B 687 -9.19 -10.48 22.29
C HIS B 687 -9.33 -11.69 21.36
N LEU B 688 -9.47 -11.44 20.04
CA LEU B 688 -9.56 -12.45 19.01
C LEU B 688 -8.15 -12.73 18.47
N GLN B 689 -7.56 -13.85 18.88
CA GLN B 689 -6.22 -14.25 18.47
C GLN B 689 -6.24 -14.82 17.05
N GLU B 690 -5.46 -14.23 16.13
CA GLU B 690 -5.31 -14.68 14.75
C GLU B 690 -4.49 -15.96 14.76
N VAL B 691 -5.14 -17.09 14.41
CA VAL B 691 -4.52 -18.42 14.43
C VAL B 691 -4.34 -19.00 13.01
N GLY B 692 -4.74 -18.26 12.00
CA GLY B 692 -4.63 -18.66 10.61
C GLY B 692 -4.22 -17.53 9.71
N LEU B 693 -3.08 -17.67 9.01
CA LEU B 693 -2.56 -16.68 8.06
C LEU B 693 -2.17 -17.37 6.74
N PHE B 694 -2.59 -16.79 5.60
CA PHE B 694 -2.33 -17.34 4.27
C PHE B 694 -2.39 -16.26 3.20
N HIS B 695 -1.41 -16.26 2.27
CA HIS B 695 -1.45 -15.32 1.15
C HIS B 695 -2.18 -15.99 0.01
N LEU B 696 -3.45 -15.63 -0.17
CA LEU B 696 -4.28 -16.18 -1.22
C LEU B 696 -3.87 -15.67 -2.62
N GLY B 697 -3.65 -14.38 -2.75
CA GLY B 697 -3.28 -13.75 -4.01
C GLY B 697 -4.48 -13.32 -4.82
N GLU B 698 -5.66 -13.34 -4.22
CA GLU B 698 -6.94 -12.94 -4.82
C GLU B 698 -7.65 -11.96 -3.91
N PHE B 699 -8.49 -11.08 -4.48
CA PHE B 699 -9.31 -10.14 -3.70
C PHE B 699 -10.71 -10.74 -3.66
N VAL B 700 -11.08 -11.29 -2.48
CA VAL B 700 -12.35 -11.95 -2.19
C VAL B 700 -13.44 -10.92 -1.94
N ASN B 701 -14.53 -11.01 -2.71
CA ASN B 701 -15.66 -10.10 -2.57
C ASN B 701 -16.83 -10.76 -1.82
N VAL B 702 -16.89 -12.08 -1.86
CA VAL B 702 -18.02 -12.79 -1.27
C VAL B 702 -17.61 -14.18 -0.79
N PHE B 703 -18.13 -14.57 0.39
CA PHE B 703 -18.01 -15.88 1.02
C PHE B 703 -19.43 -16.50 1.08
N CYS B 704 -19.56 -17.80 0.80
CA CYS B 704 -20.85 -18.51 0.79
C CYS B 704 -20.73 -19.88 1.40
N HIS B 705 -21.66 -20.25 2.30
CA HIS B 705 -21.72 -21.61 2.82
C HIS B 705 -22.37 -22.44 1.74
N GLY B 706 -21.63 -23.42 1.23
CA GLY B 706 -22.14 -24.28 0.17
C GLY B 706 -21.13 -25.18 -0.48
N SER B 707 -21.65 -26.09 -1.32
CA SER B 707 -20.86 -27.04 -2.09
C SER B 707 -21.51 -27.22 -3.46
N LEU B 708 -20.69 -27.56 -4.45
CA LEU B 708 -21.17 -27.80 -5.80
C LEU B 708 -21.28 -29.31 -6.03
N VAL B 709 -20.99 -30.09 -4.97
CA VAL B 709 -20.99 -31.56 -4.86
C VAL B 709 -22.28 -32.02 -4.13
N MET B 710 -22.90 -33.12 -4.62
CA MET B 710 -24.13 -33.73 -4.10
C MET B 710 -24.03 -34.11 -2.60
N GLN B 711 -25.03 -33.64 -1.82
CA GLN B 711 -25.26 -33.82 -0.37
C GLN B 711 -24.58 -35.06 0.26
N ASN B 712 -25.09 -36.26 -0.06
CA ASN B 712 -24.58 -37.53 0.42
C ASN B 712 -24.85 -38.58 -0.66
N LEU B 713 -26.05 -39.22 -0.64
CA LEU B 713 -26.53 -40.24 -1.58
C LEU B 713 -25.39 -41.21 -2.02
N GLY B 714 -24.70 -41.76 -1.02
CA GLY B 714 -23.53 -42.61 -1.18
C GLY B 714 -22.28 -41.78 -0.93
N GLU B 715 -21.85 -41.69 0.35
CA GLU B 715 -20.69 -40.89 0.78
C GLU B 715 -19.95 -41.56 1.96
N THR B 716 -18.64 -41.26 2.08
CA THR B 716 -17.78 -41.79 3.13
C THR B 716 -17.19 -40.68 3.99
N SER B 717 -16.92 -40.98 5.29
CA SER B 717 -16.35 -40.07 6.30
C SER B 717 -15.24 -39.18 5.71
N THR B 718 -15.60 -37.90 5.45
CA THR B 718 -14.72 -36.90 4.84
C THR B 718 -13.57 -36.47 5.76
N PRO B 719 -12.33 -36.27 5.22
CA PRO B 719 -11.21 -35.82 6.08
C PRO B 719 -11.37 -34.37 6.54
N THR B 720 -12.26 -33.62 5.86
CA THR B 720 -12.54 -32.21 6.13
C THR B 720 -14.02 -31.98 6.53
N GLN B 721 -14.25 -30.95 7.37
CA GLN B 721 -15.57 -30.53 7.87
C GLN B 721 -15.83 -29.08 7.43
N GLY B 722 -17.08 -28.76 7.13
CA GLY B 722 -17.47 -27.44 6.68
C GLY B 722 -17.17 -27.22 5.20
N SER B 723 -17.84 -26.23 4.57
CA SER B 723 -17.68 -25.93 3.15
C SER B 723 -18.03 -24.47 2.86
N VAL B 724 -16.99 -23.64 2.62
CA VAL B 724 -17.17 -22.22 2.32
C VAL B 724 -16.60 -21.89 0.93
N LEU B 725 -17.49 -21.51 0.01
CA LEU B 725 -17.13 -21.09 -1.33
C LEU B 725 -16.81 -19.60 -1.31
N PHE B 726 -15.97 -19.14 -2.23
CA PHE B 726 -15.65 -17.72 -2.33
C PHE B 726 -15.45 -17.28 -3.78
N GLY B 727 -15.86 -16.04 -4.07
CA GLY B 727 -15.77 -15.37 -5.35
C GLY B 727 -14.81 -14.20 -5.27
N THR B 728 -13.95 -14.04 -6.29
CA THR B 728 -12.93 -13.01 -6.33
C THR B 728 -13.10 -12.10 -7.55
N VAL B 729 -12.32 -10.99 -7.59
CA VAL B 729 -12.26 -10.00 -8.68
C VAL B 729 -11.74 -10.63 -10.00
N ASN B 730 -10.85 -11.62 -9.92
CA ASN B 730 -10.31 -12.28 -11.09
C ASN B 730 -11.16 -13.40 -11.66
N GLY B 731 -12.32 -13.67 -11.05
CA GLY B 731 -13.21 -14.74 -11.48
C GLY B 731 -12.88 -16.10 -10.90
N MET B 732 -11.93 -16.13 -9.97
CA MET B 732 -11.52 -17.35 -9.29
C MET B 732 -12.57 -17.72 -8.24
N ILE B 733 -12.92 -19.00 -8.19
CA ILE B 733 -13.84 -19.58 -7.23
C ILE B 733 -13.03 -20.61 -6.44
N GLY B 734 -13.06 -20.47 -5.12
CA GLY B 734 -12.34 -21.35 -4.23
C GLY B 734 -13.19 -21.89 -3.09
N LEU B 735 -12.67 -22.92 -2.42
CA LEU B 735 -13.32 -23.54 -1.29
C LEU B 735 -12.42 -23.45 -0.07
N VAL B 736 -13.03 -23.29 1.11
CA VAL B 736 -12.35 -23.30 2.40
C VAL B 736 -13.10 -24.32 3.23
N THR B 737 -12.38 -25.35 3.66
CA THR B 737 -12.93 -26.42 4.48
C THR B 737 -12.02 -26.59 5.69
N SER B 738 -12.62 -26.79 6.87
CA SER B 738 -11.86 -26.97 8.11
C SER B 738 -11.33 -28.38 8.25
N LEU B 739 -10.06 -28.52 8.67
CA LEU B 739 -9.40 -29.80 8.86
C LEU B 739 -9.16 -30.10 10.34
N SER B 740 -8.90 -31.39 10.64
CA SER B 740 -8.56 -31.87 11.98
C SER B 740 -7.08 -31.55 12.22
N GLU B 741 -6.64 -31.47 13.51
CA GLU B 741 -5.23 -31.24 13.87
C GLU B 741 -4.37 -32.38 13.34
N SER B 742 -4.95 -33.60 13.27
CA SER B 742 -4.28 -34.79 12.74
C SER B 742 -4.13 -34.70 11.22
N TRP B 743 -5.21 -34.30 10.49
CA TRP B 743 -5.16 -34.12 9.04
C TRP B 743 -4.24 -32.97 8.64
N TYR B 744 -4.27 -31.85 9.42
CA TYR B 744 -3.42 -30.68 9.20
C TYR B 744 -1.94 -31.02 9.32
N ASN B 745 -1.54 -31.67 10.44
CA ASN B 745 -0.15 -32.08 10.69
C ASN B 745 0.39 -33.04 9.63
N LEU B 746 -0.50 -33.87 9.04
CA LEU B 746 -0.16 -34.83 7.99
C LEU B 746 0.10 -34.08 6.69
N LEU B 747 -0.85 -33.21 6.29
CA LEU B 747 -0.75 -32.44 5.05
C LEU B 747 0.32 -31.35 5.11
N LEU B 748 0.67 -30.84 6.33
CA LEU B 748 1.70 -29.82 6.51
C LEU B 748 3.08 -30.38 6.19
N ASP B 749 3.37 -31.61 6.67
CA ASP B 749 4.63 -32.31 6.41
C ASP B 749 4.67 -32.71 4.93
N MET B 750 3.50 -33.07 4.36
CA MET B 750 3.33 -33.43 2.94
C MET B 750 3.62 -32.22 2.05
N GLN B 751 3.08 -31.03 2.41
CA GLN B 751 3.23 -29.76 1.71
C GLN B 751 4.71 -29.37 1.61
N ASN B 752 5.45 -29.50 2.72
CA ASN B 752 6.89 -29.19 2.80
C ASN B 752 7.74 -30.21 2.04
N ARG B 753 7.30 -31.49 2.03
CA ARG B 753 7.98 -32.58 1.30
C ARG B 753 7.73 -32.49 -0.20
N LEU B 754 6.54 -32.00 -0.61
CA LEU B 754 6.16 -31.80 -2.01
C LEU B 754 6.94 -30.63 -2.61
N ASN B 755 7.31 -29.64 -1.76
CA ASN B 755 8.07 -28.46 -2.17
C ASN B 755 9.54 -28.76 -2.49
N LYS B 756 10.05 -29.88 -1.97
CA LYS B 756 11.42 -30.33 -2.22
C LYS B 756 11.50 -31.02 -3.60
N VAL B 757 10.37 -31.58 -4.08
CA VAL B 757 10.29 -32.30 -5.36
C VAL B 757 9.65 -31.42 -6.46
N ILE B 758 8.52 -30.75 -6.19
CA ILE B 758 7.88 -29.86 -7.16
C ILE B 758 8.70 -28.57 -7.23
N LYS B 759 9.33 -28.34 -8.39
CA LYS B 759 10.17 -27.17 -8.63
C LYS B 759 9.32 -25.94 -8.92
N SER B 760 9.96 -24.74 -8.86
CA SER B 760 9.27 -23.48 -9.05
C SER B 760 9.94 -22.62 -10.12
N VAL B 761 9.12 -22.17 -11.10
CA VAL B 761 9.54 -21.30 -12.20
C VAL B 761 9.87 -19.90 -11.63
N GLY B 762 11.12 -19.47 -11.82
CA GLY B 762 11.63 -18.21 -11.31
C GLY B 762 12.27 -18.33 -9.95
N LYS B 763 12.40 -19.59 -9.48
CA LYS B 763 13.00 -20.00 -8.19
C LYS B 763 12.46 -19.22 -6.99
N ILE B 764 11.11 -19.13 -6.91
CA ILE B 764 10.38 -18.47 -5.84
C ILE B 764 9.95 -19.55 -4.85
N GLU B 765 10.40 -19.46 -3.58
CA GLU B 765 10.06 -20.43 -2.55
C GLU B 765 8.56 -20.36 -2.27
N HIS B 766 7.89 -21.54 -2.23
CA HIS B 766 6.44 -21.62 -2.00
C HIS B 766 6.05 -20.97 -0.67
N SER B 767 6.83 -21.25 0.40
CA SER B 767 6.67 -20.71 1.76
C SER B 767 6.64 -19.18 1.75
N PHE B 768 7.48 -18.55 0.90
CA PHE B 768 7.58 -17.10 0.74
C PHE B 768 6.32 -16.55 0.09
N TRP B 769 5.85 -17.24 -0.97
CA TRP B 769 4.66 -16.89 -1.75
C TRP B 769 3.41 -16.87 -0.90
N ARG B 770 3.24 -17.89 -0.05
CA ARG B 770 2.07 -18.09 0.80
C ARG B 770 2.11 -17.30 2.13
N SER B 771 3.25 -16.70 2.48
CA SER B 771 3.42 -15.91 3.70
C SER B 771 2.52 -14.68 3.73
N PHE B 772 1.91 -14.39 4.89
CA PHE B 772 1.05 -13.24 5.09
C PHE B 772 1.91 -11.99 4.90
N HIS B 773 1.56 -11.14 3.92
CA HIS B 773 2.35 -9.96 3.61
C HIS B 773 1.49 -8.72 3.42
N THR B 774 1.93 -7.63 4.08
CA THR B 774 1.36 -6.29 4.08
C THR B 774 2.52 -5.27 4.11
N GLU B 775 2.21 -3.97 3.91
CA GLU B 775 3.19 -2.88 3.95
C GLU B 775 3.76 -2.70 5.37
N ARG B 776 3.07 -3.29 6.38
CA ARG B 776 3.45 -3.26 7.79
C ARG B 776 4.17 -4.53 8.26
N LYS B 777 3.67 -5.73 7.88
CA LYS B 777 4.27 -6.98 8.35
C LYS B 777 4.35 -8.13 7.33
N THR B 778 5.28 -9.07 7.60
CA THR B 778 5.53 -10.28 6.83
C THR B 778 5.74 -11.44 7.82
N GLU B 779 4.76 -12.35 7.89
CA GLU B 779 4.77 -13.52 8.78
C GLU B 779 4.51 -14.80 7.98
N PRO B 780 5.12 -15.96 8.32
CA PRO B 780 4.87 -17.19 7.52
C PRO B 780 3.43 -17.69 7.55
N ALA B 781 3.06 -18.53 6.58
CA ALA B 781 1.72 -19.11 6.53
C ALA B 781 1.53 -20.15 7.65
N THR B 782 0.41 -20.05 8.37
CA THR B 782 0.05 -20.93 9.49
C THR B 782 -1.45 -21.21 9.49
N GLY B 783 -1.83 -22.42 9.93
CA GLY B 783 -3.22 -22.87 10.03
C GLY B 783 -3.96 -23.01 8.71
N PHE B 784 -3.24 -23.00 7.59
CA PHE B 784 -3.80 -23.12 6.25
C PHE B 784 -2.99 -24.08 5.41
N ILE B 785 -3.67 -24.82 4.51
CA ILE B 785 -3.07 -25.80 3.60
C ILE B 785 -3.43 -25.43 2.17
N ASP B 786 -2.40 -25.30 1.31
CA ASP B 786 -2.57 -24.99 -0.11
C ASP B 786 -3.01 -26.27 -0.82
N GLY B 787 -4.33 -26.36 -1.03
CA GLY B 787 -5.00 -27.50 -1.65
C GLY B 787 -4.58 -27.80 -3.07
N ASP B 788 -4.08 -26.78 -3.79
CA ASP B 788 -3.63 -26.90 -5.18
C ASP B 788 -2.28 -27.58 -5.26
N LEU B 789 -1.39 -27.34 -4.28
CA LEU B 789 -0.07 -27.96 -4.23
C LEU B 789 -0.20 -29.43 -3.82
N ILE B 790 -1.08 -29.73 -2.83
CA ILE B 790 -1.36 -31.09 -2.35
C ILE B 790 -1.96 -31.96 -3.46
N GLU B 791 -2.90 -31.40 -4.24
CA GLU B 791 -3.57 -32.08 -5.36
C GLU B 791 -2.69 -32.28 -6.60
N SER B 792 -1.55 -31.56 -6.69
CA SER B 792 -0.59 -31.68 -7.80
C SER B 792 0.17 -33.01 -7.76
N PHE B 793 0.09 -33.72 -6.61
CA PHE B 793 0.71 -35.04 -6.35
C PHE B 793 0.21 -36.10 -7.34
N LEU B 794 -1.05 -35.97 -7.81
CA LEU B 794 -1.67 -36.89 -8.77
C LEU B 794 -1.15 -36.72 -10.20
N ASP B 795 -0.53 -35.57 -10.50
CA ASP B 795 -0.02 -35.25 -11.83
C ASP B 795 1.47 -35.57 -12.05
N ILE B 796 2.26 -35.69 -10.97
CA ILE B 796 3.69 -36.01 -11.05
C ILE B 796 3.92 -37.51 -11.40
N SER B 797 5.15 -37.86 -11.82
CA SER B 797 5.52 -39.23 -12.18
C SER B 797 5.62 -40.14 -10.94
N ARG B 798 5.34 -41.45 -11.14
CA ARG B 798 5.42 -42.49 -10.10
C ARG B 798 6.80 -42.53 -9.39
N PRO B 799 7.98 -42.47 -10.09
CA PRO B 799 9.26 -42.47 -9.36
C PRO B 799 9.51 -41.22 -8.53
N LYS B 800 8.86 -40.08 -8.87
CA LYS B 800 9.02 -38.82 -8.15
C LYS B 800 8.02 -38.65 -6.99
N MET B 801 7.14 -39.65 -6.77
CA MET B 801 6.18 -39.65 -5.66
C MET B 801 6.87 -40.13 -4.36
N GLN B 802 8.21 -39.99 -4.32
CA GLN B 802 9.12 -40.37 -3.22
C GLN B 802 9.21 -39.32 -2.09
N GLU B 803 8.09 -38.64 -1.79
CA GLU B 803 7.99 -37.65 -0.72
C GLU B 803 7.50 -38.31 0.59
N VAL B 804 7.23 -39.63 0.52
CA VAL B 804 6.72 -40.45 1.63
C VAL B 804 7.86 -41.20 2.34
N VAL B 805 8.04 -40.92 3.65
CA VAL B 805 9.03 -41.56 4.53
C VAL B 805 8.32 -41.88 5.87
N ALA B 806 7.71 -43.09 5.94
CA ALA B 806 6.95 -43.65 7.07
C ALA B 806 5.87 -42.72 7.63
N THR B 821 5.21 -46.64 5.96
CA THR B 821 5.26 -47.08 4.58
C THR B 821 4.12 -46.42 3.77
N ALA B 822 3.12 -47.22 3.31
CA ALA B 822 1.94 -46.81 2.53
C ALA B 822 2.32 -45.93 1.31
N ASP B 823 3.10 -46.52 0.38
CA ASP B 823 3.60 -45.87 -0.84
C ASP B 823 2.49 -45.28 -1.71
N ASP B 824 1.35 -45.99 -1.81
CA ASP B 824 0.20 -45.55 -2.58
C ASP B 824 -0.60 -44.56 -1.73
N LEU B 825 -0.18 -43.28 -1.75
CA LEU B 825 -0.80 -42.19 -1.01
C LEU B 825 -1.97 -41.58 -1.80
N ILE B 826 -2.48 -42.34 -2.81
CA ILE B 826 -3.62 -41.98 -3.66
C ILE B 826 -4.95 -42.24 -2.90
N LYS B 827 -4.88 -42.91 -1.72
CA LYS B 827 -6.02 -43.14 -0.82
C LYS B 827 -6.47 -41.75 -0.27
N VAL B 828 -5.48 -40.88 0.00
CA VAL B 828 -5.64 -39.47 0.39
C VAL B 828 -5.41 -38.72 -0.94
N VAL B 829 -5.56 -37.37 -0.97
CA VAL B 829 -5.39 -36.52 -2.16
C VAL B 829 -6.59 -36.71 -3.11
N GLU B 830 -6.85 -37.96 -3.57
CA GLU B 830 -8.00 -38.30 -4.42
C GLU B 830 -9.29 -38.14 -3.59
N GLU B 831 -9.21 -38.44 -2.28
CA GLU B 831 -10.30 -38.28 -1.33
C GLU B 831 -10.50 -36.77 -1.05
N LEU B 832 -9.44 -35.96 -1.27
CA LEU B 832 -9.47 -34.51 -1.10
C LEU B 832 -10.01 -33.81 -2.36
N THR B 833 -9.78 -34.39 -3.57
CA THR B 833 -10.29 -33.86 -4.85
C THR B 833 -11.82 -34.02 -4.95
N ARG B 834 -12.40 -34.96 -4.15
CA ARG B 834 -13.84 -35.28 -4.07
C ARG B 834 -14.76 -34.08 -3.82
N ILE B 835 -14.23 -32.95 -3.29
CA ILE B 835 -15.00 -31.72 -3.03
C ILE B 835 -15.04 -30.83 -4.28
N HIS B 836 -14.82 -29.51 -4.12
CA HIS B 836 -14.80 -28.50 -5.18
C HIS B 836 -16.21 -28.01 -5.57
N GLY C 1 9.05 37.66 26.20
CA GLY C 1 10.35 38.04 25.65
C GLY C 1 10.30 39.18 24.65
N PRO C 2 11.22 40.18 24.79
CA PRO C 2 11.23 41.36 23.91
C PRO C 2 10.86 41.24 22.42
N MET C 3 11.13 40.13 21.70
CA MET C 3 10.80 40.11 20.27
C MET C 3 10.20 38.81 19.72
N ARG C 4 9.00 38.94 19.13
CA ARG C 4 8.23 37.89 18.45
C ARG C 4 8.47 38.09 16.94
N LEU C 5 8.74 37.00 16.21
CA LEU C 5 9.00 37.08 14.78
C LEU C 5 8.11 36.18 13.98
N TYR C 6 7.57 36.70 12.87
CA TYR C 6 6.76 35.94 11.93
C TYR C 6 7.74 35.28 10.97
N VAL C 7 7.62 33.96 10.82
CA VAL C 7 8.43 33.18 9.89
C VAL C 7 7.44 32.61 8.89
N GLY C 8 7.57 33.04 7.65
CA GLY C 8 6.65 32.61 6.60
C GLY C 8 7.31 32.12 5.35
N SER C 9 6.46 31.74 4.37
CA SER C 9 6.82 31.23 3.04
C SER C 9 7.76 30.01 3.12
N LEU C 10 7.50 29.13 4.10
CA LEU C 10 8.27 27.90 4.33
C LEU C 10 7.73 26.75 3.51
N HIS C 11 8.60 25.80 3.22
CA HIS C 11 8.32 24.54 2.55
C HIS C 11 7.53 23.71 3.58
N PHE C 12 6.47 23.00 3.15
CA PHE C 12 5.60 22.24 4.06
C PHE C 12 6.29 21.08 4.81
N ASN C 13 7.44 20.59 4.31
CA ASN C 13 8.19 19.53 4.99
C ASN C 13 9.11 20.05 6.12
N ILE C 14 9.28 21.39 6.23
CA ILE C 14 10.13 21.98 7.27
C ILE C 14 9.43 21.88 8.60
N THR C 15 10.09 21.20 9.56
CA THR C 15 9.60 20.93 10.90
C THR C 15 9.97 22.03 11.87
N GLU C 16 9.30 22.05 13.04
CA GLU C 16 9.52 22.96 14.16
C GLU C 16 10.97 22.81 14.67
N ASP C 17 11.48 21.57 14.72
CA ASP C 17 12.86 21.25 15.12
C ASP C 17 13.89 21.84 14.16
N MET C 18 13.58 21.86 12.84
CA MET C 18 14.44 22.45 11.79
C MET C 18 14.52 23.96 12.02
N LEU C 19 13.35 24.61 12.25
CA LEU C 19 13.25 26.06 12.55
C LEU C 19 14.03 26.41 13.81
N ARG C 20 14.02 25.53 14.81
CA ARG C 20 14.78 25.71 16.05
C ARG C 20 16.27 25.65 15.74
N GLY C 21 16.69 24.64 14.98
CA GLY C 21 18.08 24.46 14.58
C GLY C 21 18.64 25.63 13.78
N ILE C 22 17.82 26.24 12.93
CA ILE C 22 18.20 27.36 12.07
C ILE C 22 18.18 28.73 12.81
N PHE C 23 17.31 28.91 13.81
CA PHE C 23 17.20 30.19 14.52
C PHE C 23 17.97 30.25 15.86
N GLU C 24 18.04 29.11 16.57
CA GLU C 24 18.71 28.97 17.87
C GLU C 24 20.16 29.48 17.90
N PRO C 25 21.02 29.27 16.86
CA PRO C 25 22.38 29.81 16.94
C PRO C 25 22.47 31.33 17.16
N PHE C 26 21.43 32.09 16.83
CA PHE C 26 21.44 33.54 17.04
C PHE C 26 21.19 33.96 18.50
N GLY C 27 20.54 33.08 19.29
CA GLY C 27 20.24 33.33 20.69
C GLY C 27 19.12 32.50 21.27
N ARG C 28 18.78 32.75 22.54
CA ARG C 28 17.75 32.05 23.30
C ARG C 28 16.34 32.27 22.77
N ILE C 29 15.61 31.17 22.57
CA ILE C 29 14.24 31.15 22.08
C ILE C 29 13.30 30.85 23.26
N GLU C 30 12.31 31.72 23.44
CA GLU C 30 11.30 31.60 24.50
C GLU C 30 10.22 30.60 24.08
N SER C 31 9.80 30.65 22.80
CA SER C 31 8.79 29.76 22.22
C SER C 31 8.86 29.65 20.70
N ILE C 32 8.42 28.51 20.14
CA ILE C 32 8.28 28.25 18.70
C ILE C 32 6.82 27.89 18.46
N GLN C 33 6.21 28.44 17.41
CA GLN C 33 4.82 28.17 17.08
C GLN C 33 4.69 27.84 15.58
N LEU C 34 4.98 26.59 15.17
CA LEU C 34 4.77 26.24 13.77
C LEU C 34 3.29 25.89 13.60
N MET C 35 2.61 26.56 12.67
CA MET C 35 1.19 26.40 12.44
C MET C 35 0.86 25.18 11.58
N MET C 36 0.04 24.27 12.14
CA MET C 36 -0.35 23.03 11.47
C MET C 36 -1.77 23.08 10.95
N ASP C 37 -1.99 22.45 9.78
CA ASP C 37 -3.30 22.34 9.19
C ASP C 37 -3.95 21.12 9.85
N SER C 38 -5.07 21.36 10.56
CA SER C 38 -5.81 20.34 11.32
C SER C 38 -6.27 19.18 10.43
N GLU C 39 -6.84 19.49 9.26
CA GLU C 39 -7.37 18.53 8.28
C GLU C 39 -6.31 17.63 7.59
N THR C 40 -5.02 18.05 7.58
CA THR C 40 -3.95 17.31 6.90
C THR C 40 -2.86 16.77 7.83
N GLY C 41 -2.59 17.50 8.90
CA GLY C 41 -1.56 17.12 9.85
C GLY C 41 -0.19 17.67 9.45
N ARG C 42 -0.13 18.38 8.30
CA ARG C 42 1.09 18.99 7.77
C ARG C 42 1.12 20.50 8.07
N SER C 43 2.28 21.16 7.86
CA SER C 43 2.50 22.58 8.12
C SER C 43 1.69 23.50 7.20
N LYS C 44 1.44 24.74 7.67
CA LYS C 44 0.76 25.77 6.88
C LYS C 44 1.80 26.66 6.17
N GLY C 45 3.09 26.35 6.37
CA GLY C 45 4.22 27.06 5.79
C GLY C 45 4.61 28.34 6.50
N TYR C 46 4.08 28.55 7.72
CA TYR C 46 4.35 29.75 8.51
C TYR C 46 4.25 29.46 10.01
N GLY C 47 4.84 30.35 10.80
CA GLY C 47 4.85 30.26 12.25
C GLY C 47 5.37 31.50 12.95
N PHE C 48 5.61 31.38 14.26
CA PHE C 48 6.09 32.49 15.10
C PHE C 48 7.22 32.05 16.02
N ILE C 49 8.35 32.76 15.97
CA ILE C 49 9.49 32.45 16.81
C ILE C 49 9.76 33.65 17.71
N THR C 50 9.61 33.45 19.04
CA THR C 50 9.83 34.50 20.03
C THR C 50 11.18 34.31 20.71
N PHE C 51 12.09 35.28 20.53
CA PHE C 51 13.40 35.28 21.16
C PHE C 51 13.30 35.91 22.55
N SER C 52 14.28 35.64 23.42
CA SER C 52 14.31 36.22 24.76
C SER C 52 14.93 37.62 24.75
N ASP C 53 15.85 37.89 23.80
CA ASP C 53 16.55 39.16 23.61
C ASP C 53 16.24 39.70 22.20
N SER C 54 15.73 40.94 22.13
CA SER C 54 15.39 41.61 20.86
C SER C 54 16.57 41.72 19.88
N GLU C 55 17.80 41.93 20.39
CA GLU C 55 19.02 42.05 19.57
C GLU C 55 19.37 40.76 18.83
N CYS C 56 19.09 39.59 19.45
CA CYS C 56 19.30 38.25 18.87
C CYS C 56 18.34 38.04 17.71
N ALA C 57 17.08 38.50 17.89
CA ALA C 57 15.99 38.42 16.92
C ALA C 57 16.24 39.29 15.70
N LYS C 58 16.76 40.51 15.92
CA LYS C 58 17.08 41.48 14.86
C LYS C 58 18.19 40.96 13.95
N LYS C 59 19.21 40.32 14.55
CA LYS C 59 20.33 39.69 13.83
C LYS C 59 19.83 38.48 13.06
N ALA C 60 18.91 37.69 13.66
CA ALA C 60 18.28 36.52 13.04
C ALA C 60 17.49 36.94 11.82
N LEU C 61 16.73 38.06 11.94
CA LEU C 61 15.92 38.63 10.87
C LEU C 61 16.82 39.07 9.71
N GLU C 62 17.89 39.82 10.01
CA GLU C 62 18.86 40.34 9.03
C GLU C 62 19.52 39.23 8.18
N GLN C 63 19.96 38.13 8.82
CA GLN C 63 20.64 37.02 8.16
C GLN C 63 19.72 35.99 7.53
N LEU C 64 18.44 35.91 7.96
CA LEU C 64 17.53 34.89 7.44
C LEU C 64 16.44 35.38 6.50
N ASN C 65 16.02 36.66 6.62
CA ASN C 65 14.97 37.22 5.76
C ASN C 65 15.41 37.34 4.30
N GLY C 66 14.61 36.80 3.39
CA GLY C 66 14.85 36.82 1.95
C GLY C 66 15.72 35.71 1.40
N PHE C 67 16.37 34.94 2.27
CA PHE C 67 17.27 33.86 1.88
C PHE C 67 16.56 32.52 1.75
N GLU C 68 17.02 31.70 0.80
CA GLU C 68 16.39 30.42 0.49
C GLU C 68 16.63 29.34 1.51
N LEU C 69 15.59 28.53 1.73
CA LEU C 69 15.55 27.35 2.57
C LEU C 69 14.68 26.39 1.81
N ALA C 70 15.25 25.23 1.42
CA ALA C 70 14.63 24.18 0.61
C ALA C 70 14.08 24.77 -0.72
N GLY C 71 14.90 25.65 -1.33
CA GLY C 71 14.63 26.36 -2.57
C GLY C 71 13.54 27.42 -2.54
N ARG C 72 13.07 27.76 -1.32
CA ARG C 72 11.99 28.71 -1.09
C ARG C 72 12.50 29.91 -0.26
N PRO C 73 12.52 31.16 -0.78
CA PRO C 73 13.00 32.30 0.01
C PRO C 73 12.15 32.55 1.26
N MET C 74 12.79 32.48 2.43
CA MET C 74 12.17 32.64 3.74
C MET C 74 11.77 34.09 3.99
N LYS C 75 10.62 34.30 4.62
CA LYS C 75 10.13 35.64 4.96
C LYS C 75 10.12 35.81 6.48
N VAL C 76 10.95 36.73 7.00
CA VAL C 76 11.07 37.01 8.44
C VAL C 76 10.75 38.49 8.70
N GLY C 77 9.88 38.73 9.67
CA GLY C 77 9.48 40.07 10.06
C GLY C 77 9.01 40.17 11.49
N HIS C 78 9.01 41.40 12.05
CA HIS C 78 8.55 41.68 13.42
C HIS C 78 7.04 41.59 13.48
N VAL C 79 6.50 41.02 14.57
CA VAL C 79 5.05 40.88 14.76
C VAL C 79 4.68 41.12 16.24
N THR C 80 3.55 41.84 16.47
CA THR C 80 3.06 42.18 17.81
C THR C 80 2.42 40.93 18.48
N GLU C 81 1.16 40.61 18.13
CA GLU C 81 0.41 39.46 18.65
C GLU C 81 -0.84 39.22 17.80
N PHE D 3 -6.18 2.86 -47.74
CA PHE D 3 -7.13 2.74 -46.64
C PHE D 3 -6.50 2.30 -45.34
N LEU D 4 -7.23 2.55 -44.24
CA LEU D 4 -6.91 2.18 -42.86
C LEU D 4 -6.38 0.75 -42.74
N LYS D 5 -6.78 -0.14 -43.69
CA LYS D 5 -6.41 -1.55 -43.70
C LYS D 5 -5.52 -1.98 -44.90
N GLY D 6 -4.39 -2.55 -44.52
CA GLY D 6 -3.28 -3.15 -45.27
C GLY D 6 -2.42 -3.72 -44.16
N LEU D 7 -3.11 -4.39 -43.23
CA LEU D 7 -2.68 -4.93 -41.95
C LEU D 7 -1.57 -5.99 -42.00
N PRO D 8 -0.62 -5.94 -41.00
CA PRO D 8 0.50 -6.90 -40.97
C PRO D 8 0.15 -8.38 -41.14
N VAL D 9 0.93 -9.03 -42.03
CA VAL D 9 0.83 -10.44 -42.36
C VAL D 9 2.18 -11.12 -42.02
N TYR D 10 2.22 -11.91 -40.94
CA TYR D 10 3.42 -12.63 -40.52
CA TYR D 10 3.41 -12.64 -40.49
C TYR D 10 3.47 -13.98 -41.21
N ASN D 11 2.29 -14.54 -41.53
CA ASN D 11 2.08 -15.81 -42.21
C ASN D 11 0.62 -15.81 -42.67
N LYS D 12 0.39 -15.90 -44.00
CA LYS D 12 -0.94 -15.93 -44.62
C LYS D 12 -1.81 -17.10 -44.13
N SER D 13 -1.17 -18.22 -43.72
CA SER D 13 -1.82 -19.41 -43.17
C SER D 13 -2.48 -19.20 -41.79
N ASN D 14 -1.92 -18.30 -40.95
CA ASN D 14 -2.44 -18.00 -39.61
C ASN D 14 -3.91 -17.54 -39.60
N PHE D 15 -4.77 -18.29 -38.86
CA PHE D 15 -6.22 -18.13 -38.68
C PHE D 15 -7.08 -18.43 -39.95
N SER D 16 -6.47 -18.94 -41.04
CA SER D 16 -7.17 -19.28 -42.30
C SER D 16 -8.09 -20.52 -42.19
N ARG D 17 -7.83 -21.38 -41.20
CA ARG D 17 -8.56 -22.63 -40.92
C ARG D 17 -9.24 -22.60 -39.53
N PHE D 18 -9.39 -21.41 -38.95
CA PHE D 18 -9.98 -21.23 -37.63
C PHE D 18 -11.50 -21.35 -37.55
N HIS D 19 -11.99 -21.80 -36.35
CA HIS D 19 -13.35 -21.83 -35.81
CA HIS D 19 -13.41 -21.99 -35.96
C HIS D 19 -13.55 -22.85 -34.70
N ALA D 20 -14.66 -22.67 -33.97
CA ALA D 20 -15.12 -23.42 -32.80
C ALA D 20 -16.66 -23.41 -32.90
N ASP D 21 -17.18 -22.43 -33.68
CA ASP D 21 -18.57 -22.08 -34.02
C ASP D 21 -19.61 -22.39 -32.91
N SER D 22 -19.65 -21.50 -31.91
CA SER D 22 -20.57 -21.54 -30.79
C SER D 22 -20.93 -20.12 -30.34
N VAL D 23 -22.19 -19.92 -29.93
CA VAL D 23 -22.71 -18.62 -29.52
C VAL D 23 -22.21 -18.19 -28.12
N CYS D 24 -21.24 -17.25 -28.12
CA CYS D 24 -20.62 -16.58 -26.98
C CYS D 24 -20.28 -17.51 -25.78
N LYS D 25 -19.47 -18.58 -26.01
CA LYS D 25 -19.09 -19.53 -24.96
C LYS D 25 -17.83 -20.34 -25.26
N ALA D 26 -16.85 -20.32 -24.32
CA ALA D 26 -15.58 -21.08 -24.34
C ALA D 26 -14.76 -20.88 -23.05
N SER D 27 -14.96 -21.76 -22.05
CA SER D 27 -14.24 -21.76 -20.77
C SER D 27 -13.14 -22.84 -20.80
N ASN D 28 -12.67 -23.14 -22.02
CA ASN D 28 -11.66 -24.16 -22.26
C ASN D 28 -10.28 -23.74 -21.76
N ARG D 29 -9.79 -24.45 -20.74
CA ARG D 29 -8.44 -24.26 -20.22
C ARG D 29 -7.64 -25.41 -20.80
N ARG D 30 -7.49 -25.35 -22.15
CA ARG D 30 -6.78 -26.32 -22.96
C ARG D 30 -5.29 -26.42 -22.62
N PRO D 31 -4.54 -25.32 -22.25
CA PRO D 31 -3.11 -25.51 -21.96
C PRO D 31 -2.89 -26.44 -20.78
N SER D 32 -2.08 -27.47 -21.02
CA SER D 32 -1.67 -28.48 -20.03
C SER D 32 -0.83 -27.75 -18.97
N VAL D 33 -1.07 -28.00 -17.67
CA VAL D 33 -0.31 -27.30 -16.64
C VAL D 33 1.13 -27.82 -16.59
N TYR D 34 2.09 -26.89 -16.46
CA TYR D 34 3.50 -27.22 -16.39
C TYR D 34 3.84 -27.56 -14.93
N LEU D 35 4.17 -28.82 -14.68
CA LEU D 35 4.51 -29.34 -13.36
C LEU D 35 6.00 -29.75 -13.36
N PRO D 36 6.93 -28.81 -13.04
CA PRO D 36 8.36 -29.17 -13.10
C PRO D 36 8.84 -30.06 -11.97
N THR D 37 9.81 -30.94 -12.30
CA THR D 37 10.43 -31.91 -11.41
C THR D 37 11.95 -31.82 -11.54
N ARG D 38 12.43 -31.60 -12.78
CA ARG D 38 13.85 -31.48 -13.11
C ARG D 38 14.36 -30.07 -12.74
N GLU D 39 15.48 -30.02 -12.00
CA GLU D 39 16.10 -28.75 -11.58
C GLU D 39 17.31 -28.38 -12.44
N TYR D 40 17.24 -27.22 -13.10
CA TYR D 40 18.33 -26.74 -13.94
C TYR D 40 18.95 -25.45 -13.39
N PRO D 41 20.29 -25.40 -13.21
CA PRO D 41 20.92 -24.20 -12.62
C PRO D 41 20.68 -22.87 -13.33
N SER D 42 20.89 -21.77 -12.60
CA SER D 42 20.73 -20.39 -13.08
C SER D 42 22.10 -19.77 -13.34
N GLU D 43 22.24 -19.06 -14.48
CA GLU D 43 23.48 -18.38 -14.85
C GLU D 43 23.76 -17.24 -13.88
N GLN D 44 22.69 -16.51 -13.49
CA GLN D 44 22.80 -15.32 -12.64
C GLN D 44 21.79 -15.25 -11.50
N ILE D 45 22.08 -14.38 -10.52
CA ILE D 45 21.23 -14.08 -9.38
C ILE D 45 21.10 -12.57 -9.31
N ILE D 46 19.87 -12.05 -9.45
CA ILE D 46 19.60 -10.60 -9.40
C ILE D 46 19.77 -10.09 -7.95
N VAL D 47 20.73 -9.16 -7.77
CA VAL D 47 21.12 -8.58 -6.47
C VAL D 47 20.97 -7.05 -6.49
N THR D 48 20.49 -6.47 -5.38
CA THR D 48 20.31 -5.02 -5.24
C THR D 48 21.55 -4.40 -4.57
N GLU D 49 22.02 -3.25 -5.11
CA GLU D 49 23.16 -2.50 -4.56
C GLU D 49 22.76 -1.95 -3.19
N LYS D 50 23.49 -2.39 -2.15
CA LYS D 50 23.26 -2.06 -0.74
C LYS D 50 23.53 -0.60 -0.37
N THR D 51 24.48 0.07 -1.04
CA THR D 51 24.87 1.47 -0.77
C THR D 51 23.72 2.46 -1.04
N ASN D 52 23.47 3.37 -0.08
CA ASN D 52 22.45 4.42 -0.16
C ASN D 52 22.79 5.39 -1.29
N ILE D 53 21.77 5.89 -2.02
CA ILE D 53 21.89 6.79 -3.16
C ILE D 53 22.62 8.11 -2.86
N LEU D 54 22.44 8.65 -1.64
CA LEU D 54 23.11 9.89 -1.21
C LEU D 54 24.56 9.61 -0.94
N LEU D 55 24.83 8.51 -0.22
CA LEU D 55 26.16 8.05 0.16
C LEU D 55 27.00 7.67 -1.06
N ARG D 56 26.34 7.09 -2.09
CA ARG D 56 26.97 6.68 -3.34
C ARG D 56 27.40 7.93 -4.14
N TYR D 57 26.50 8.93 -4.26
CA TYR D 57 26.71 10.19 -4.96
C TYR D 57 27.82 11.02 -4.31
N LEU D 58 27.81 11.18 -2.97
CA LEU D 58 28.82 11.95 -2.24
C LEU D 58 30.19 11.32 -2.33
N HIS D 59 30.27 9.98 -2.37
CA HIS D 59 31.54 9.26 -2.49
C HIS D 59 32.16 9.42 -3.87
N GLN D 60 31.37 9.27 -4.96
CA GLN D 60 31.89 9.41 -6.32
C GLN D 60 32.18 10.86 -6.72
N GLN D 61 31.39 11.83 -6.18
CA GLN D 61 31.57 13.26 -6.47
C GLN D 61 32.88 13.76 -5.85
N TRP D 62 33.27 13.18 -4.69
CA TRP D 62 34.51 13.49 -3.99
C TRP D 62 35.70 12.89 -4.76
N ASP D 63 35.51 11.69 -5.35
CA ASP D 63 36.51 11.02 -6.17
C ASP D 63 36.74 11.76 -7.51
N LYS D 64 35.70 12.46 -8.00
CA LYS D 64 35.77 13.28 -9.20
C LYS D 64 36.60 14.53 -8.91
N LYS D 65 36.38 15.15 -7.71
CA LYS D 65 37.08 16.35 -7.24
C LYS D 65 38.54 16.04 -6.92
N ASN D 66 38.83 14.82 -6.38
CA ASN D 66 40.18 14.36 -6.04
C ASN D 66 41.02 14.09 -7.29
N ALA D 67 40.45 13.40 -8.30
CA ALA D 67 41.12 13.08 -9.57
C ALA D 67 41.41 14.36 -10.37
N ALA D 68 40.61 15.42 -10.12
CA ALA D 68 40.73 16.75 -10.72
C ALA D 68 41.89 17.52 -10.07
N LYS D 69 42.26 17.15 -8.82
CA LYS D 69 43.37 17.72 -8.07
C LYS D 69 44.69 17.01 -8.39
N LYS D 70 44.62 15.70 -8.76
CA LYS D 70 45.77 14.88 -9.16
C LYS D 70 46.25 15.20 -10.61
N ARG D 71 45.83 16.36 -11.10
CA ARG D 71 46.20 16.80 -12.42
C ARG D 71 47.53 17.52 -12.37
N ASP D 72 48.20 17.50 -11.23
CA ASP D 72 49.45 18.24 -11.10
C ASP D 72 50.68 17.70 -11.83
N GLN D 73 51.67 18.59 -11.92
CA GLN D 73 52.95 18.54 -12.67
C GLN D 73 52.53 18.87 -14.09
N GLU D 74 52.22 20.16 -14.25
CA GLU D 74 51.77 20.89 -15.45
C GLU D 74 50.28 20.74 -15.76
N GLN D 75 49.85 21.46 -16.79
CA GLN D 75 48.46 21.49 -17.24
C GLN D 75 47.81 20.12 -17.34
#